data_5DUL
#
_entry.id   5DUL
#
_cell.length_a   121.306
_cell.length_b   121.306
_cell.length_c   86.827
_cell.angle_alpha   90.000
_cell.angle_beta   90.000
_cell.angle_gamma   120.000
#
_symmetry.space_group_name_H-M   'P 32'
#
loop_
_entity.id
_entity.type
_entity.pdbx_description
1 polymer '1-deoxy-D-xylulose 5-phosphate reductoisomerase'
2 non-polymer 'NADPH DIHYDRO-NICOTINAMIDE-ADENINE-DINUCLEOTIDE PHOSPHATE'
3 water water
#
_entity_poly.entity_id   1
_entity_poly.type   'polypeptide(L)'
_entity_poly.pdbx_seq_one_letter_code
;SNAMKQLTILGSTGSIGNSTLSVVRANPELFKVTALVAGRNVREMAQQCLEFSPRYAAMSDEHSAKSLRLLLAEQGSDTE
VYSGETAACELAALDDVDQVMAAIVGIAGLPSTLAAIRAGKQVLLANKESLITCGKLFMDEVKRSRAQLLPIDSEHNAIF
QSLPERIQRQLGYSSLNENGVSRIILTGSGGPFRETPLSQFSDVTPDQACAHPNWSMGRKISVDSATMMNKGLEYIEARW
LFNASAEQIEVVLHPQSVIHSMVRYHDGSILAQMGTPDMRTPIAHAMAYPMRVSSGVAPLDFCKVGALTFTTPDYQRYPC
LKLAIDACNAGQAATTALNAANEISVMAFLDSKIRFTDIEVINRTVVEGLLLSEPTSVEEVLVIDRKARDVAAQVIAKLN
N
;
_entity_poly.pdbx_strand_id   A,B,C,D
#
loop_
_chem_comp.id
_chem_comp.type
_chem_comp.name
_chem_comp.formula
NDP non-polymer 'NADPH DIHYDRO-NICOTINAMIDE-ADENINE-DINUCLEOTIDE PHOSPHATE' 'C21 H30 N7 O17 P3'
#
# COMPACT_ATOMS: atom_id res chain seq x y z
N SER A 1 -12.01 -15.54 -2.22
CA SER A 1 -11.38 -14.37 -1.52
C SER A 1 -12.43 -13.59 -0.71
N ASN A 2 -12.00 -13.12 0.46
CA ASN A 2 -12.85 -12.29 1.31
C ASN A 2 -12.97 -10.87 0.73
N ALA A 3 -12.16 -10.54 -0.28
CA ALA A 3 -12.26 -9.27 -1.01
C ALA A 3 -13.09 -9.35 -2.32
N MET A 4 -14.00 -10.33 -2.39
CA MET A 4 -14.91 -10.48 -3.49
C MET A 4 -15.88 -9.33 -3.48
N LYS A 5 -15.97 -8.61 -4.59
CA LYS A 5 -17.02 -7.66 -4.79
C LYS A 5 -18.14 -8.34 -5.52
N GLN A 6 -19.33 -7.85 -5.28
CA GLN A 6 -20.51 -8.34 -5.95
C GLN A 6 -20.97 -7.36 -7.00
N LEU A 7 -21.45 -7.90 -8.10
CA LEU A 7 -21.72 -7.15 -9.28
C LEU A 7 -23.15 -7.30 -9.66
N THR A 8 -23.75 -6.20 -10.12
CA THR A 8 -24.94 -6.27 -10.95
C THR A 8 -24.50 -5.74 -12.31
N ILE A 9 -24.87 -6.47 -13.36
CA ILE A 9 -24.43 -6.12 -14.72
C ILE A 9 -25.66 -5.93 -15.58
N LEU A 10 -25.86 -4.71 -16.05
CA LEU A 10 -27.06 -4.38 -16.78
C LEU A 10 -26.68 -4.18 -18.25
N GLY A 11 -27.27 -4.98 -19.15
CA GLY A 11 -26.84 -5.07 -20.54
C GLY A 11 -25.87 -6.22 -20.75
N SER A 12 -26.09 -7.30 -20.00
CA SER A 12 -25.13 -8.38 -19.90
C SER A 12 -25.11 -9.33 -21.09
N THR A 13 -25.96 -9.10 -22.08
CA THR A 13 -25.92 -9.91 -23.29
C THR A 13 -25.20 -9.21 -24.43
N GLY A 14 -24.87 -7.92 -24.27
CA GLY A 14 -24.15 -7.15 -25.31
C GLY A 14 -22.63 -7.30 -25.30
N SER A 15 -21.92 -6.49 -26.10
CA SER A 15 -20.46 -6.63 -26.17
C SER A 15 -19.75 -6.15 -24.90
N ILE A 16 -20.13 -4.97 -24.39
CA ILE A 16 -19.58 -4.49 -23.11
C ILE A 16 -19.92 -5.46 -22.00
N GLY A 17 -21.16 -5.93 -21.98
CA GLY A 17 -21.58 -6.93 -20.98
C GLY A 17 -20.68 -8.16 -21.00
N ASN A 18 -20.32 -8.61 -22.20
CA ASN A 18 -19.51 -9.84 -22.32
C ASN A 18 -18.08 -9.58 -21.97
N SER A 19 -17.57 -8.43 -22.40
CA SER A 19 -16.23 -8.06 -21.99
C SER A 19 -16.15 -8.06 -20.46
N THR A 20 -17.23 -7.65 -19.80
CA THR A 20 -17.25 -7.56 -18.34
C THR A 20 -17.21 -8.98 -17.78
N LEU A 21 -17.95 -9.90 -18.38
CA LEU A 21 -17.88 -11.28 -17.89
C LEU A 21 -16.56 -11.96 -18.12
N SER A 22 -15.85 -11.61 -19.19
CA SER A 22 -14.50 -12.15 -19.33
C SER A 22 -13.60 -11.77 -18.13
N VAL A 23 -13.71 -10.50 -17.69
CA VAL A 23 -12.85 -10.01 -16.62
C VAL A 23 -13.21 -10.70 -15.32
N VAL A 24 -14.50 -10.97 -15.14
CA VAL A 24 -14.93 -11.88 -14.05
C VAL A 24 -14.40 -13.32 -14.22
N ARG A 25 -14.41 -13.86 -15.42
CA ARG A 25 -13.83 -15.20 -15.62
C ARG A 25 -12.38 -15.26 -15.16
N ALA A 26 -11.56 -14.28 -15.59
CA ALA A 26 -10.14 -14.22 -15.19
C ALA A 26 -9.90 -14.04 -13.69
N ASN A 27 -10.83 -13.42 -12.98
CA ASN A 27 -10.61 -13.19 -11.57
C ASN A 27 -11.80 -13.70 -10.76
N PRO A 28 -12.00 -15.03 -10.76
CA PRO A 28 -13.22 -15.53 -10.11
C PRO A 28 -13.19 -15.40 -8.59
N GLU A 29 -12.05 -15.04 -8.01
CA GLU A 29 -12.00 -14.81 -6.57
C GLU A 29 -12.27 -13.38 -6.14
N LEU A 30 -12.47 -12.45 -7.08
CA LEU A 30 -12.60 -11.04 -6.69
C LEU A 30 -13.89 -10.41 -7.18
N PHE A 31 -14.53 -11.04 -8.16
CA PHE A 31 -15.85 -10.57 -8.60
C PHE A 31 -16.87 -11.69 -8.56
N LYS A 32 -17.93 -11.47 -7.77
CA LYS A 32 -19.09 -12.37 -7.75
C LYS A 32 -20.20 -11.73 -8.56
N VAL A 33 -20.93 -12.52 -9.33
CA VAL A 33 -22.06 -12.03 -10.10
C VAL A 33 -23.32 -12.31 -9.29
N THR A 34 -24.07 -11.26 -8.98
CA THR A 34 -25.23 -11.32 -8.11
C THR A 34 -26.48 -11.07 -8.93
N ALA A 35 -26.40 -10.15 -9.89
CA ALA A 35 -27.49 -9.92 -10.82
C ALA A 35 -26.99 -9.72 -12.23
N LEU A 36 -27.66 -10.38 -13.15
CA LEU A 36 -27.46 -10.17 -14.58
C LEU A 36 -28.76 -9.63 -15.09
N VAL A 37 -28.70 -8.62 -15.96
CA VAL A 37 -29.90 -8.02 -16.52
C VAL A 37 -29.68 -7.82 -18.01
N ALA A 38 -30.70 -8.13 -18.80
CA ALA A 38 -30.60 -8.01 -20.26
C ALA A 38 -31.94 -7.71 -20.90
N GLY A 39 -31.93 -7.53 -22.23
CA GLY A 39 -33.13 -7.22 -23.00
C GLY A 39 -33.90 -8.47 -23.44
N ARG A 40 -33.64 -8.95 -24.65
CA ARG A 40 -34.39 -10.08 -25.19
C ARG A 40 -33.56 -11.30 -25.68
N ASN A 41 -32.26 -11.31 -25.42
CA ASN A 41 -31.40 -12.41 -25.89
C ASN A 41 -31.45 -13.56 -24.87
N VAL A 42 -32.56 -14.31 -24.91
CA VAL A 42 -32.88 -15.32 -23.89
C VAL A 42 -31.79 -16.42 -23.79
N ARG A 43 -31.31 -16.84 -24.95
CA ARG A 43 -30.24 -17.83 -25.03
C ARG A 43 -28.94 -17.37 -24.34
N GLU A 44 -28.36 -16.27 -24.81
CA GLU A 44 -27.13 -15.75 -24.20
C GLU A 44 -27.22 -15.60 -22.66
N MET A 45 -28.35 -15.13 -22.13
CA MET A 45 -28.44 -14.96 -20.67
C MET A 45 -28.47 -16.31 -19.95
N ALA A 46 -29.12 -17.29 -20.57
CA ALA A 46 -29.18 -18.61 -19.98
C ALA A 46 -27.77 -19.18 -19.78
N GLN A 47 -26.90 -19.00 -20.78
CA GLN A 47 -25.52 -19.49 -20.70
C GLN A 47 -24.79 -18.76 -19.57
N GLN A 48 -24.92 -17.45 -19.53
CA GLN A 48 -24.23 -16.65 -18.52
C GLN A 48 -24.77 -16.96 -17.16
N CYS A 49 -26.09 -17.10 -17.05
CA CYS A 49 -26.68 -17.55 -15.81
C CYS A 49 -26.07 -18.90 -15.43
N LEU A 50 -26.03 -19.84 -16.37
CA LEU A 50 -25.44 -21.15 -16.08
C LEU A 50 -23.95 -21.08 -15.78
N GLU A 51 -23.19 -20.41 -16.65
CA GLU A 51 -21.78 -20.18 -16.37
C GLU A 51 -21.56 -19.55 -15.00
N PHE A 52 -22.30 -18.48 -14.69
CA PHE A 52 -21.94 -17.66 -13.53
C PHE A 52 -22.78 -17.79 -12.26
N SER A 53 -23.89 -18.56 -12.32
CA SER A 53 -24.70 -18.91 -11.14
C SER A 53 -25.20 -17.71 -10.33
N PRO A 54 -25.70 -16.69 -11.03
CA PRO A 54 -26.25 -15.57 -10.26
C PRO A 54 -27.44 -15.95 -9.35
N ARG A 55 -27.75 -15.07 -8.41
CA ARG A 55 -28.88 -15.21 -7.54
C ARG A 55 -30.10 -14.83 -8.34
N TYR A 56 -30.03 -13.66 -8.98
CA TYR A 56 -31.15 -13.11 -9.76
C TYR A 56 -30.78 -12.88 -11.20
N ALA A 57 -31.79 -12.64 -12.01
CA ALA A 57 -31.64 -12.34 -13.43
C ALA A 57 -32.93 -11.68 -13.88
N ALA A 58 -32.87 -10.68 -14.75
CA ALA A 58 -34.08 -10.08 -15.28
C ALA A 58 -33.95 -9.93 -16.78
N MET A 59 -35.09 -9.84 -17.46
CA MET A 59 -35.16 -9.47 -18.87
C MET A 59 -36.12 -8.29 -19.02
N SER A 60 -36.24 -7.71 -20.22
CA SER A 60 -37.18 -6.58 -20.40
C SER A 60 -38.70 -6.94 -20.38
N ASP A 61 -39.08 -8.16 -20.82
CA ASP A 61 -40.50 -8.60 -20.76
C ASP A 61 -40.73 -9.99 -20.14
N GLU A 62 -42.00 -10.35 -19.91
CA GLU A 62 -42.34 -11.59 -19.19
C GLU A 62 -42.30 -12.86 -20.04
N HIS A 63 -42.47 -12.73 -21.35
CA HIS A 63 -42.32 -13.86 -22.27
C HIS A 63 -40.88 -14.34 -22.28
N SER A 64 -39.97 -13.37 -22.40
CA SER A 64 -38.54 -13.58 -22.29
C SER A 64 -38.18 -14.19 -20.93
N ALA A 65 -38.71 -13.63 -19.86
CA ALA A 65 -38.47 -14.17 -18.51
C ALA A 65 -39.09 -15.57 -18.29
N LYS A 66 -40.16 -15.90 -19.04
CA LYS A 66 -40.73 -17.26 -19.01
C LYS A 66 -39.83 -18.32 -19.65
N SER A 67 -39.46 -18.12 -20.91
CA SER A 67 -38.67 -19.13 -21.62
C SER A 67 -37.37 -19.44 -20.91
N LEU A 68 -36.76 -18.39 -20.37
CA LEU A 68 -35.46 -18.49 -19.70
C LEU A 68 -35.51 -19.27 -18.38
N ARG A 69 -36.68 -19.29 -17.74
CA ARG A 69 -36.83 -20.02 -16.48
C ARG A 69 -37.03 -21.53 -16.74
N LEU A 70 -37.58 -21.86 -17.91
CA LEU A 70 -37.61 -23.24 -18.37
C LEU A 70 -36.22 -23.74 -18.68
N LEU A 71 -35.44 -22.93 -19.40
CA LEU A 71 -34.06 -23.30 -19.72
C LEU A 71 -33.21 -23.38 -18.44
N LEU A 72 -33.52 -22.55 -17.45
CA LEU A 72 -32.86 -22.61 -16.13
C LEU A 72 -33.20 -23.89 -15.36
N ALA A 73 -34.48 -24.28 -15.41
CA ALA A 73 -34.97 -25.47 -14.70
C ALA A 73 -34.40 -26.77 -15.26
N GLU A 74 -34.34 -26.87 -16.58
CA GLU A 74 -33.85 -28.08 -17.25
C GLU A 74 -32.39 -28.34 -16.92
N GLN A 75 -31.65 -27.27 -16.67
CA GLN A 75 -30.26 -27.38 -16.25
C GLN A 75 -30.15 -27.32 -14.72
N GLY A 76 -31.25 -26.97 -14.06
CA GLY A 76 -31.34 -27.10 -12.61
C GLY A 76 -30.79 -25.90 -11.89
N SER A 77 -31.31 -24.73 -12.27
CA SER A 77 -30.73 -23.45 -11.84
C SER A 77 -31.52 -22.77 -10.71
N ASP A 78 -30.78 -22.38 -9.68
CA ASP A 78 -31.31 -21.67 -8.54
C ASP A 78 -31.67 -20.21 -8.89
N THR A 79 -31.40 -19.79 -10.13
CA THR A 79 -31.42 -18.36 -10.48
C THR A 79 -32.83 -17.78 -10.67
N GLU A 80 -33.25 -16.93 -9.70
CA GLU A 80 -34.58 -16.29 -9.68
C GLU A 80 -34.82 -15.22 -10.75
N VAL A 81 -35.80 -15.43 -11.63
CA VAL A 81 -36.01 -14.56 -12.79
C VAL A 81 -37.16 -13.55 -12.66
N TYR A 82 -36.91 -12.31 -13.06
CA TYR A 82 -37.93 -11.28 -13.08
C TYR A 82 -37.92 -10.60 -14.45
N SER A 83 -38.78 -9.61 -14.63
CA SER A 83 -38.73 -8.77 -15.83
C SER A 83 -39.26 -7.36 -15.58
N GLY A 84 -39.09 -6.49 -16.57
CA GLY A 84 -39.56 -5.11 -16.48
C GLY A 84 -38.58 -4.16 -15.80
N GLU A 85 -38.71 -2.88 -16.17
CA GLU A 85 -37.91 -1.78 -15.65
C GLU A 85 -37.72 -1.75 -14.12
N THR A 86 -38.78 -2.10 -13.38
CA THR A 86 -38.73 -2.05 -11.91
C THR A 86 -37.81 -3.11 -11.33
N ALA A 87 -37.75 -4.25 -11.99
CA ALA A 87 -36.91 -5.34 -11.55
C ALA A 87 -35.44 -4.94 -11.78
N ALA A 88 -35.18 -4.44 -12.98
CA ALA A 88 -33.88 -3.93 -13.35
C ALA A 88 -33.39 -2.94 -12.33
N CYS A 89 -34.20 -1.94 -12.02
CA CYS A 89 -33.77 -0.91 -11.08
C CYS A 89 -33.48 -1.49 -9.67
N GLU A 90 -34.27 -2.46 -9.21
CA GLU A 90 -34.08 -3.01 -7.86
C GLU A 90 -32.82 -3.87 -7.81
N LEU A 91 -32.67 -4.69 -8.82
CA LEU A 91 -31.41 -5.38 -9.05
C LEU A 91 -30.23 -4.40 -9.13
N ALA A 92 -30.45 -3.25 -9.76
CA ALA A 92 -29.40 -2.23 -9.84
C ALA A 92 -29.21 -1.51 -8.50
N ALA A 93 -30.03 -1.86 -7.50
CA ALA A 93 -29.97 -1.20 -6.21
C ALA A 93 -29.86 -2.13 -4.99
N LEU A 94 -29.63 -3.42 -5.22
CA LEU A 94 -29.51 -4.40 -4.12
C LEU A 94 -28.57 -3.94 -3.04
N ASP A 95 -28.79 -4.35 -1.79
CA ASP A 95 -27.94 -3.87 -0.66
C ASP A 95 -26.53 -4.45 -0.62
N ASP A 96 -26.41 -5.74 -0.85
CA ASP A 96 -25.08 -6.42 -0.85
C ASP A 96 -24.24 -6.27 -2.16
N VAL A 97 -24.88 -5.84 -3.25
CA VAL A 97 -24.14 -5.54 -4.46
C VAL A 97 -23.31 -4.26 -4.31
N ASP A 98 -22.03 -4.35 -4.66
CA ASP A 98 -21.14 -3.21 -4.52
C ASP A 98 -21.03 -2.48 -5.84
N GLN A 99 -20.95 -3.23 -6.92
CA GLN A 99 -20.66 -2.66 -8.23
C GLN A 99 -21.81 -2.88 -9.19
N VAL A 100 -22.09 -1.88 -10.00
CA VAL A 100 -23.10 -1.96 -11.01
C VAL A 100 -22.56 -1.51 -12.35
N MET A 101 -22.54 -2.43 -13.32
CA MET A 101 -22.16 -2.10 -14.71
C MET A 101 -23.38 -1.70 -15.50
N ALA A 102 -23.42 -0.43 -15.88
CA ALA A 102 -24.58 0.14 -16.52
C ALA A 102 -24.34 0.21 -18.02
N ALA A 103 -24.68 -0.89 -18.69
CA ALA A 103 -24.35 -1.11 -20.08
C ALA A 103 -25.57 -1.50 -20.94
N ILE A 104 -26.74 -0.98 -20.57
CA ILE A 104 -27.91 -1.03 -21.46
C ILE A 104 -27.72 0.08 -22.48
N VAL A 105 -28.22 -0.14 -23.70
CA VAL A 105 -28.04 0.82 -24.79
C VAL A 105 -29.27 1.71 -24.90
N GLY A 106 -29.09 2.90 -25.48
CA GLY A 106 -30.22 3.77 -25.78
C GLY A 106 -30.88 4.39 -24.57
N ILE A 107 -31.83 5.28 -24.80
CA ILE A 107 -32.49 5.96 -23.70
C ILE A 107 -33.10 4.97 -22.69
N ALA A 108 -33.37 3.74 -23.15
CA ALA A 108 -33.87 2.70 -22.25
C ALA A 108 -33.00 2.52 -21.00
N GLY A 109 -31.72 2.86 -21.09
CA GLY A 109 -30.78 2.63 -20.01
C GLY A 109 -30.91 3.53 -18.81
N LEU A 110 -31.58 4.67 -18.97
CA LEU A 110 -31.63 5.67 -17.89
C LEU A 110 -32.22 5.16 -16.51
N PRO A 111 -33.44 4.60 -16.50
CA PRO A 111 -33.96 4.26 -15.19
C PRO A 111 -33.00 3.45 -14.30
N SER A 112 -32.50 2.34 -14.84
CA SER A 112 -31.60 1.45 -14.14
C SER A 112 -30.30 2.14 -13.70
N THR A 113 -29.77 2.99 -14.59
CA THR A 113 -28.53 3.71 -14.33
C THR A 113 -28.72 4.71 -13.22
N LEU A 114 -29.88 5.37 -13.22
CA LEU A 114 -30.20 6.34 -12.14
C LEU A 114 -30.41 5.60 -10.81
N ALA A 115 -31.01 4.41 -10.88
CA ALA A 115 -31.20 3.60 -9.68
C ALA A 115 -29.87 3.39 -9.01
N ALA A 116 -28.91 2.94 -9.81
CA ALA A 116 -27.57 2.64 -9.31
C ALA A 116 -26.99 3.86 -8.64
N ILE A 117 -27.07 5.01 -9.31
CA ILE A 117 -26.47 6.21 -8.76
C ILE A 117 -27.15 6.50 -7.45
N ARG A 118 -28.48 6.44 -7.44
CA ARG A 118 -29.26 6.75 -6.24
C ARG A 118 -29.02 5.79 -5.08
N ALA A 119 -28.70 4.56 -5.40
CA ALA A 119 -28.27 3.59 -4.40
C ALA A 119 -26.82 3.76 -3.96
N GLY A 120 -26.12 4.79 -4.48
CA GLY A 120 -24.76 5.12 -4.00
C GLY A 120 -23.64 4.18 -4.43
N LYS A 121 -23.98 3.24 -5.29
CA LYS A 121 -23.05 2.21 -5.72
C LYS A 121 -21.86 2.78 -6.45
N GLN A 122 -20.86 1.94 -6.61
CA GLN A 122 -19.76 2.13 -7.53
C GLN A 122 -20.33 1.80 -8.92
N VAL A 123 -20.49 2.82 -9.76
CA VAL A 123 -21.19 2.67 -11.04
C VAL A 123 -20.24 2.78 -12.22
N LEU A 124 -20.12 1.67 -12.94
CA LEU A 124 -19.29 1.53 -14.18
C LEU A 124 -20.12 1.99 -15.38
N LEU A 125 -19.87 3.19 -15.85
CA LEU A 125 -20.79 3.85 -16.75
C LEU A 125 -20.46 3.59 -18.21
N ALA A 126 -21.26 2.75 -18.87
CA ALA A 126 -21.13 2.55 -20.33
C ALA A 126 -22.10 3.48 -21.08
N ASN A 127 -23.39 3.34 -20.80
CA ASN A 127 -24.43 4.27 -21.32
C ASN A 127 -23.98 5.70 -21.65
N LYS A 128 -23.96 6.03 -22.93
CA LYS A 128 -23.72 7.42 -23.34
C LYS A 128 -24.91 8.36 -23.06
N GLU A 129 -26.13 7.89 -23.26
CA GLU A 129 -27.29 8.78 -23.19
C GLU A 129 -27.47 9.39 -21.80
N SER A 130 -27.14 8.63 -20.77
CA SER A 130 -27.20 9.13 -19.41
C SER A 130 -26.64 10.54 -19.27
N LEU A 131 -25.37 10.70 -19.62
CA LEU A 131 -24.67 11.98 -19.46
C LEU A 131 -25.03 12.95 -20.57
N ILE A 132 -25.31 12.41 -21.74
CA ILE A 132 -25.64 13.22 -22.91
C ILE A 132 -27.02 13.88 -22.77
N THR A 133 -28.00 13.09 -22.38
CA THR A 133 -29.38 13.54 -22.24
C THR A 133 -29.58 14.34 -20.95
N CYS A 134 -29.15 13.80 -19.81
CA CYS A 134 -29.31 14.51 -18.56
C CYS A 134 -28.03 14.59 -17.74
N GLY A 135 -27.12 15.45 -18.19
CA GLY A 135 -25.90 15.67 -17.43
C GLY A 135 -26.25 16.25 -16.06
N LYS A 136 -26.95 17.38 -16.08
CA LYS A 136 -27.39 18.06 -14.87
C LYS A 136 -27.92 17.05 -13.85
N LEU A 137 -28.97 16.29 -14.20
CA LEU A 137 -29.65 15.54 -13.16
C LEU A 137 -28.77 14.42 -12.61
N PHE A 138 -28.05 13.76 -13.51
CA PHE A 138 -27.22 12.63 -13.11
C PHE A 138 -26.08 13.02 -12.19
N MET A 139 -25.41 14.11 -12.53
CA MET A 139 -24.36 14.64 -11.66
C MET A 139 -24.95 15.14 -10.35
N ASP A 140 -26.13 15.78 -10.38
CA ASP A 140 -26.81 16.17 -9.14
C ASP A 140 -27.09 14.95 -8.23
N GLU A 141 -27.37 13.80 -8.84
CA GLU A 141 -27.62 12.61 -8.05
C GLU A 141 -26.33 11.99 -7.59
N VAL A 142 -25.30 12.02 -8.44
CA VAL A 142 -23.96 11.57 -8.06
C VAL A 142 -23.48 12.39 -6.87
N LYS A 143 -23.56 13.71 -6.99
CA LYS A 143 -23.22 14.60 -5.86
C LYS A 143 -23.91 14.14 -4.58
N ARG A 144 -25.24 14.03 -4.62
CA ARG A 144 -26.07 13.79 -3.41
C ARG A 144 -25.97 12.39 -2.75
N SER A 145 -25.86 11.33 -3.56
CA SER A 145 -25.69 9.96 -3.04
C SER A 145 -24.22 9.53 -2.92
N ARG A 146 -23.29 10.40 -3.28
CA ARG A 146 -21.85 10.12 -3.36
C ARG A 146 -21.44 8.81 -4.08
N ALA A 147 -22.15 8.43 -5.14
CA ALA A 147 -21.69 7.30 -5.90
C ALA A 147 -20.31 7.56 -6.56
N GLN A 148 -19.54 6.49 -6.67
CA GLN A 148 -18.29 6.50 -7.39
C GLN A 148 -18.59 6.17 -8.85
N LEU A 149 -18.45 7.16 -9.72
CA LEU A 149 -18.63 7.00 -11.16
C LEU A 149 -17.36 6.58 -11.85
N LEU A 150 -17.43 5.52 -12.64
CA LEU A 150 -16.26 5.02 -13.32
C LEU A 150 -16.56 4.85 -14.83
N PRO A 151 -16.22 5.83 -15.63
CA PRO A 151 -16.42 5.82 -17.10
C PRO A 151 -15.75 4.67 -17.79
N ILE A 152 -16.48 3.93 -18.61
CA ILE A 152 -15.94 2.79 -19.38
C ILE A 152 -15.45 3.18 -20.79
N ASP A 153 -16.04 4.20 -21.40
CA ASP A 153 -15.60 4.60 -22.72
C ASP A 153 -14.14 4.83 -22.57
N SER A 154 -13.42 4.48 -23.63
CA SER A 154 -11.98 4.48 -23.62
C SER A 154 -11.47 5.88 -23.43
N GLU A 155 -12.03 6.84 -24.14
CA GLU A 155 -11.48 8.19 -24.08
C GLU A 155 -11.60 8.66 -22.63
N HIS A 156 -12.80 8.54 -22.10
CA HIS A 156 -13.15 9.02 -20.76
C HIS A 156 -12.45 8.25 -19.65
N ASN A 157 -12.26 6.96 -19.89
CA ASN A 157 -11.46 6.15 -19.00
C ASN A 157 -10.00 6.55 -19.00
N ALA A 158 -9.50 6.91 -20.18
CA ALA A 158 -8.13 7.45 -20.30
C ALA A 158 -7.98 8.67 -19.42
N ILE A 159 -8.90 9.60 -19.56
CA ILE A 159 -8.88 10.85 -18.80
C ILE A 159 -8.98 10.60 -17.27
N PHE A 160 -9.89 9.71 -16.85
CA PHE A 160 -10.02 9.37 -15.42
C PHE A 160 -8.67 8.92 -14.86
N GLN A 161 -7.96 8.05 -15.61
CA GLN A 161 -6.70 7.55 -15.13
C GLN A 161 -5.61 8.61 -15.11
N SER A 162 -5.72 9.63 -15.94
CA SER A 162 -4.71 10.68 -16.01
C SER A 162 -4.98 11.79 -14.98
N LEU A 163 -6.07 11.68 -14.23
CA LEU A 163 -6.44 12.70 -13.21
C LEU A 163 -6.03 12.34 -11.81
N PRO A 164 -5.91 13.36 -10.91
CA PRO A 164 -5.51 13.11 -9.53
C PRO A 164 -6.55 12.26 -8.83
N GLU A 165 -6.11 11.49 -7.86
CA GLU A 165 -7.00 10.62 -7.10
C GLU A 165 -8.12 11.45 -6.48
N ARG A 166 -7.80 12.68 -6.12
CA ARG A 166 -8.81 13.57 -5.50
C ARG A 166 -10.02 13.86 -6.39
N ILE A 167 -9.80 14.02 -7.69
CA ILE A 167 -10.89 14.21 -8.61
C ILE A 167 -11.59 12.87 -8.84
N GLN A 168 -10.83 11.79 -8.89
CA GLN A 168 -11.36 10.48 -9.25
C GLN A 168 -12.40 10.06 -8.25
N ARG A 169 -12.05 10.21 -6.98
CA ARG A 169 -12.94 9.92 -5.85
C ARG A 169 -14.11 10.87 -5.76
N GLN A 170 -14.06 12.01 -6.43
CA GLN A 170 -15.19 12.96 -6.37
C GLN A 170 -15.70 13.31 -7.74
N LEU A 171 -15.70 12.35 -8.63
CA LEU A 171 -15.85 12.62 -10.05
C LEU A 171 -17.15 13.33 -10.35
N GLY A 172 -17.04 14.52 -10.96
CA GLY A 172 -18.20 15.34 -11.32
C GLY A 172 -18.47 16.55 -10.43
N TYR A 173 -18.20 16.42 -9.13
CA TYR A 173 -18.55 17.47 -8.17
C TYR A 173 -17.30 17.95 -7.45
N SER A 174 -16.18 17.87 -8.17
CA SER A 174 -14.90 18.36 -7.68
C SER A 174 -14.34 19.41 -8.62
N SER A 175 -13.42 20.20 -8.10
CA SER A 175 -12.83 21.29 -8.84
C SER A 175 -11.54 20.82 -9.44
N LEU A 176 -11.55 20.75 -10.77
CA LEU A 176 -10.35 20.63 -11.56
C LEU A 176 -9.38 21.68 -11.09
N ASN A 177 -9.74 22.93 -11.25
CA ASN A 177 -8.75 23.97 -11.06
C ASN A 177 -8.04 23.93 -9.71
N GLU A 178 -8.74 23.58 -8.64
CA GLU A 178 -8.10 23.52 -7.34
C GLU A 178 -7.32 22.24 -7.12
N ASN A 179 -7.32 21.34 -8.08
CA ASN A 179 -6.55 20.10 -7.96
C ASN A 179 -5.43 20.01 -8.99
N GLY A 180 -5.06 21.16 -9.53
CA GLY A 180 -3.83 21.27 -10.30
C GLY A 180 -4.07 21.13 -11.77
N VAL A 181 -5.33 20.92 -12.17
CA VAL A 181 -5.63 20.58 -13.55
C VAL A 181 -6.05 21.81 -14.31
N SER A 182 -5.43 21.95 -15.47
CA SER A 182 -5.57 23.13 -16.30
C SER A 182 -6.43 22.84 -17.53
N ARG A 183 -6.36 21.61 -18.03
CA ARG A 183 -7.13 21.24 -19.19
C ARG A 183 -7.13 19.74 -19.36
N ILE A 184 -8.24 19.24 -19.91
CA ILE A 184 -8.37 17.85 -20.32
C ILE A 184 -8.32 17.71 -21.87
N ILE A 185 -7.49 16.79 -22.35
CA ILE A 185 -7.36 16.56 -23.78
C ILE A 185 -8.13 15.30 -24.29
N LEU A 186 -9.32 15.55 -24.80
CA LEU A 186 -10.08 14.56 -25.55
C LEU A 186 -9.41 14.27 -26.89
N THR A 187 -9.01 13.02 -27.10
CA THR A 187 -8.37 12.58 -28.34
C THR A 187 -9.27 11.62 -29.12
N GLY A 188 -9.18 11.62 -30.45
CA GLY A 188 -9.99 10.73 -31.31
C GLY A 188 -9.42 10.57 -32.71
N SER A 189 -9.68 9.43 -33.33
CA SER A 189 -9.09 9.12 -34.64
C SER A 189 -9.49 10.11 -35.74
N GLY A 190 -10.66 10.73 -35.66
CA GLY A 190 -11.14 11.60 -36.73
C GLY A 190 -11.71 10.89 -37.96
N GLY A 191 -11.92 9.56 -37.87
CA GLY A 191 -12.68 8.82 -38.88
C GLY A 191 -11.98 8.57 -40.21
N PRO A 192 -12.53 7.65 -41.04
CA PRO A 192 -11.99 7.28 -42.36
C PRO A 192 -11.72 8.45 -43.32
N PHE A 193 -12.63 9.42 -43.39
CA PHE A 193 -12.46 10.55 -44.32
C PHE A 193 -11.63 11.71 -43.71
N ARG A 194 -10.75 11.37 -42.77
CA ARG A 194 -9.79 12.32 -42.24
C ARG A 194 -8.80 12.67 -43.33
N VAL A 204 -20.08 10.28 -50.21
CA VAL A 204 -20.00 9.08 -49.38
C VAL A 204 -21.27 8.23 -49.53
N THR A 205 -21.11 7.03 -50.10
CA THR A 205 -22.18 6.02 -50.12
C THR A 205 -22.13 5.17 -48.84
N PRO A 206 -23.29 4.65 -48.40
CA PRO A 206 -23.26 3.57 -47.40
C PRO A 206 -22.57 2.31 -47.93
N ILE A 221 -22.78 3.66 -35.68
CA ILE A 221 -21.48 3.88 -35.08
C ILE A 221 -20.44 4.28 -36.14
N SER A 222 -20.61 3.78 -37.36
CA SER A 222 -19.72 4.09 -38.49
C SER A 222 -19.78 5.57 -38.88
N VAL A 223 -21.00 6.08 -38.98
CA VAL A 223 -21.26 7.44 -39.47
C VAL A 223 -20.87 8.46 -38.41
N ASP A 224 -21.23 8.17 -37.17
CA ASP A 224 -20.99 9.07 -36.06
C ASP A 224 -19.51 9.41 -35.93
N SER A 225 -18.65 8.41 -36.07
CA SER A 225 -17.21 8.64 -36.01
C SER A 225 -16.70 9.33 -37.27
N ALA A 226 -17.43 9.14 -38.38
CA ALA A 226 -17.15 9.84 -39.63
C ALA A 226 -17.47 11.35 -39.54
N THR A 227 -18.72 11.71 -39.24
CA THR A 227 -19.08 13.13 -38.99
C THR A 227 -18.44 13.66 -37.70
N MET A 228 -17.95 12.72 -36.89
CA MET A 228 -17.29 12.96 -35.59
C MET A 228 -18.28 13.38 -34.51
N MET A 229 -19.56 13.18 -34.79
CA MET A 229 -20.57 13.34 -33.75
C MET A 229 -20.18 12.52 -32.54
N ASN A 230 -19.80 11.27 -32.77
CA ASN A 230 -19.29 10.40 -31.72
C ASN A 230 -18.35 11.19 -30.82
N LYS A 231 -17.46 12.00 -31.41
CA LYS A 231 -16.55 12.86 -30.62
C LYS A 231 -17.23 14.03 -29.89
N GLY A 232 -18.10 14.75 -30.59
CA GLY A 232 -18.86 15.82 -29.95
C GLY A 232 -19.66 15.29 -28.78
N LEU A 233 -20.28 14.13 -28.97
CA LEU A 233 -21.07 13.52 -27.90
C LEU A 233 -20.18 13.12 -26.73
N GLU A 234 -19.04 12.50 -27.05
CA GLU A 234 -18.00 12.27 -26.04
C GLU A 234 -17.57 13.60 -25.35
N TYR A 235 -17.47 14.68 -26.13
CA TYR A 235 -17.19 16.01 -25.58
C TYR A 235 -18.23 16.35 -24.52
N ILE A 236 -19.48 16.44 -24.93
CA ILE A 236 -20.58 16.74 -24.00
C ILE A 236 -20.43 15.91 -22.74
N GLU A 237 -20.45 14.58 -22.91
CA GLU A 237 -20.22 13.65 -21.79
C GLU A 237 -19.05 14.09 -20.91
N ALA A 238 -17.92 14.41 -21.53
CA ALA A 238 -16.75 14.79 -20.77
C ALA A 238 -16.88 16.11 -19.97
N ARG A 239 -17.63 17.09 -20.49
CA ARG A 239 -17.81 18.35 -19.75
C ARG A 239 -18.47 18.10 -18.38
N TRP A 240 -19.54 17.33 -18.41
CA TRP A 240 -20.30 16.93 -17.19
C TRP A 240 -19.54 15.98 -16.28
N LEU A 241 -18.91 14.98 -16.89
CA LEU A 241 -18.23 13.88 -16.18
C LEU A 241 -17.18 14.46 -15.28
N PHE A 242 -16.37 15.34 -15.87
CA PHE A 242 -15.21 15.89 -15.20
C PHE A 242 -15.43 17.25 -14.64
N ASN A 243 -16.67 17.74 -14.74
CA ASN A 243 -17.01 19.07 -14.19
C ASN A 243 -16.21 20.15 -14.89
N ALA A 244 -16.19 20.09 -16.23
CA ALA A 244 -15.31 20.95 -17.07
C ALA A 244 -16.09 22.08 -17.72
N SER A 245 -15.53 23.29 -17.68
CA SER A 245 -16.04 24.36 -18.55
C SER A 245 -15.50 24.14 -19.98
N ALA A 246 -16.07 24.74 -21.01
CA ALA A 246 -15.50 24.62 -22.38
C ALA A 246 -14.02 25.07 -22.46
N GLU A 247 -13.65 26.01 -21.59
CA GLU A 247 -12.28 26.48 -21.45
C GLU A 247 -11.31 25.37 -21.05
N GLN A 248 -11.74 24.46 -20.16
CA GLN A 248 -10.87 23.39 -19.64
C GLN A 248 -10.91 22.15 -20.55
N ILE A 249 -11.37 22.26 -21.78
CA ILE A 249 -11.36 21.07 -22.63
C ILE A 249 -10.92 21.35 -24.06
N GLU A 250 -9.96 20.55 -24.57
CA GLU A 250 -9.50 20.72 -25.92
C GLU A 250 -9.57 19.40 -26.63
N VAL A 251 -10.02 19.46 -27.89
CA VAL A 251 -10.06 18.27 -28.74
C VAL A 251 -8.84 18.29 -29.64
N VAL A 252 -8.33 17.10 -29.91
CA VAL A 252 -7.08 16.89 -30.63
C VAL A 252 -7.18 15.57 -31.33
N LEU A 253 -6.91 15.58 -32.63
CA LEU A 253 -6.88 14.35 -33.42
C LEU A 253 -5.63 13.58 -33.13
N HIS A 254 -5.75 12.26 -33.10
CA HIS A 254 -4.64 11.39 -32.92
C HIS A 254 -5.00 10.12 -33.66
N PRO A 255 -4.62 10.07 -34.95
CA PRO A 255 -5.07 9.01 -35.87
C PRO A 255 -4.87 7.56 -35.38
N GLN A 256 -3.81 7.31 -34.64
CA GLN A 256 -3.42 5.95 -34.42
C GLN A 256 -4.17 5.36 -33.22
N SER A 257 -4.70 6.22 -32.36
CA SER A 257 -5.52 5.81 -31.20
C SER A 257 -4.79 4.95 -30.18
N VAL A 258 -3.48 5.15 -30.07
CA VAL A 258 -2.67 4.51 -29.04
C VAL A 258 -2.80 5.26 -27.70
N ILE A 259 -2.52 6.57 -27.71
CA ILE A 259 -2.90 7.46 -26.61
C ILE A 259 -4.40 7.64 -26.65
N HIS A 260 -5.04 7.45 -25.50
CA HIS A 260 -6.52 7.43 -25.42
C HIS A 260 -7.08 8.70 -24.87
N SER A 261 -6.29 9.46 -24.14
CA SER A 261 -6.57 10.87 -23.93
C SER A 261 -5.66 11.33 -22.83
N MET A 262 -5.62 12.63 -22.57
CA MET A 262 -4.54 13.20 -21.71
C MET A 262 -5.05 14.27 -20.76
N VAL A 263 -4.27 14.62 -19.75
CA VAL A 263 -4.57 15.72 -18.83
C VAL A 263 -3.38 16.63 -18.73
N ARG A 264 -3.64 17.94 -18.76
CA ARG A 264 -2.63 18.96 -18.61
C ARG A 264 -2.71 19.44 -17.20
N TYR A 265 -1.56 19.56 -16.56
CA TYR A 265 -1.46 20.12 -15.22
C TYR A 265 -0.85 21.51 -15.19
N HIS A 266 -1.07 22.21 -14.08
CA HIS A 266 -0.68 23.64 -13.96
C HIS A 266 0.79 23.94 -14.13
N ASP A 267 1.61 22.91 -14.07
CA ASP A 267 3.04 23.09 -14.09
C ASP A 267 3.64 22.62 -15.42
N GLY A 268 2.79 22.39 -16.41
CA GLY A 268 3.22 21.97 -17.73
C GLY A 268 3.13 20.47 -17.93
N SER A 269 3.14 19.72 -16.84
CA SER A 269 3.05 18.27 -16.90
C SER A 269 1.82 17.85 -17.65
N ILE A 270 1.98 16.83 -18.50
CA ILE A 270 0.85 16.10 -19.07
C ILE A 270 0.90 14.62 -18.75
N LEU A 271 -0.28 14.11 -18.45
CA LEU A 271 -0.46 12.72 -18.18
C LEU A 271 -1.37 12.15 -19.24
N ALA A 272 -1.03 10.97 -19.69
CA ALA A 272 -1.86 10.27 -20.66
C ALA A 272 -1.92 8.82 -20.33
N GLN A 273 -3.01 8.21 -20.73
CA GLN A 273 -3.07 6.77 -20.75
C GLN A 273 -3.00 6.29 -22.20
N MET A 274 -2.31 5.18 -22.40
CA MET A 274 -2.21 4.50 -23.66
C MET A 274 -2.56 3.04 -23.49
N GLY A 275 -2.69 2.35 -24.60
CA GLY A 275 -2.97 0.92 -24.63
C GLY A 275 -3.53 0.51 -25.99
N THR A 276 -4.17 -0.66 -25.99
CA THR A 276 -4.66 -1.30 -27.18
C THR A 276 -6.15 -1.11 -27.26
N PRO A 277 -6.78 -1.52 -28.37
CA PRO A 277 -8.22 -1.29 -28.45
C PRO A 277 -9.07 -2.23 -27.57
N ASP A 278 -8.47 -3.17 -26.90
CA ASP A 278 -9.22 -4.18 -26.13
C ASP A 278 -9.92 -3.57 -24.94
N MET A 279 -11.23 -3.70 -24.92
CA MET A 279 -12.08 -3.02 -23.96
C MET A 279 -11.98 -3.55 -22.56
N ARG A 280 -11.49 -4.77 -22.41
CA ARG A 280 -11.28 -5.30 -21.08
C ARG A 280 -10.23 -4.50 -20.26
N THR A 281 -9.46 -3.62 -20.90
CA THR A 281 -8.50 -2.79 -20.18
C THR A 281 -9.18 -1.73 -19.28
N PRO A 282 -9.97 -0.82 -19.88
CA PRO A 282 -10.76 0.06 -19.05
C PRO A 282 -11.84 -0.61 -18.18
N ILE A 283 -12.43 -1.74 -18.56
CA ILE A 283 -13.50 -2.36 -17.75
C ILE A 283 -12.92 -2.98 -16.48
N ALA A 284 -11.75 -3.60 -16.64
CA ALA A 284 -11.00 -4.11 -15.52
C ALA A 284 -10.36 -3.00 -14.68
N HIS A 285 -10.08 -1.87 -15.28
CA HIS A 285 -9.61 -0.74 -14.48
C HIS A 285 -10.76 -0.37 -13.57
N ALA A 286 -11.95 -0.31 -14.16
CA ALA A 286 -13.13 0.15 -13.46
C ALA A 286 -13.54 -0.83 -12.36
N MET A 287 -13.51 -2.09 -12.69
CA MET A 287 -13.93 -3.10 -11.75
C MET A 287 -13.00 -3.15 -10.55
N ALA A 288 -11.70 -3.05 -10.76
CA ALA A 288 -10.77 -3.24 -9.64
C ALA A 288 -10.57 -1.97 -8.85
N TYR A 289 -10.99 -0.83 -9.41
CA TYR A 289 -10.75 0.46 -8.77
C TYR A 289 -11.03 0.32 -7.29
N PRO A 290 -10.13 0.82 -6.42
CA PRO A 290 -8.88 1.54 -6.73
C PRO A 290 -7.69 0.67 -7.09
N MET A 291 -7.85 -0.64 -7.07
CA MET A 291 -6.70 -1.51 -7.36
C MET A 291 -6.71 -1.91 -8.85
N ARG A 292 -5.88 -2.84 -9.24
CA ARG A 292 -5.80 -3.25 -10.61
C ARG A 292 -5.86 -4.76 -10.68
N VAL A 293 -6.38 -5.33 -11.77
CA VAL A 293 -6.26 -6.78 -12.01
C VAL A 293 -5.76 -7.06 -13.42
N SER A 294 -5.25 -8.29 -13.63
CA SER A 294 -4.90 -8.79 -14.98
C SER A 294 -6.16 -9.04 -15.71
N SER A 295 -6.13 -9.03 -17.03
CA SER A 295 -7.27 -9.59 -17.78
C SER A 295 -6.95 -10.12 -19.16
N GLY A 296 -5.89 -10.91 -19.29
CA GLY A 296 -5.57 -11.55 -20.59
C GLY A 296 -5.30 -10.58 -21.75
N VAL A 297 -5.33 -9.29 -21.47
CA VAL A 297 -5.15 -8.29 -22.49
C VAL A 297 -3.72 -8.44 -22.89
N ALA A 298 -3.44 -8.39 -24.19
CA ALA A 298 -2.06 -8.44 -24.65
C ALA A 298 -1.60 -7.02 -24.44
N PRO A 299 -0.50 -6.83 -23.72
CA PRO A 299 0.00 -5.48 -23.53
C PRO A 299 0.59 -4.85 -24.80
N LEU A 300 0.50 -3.54 -24.88
CA LEU A 300 0.99 -2.79 -26.03
C LEU A 300 2.47 -3.12 -26.30
N ASP A 301 2.83 -3.06 -27.57
CA ASP A 301 4.17 -3.38 -27.98
C ASP A 301 4.57 -2.19 -28.81
N PHE A 302 5.62 -1.54 -28.38
CA PHE A 302 6.11 -0.35 -29.04
C PHE A 302 6.87 -0.65 -30.36
N CYS A 303 7.24 -1.91 -30.53
CA CYS A 303 7.75 -2.37 -31.81
C CYS A 303 6.63 -2.39 -32.87
N LYS A 304 5.38 -2.56 -32.42
CA LYS A 304 4.23 -2.68 -33.32
C LYS A 304 3.44 -1.39 -33.52
N VAL A 305 3.85 -0.35 -32.82
CA VAL A 305 3.24 0.94 -32.99
C VAL A 305 4.13 1.71 -33.94
N GLY A 306 3.52 2.34 -34.92
CA GLY A 306 4.29 3.13 -35.85
C GLY A 306 4.36 4.50 -35.27
N ALA A 307 4.60 5.49 -36.12
CA ALA A 307 4.65 6.89 -35.67
C ALA A 307 3.33 7.30 -35.06
N LEU A 308 3.36 8.35 -34.23
CA LEU A 308 2.19 8.81 -33.48
C LEU A 308 2.00 10.29 -33.68
N THR A 309 0.85 10.68 -34.20
CA THR A 309 0.73 12.01 -34.77
C THR A 309 -0.41 12.75 -34.13
N PHE A 310 -0.34 14.06 -34.24
CA PHE A 310 -1.29 14.94 -33.60
C PHE A 310 -1.53 16.21 -34.39
N THR A 311 -2.79 16.43 -34.68
CA THR A 311 -3.25 17.60 -35.42
C THR A 311 -4.56 18.03 -34.75
N THR A 312 -4.83 19.34 -34.72
CA THR A 312 -6.10 19.84 -34.16
C THR A 312 -7.22 19.54 -35.16
N PRO A 313 -8.49 19.59 -34.70
CA PRO A 313 -9.57 19.23 -35.60
C PRO A 313 -9.94 20.33 -36.62
N ASP A 314 -10.51 19.89 -37.73
CA ASP A 314 -11.00 20.78 -38.77
C ASP A 314 -12.54 20.83 -38.75
N TYR A 315 -13.09 21.90 -38.16
CA TYR A 315 -14.54 22.04 -38.03
C TYR A 315 -15.32 22.03 -39.34
N GLN A 316 -14.65 22.32 -40.45
CA GLN A 316 -15.23 22.22 -41.78
C GLN A 316 -15.36 20.75 -42.19
N ARG A 317 -14.35 19.96 -41.85
CA ARG A 317 -14.36 18.53 -42.10
C ARG A 317 -15.29 17.81 -41.12
N TYR A 318 -15.47 18.41 -39.95
CA TYR A 318 -16.40 17.88 -38.95
C TYR A 318 -17.29 19.03 -38.50
N PRO A 319 -18.38 19.27 -39.22
CA PRO A 319 -19.26 20.37 -38.82
C PRO A 319 -19.82 20.09 -37.44
N CYS A 320 -20.30 18.85 -37.26
CA CYS A 320 -20.92 18.34 -36.05
C CYS A 320 -20.18 18.58 -34.73
N LEU A 321 -18.86 18.58 -34.80
CA LEU A 321 -18.08 18.85 -33.61
C LEU A 321 -18.41 20.24 -33.11
N LYS A 322 -18.36 21.23 -34.00
CA LYS A 322 -18.67 22.60 -33.62
C LYS A 322 -20.08 22.69 -33.06
N LEU A 323 -20.98 21.93 -33.69
CA LEU A 323 -22.35 21.87 -33.22
C LEU A 323 -22.44 21.25 -31.83
N ALA A 324 -21.68 20.20 -31.57
CA ALA A 324 -21.66 19.59 -30.26
C ALA A 324 -21.30 20.62 -29.20
N ILE A 325 -20.30 21.42 -29.51
CA ILE A 325 -19.85 22.45 -28.59
C ILE A 325 -20.99 23.42 -28.32
N ASP A 326 -21.52 24.03 -29.37
CA ASP A 326 -22.57 25.04 -29.20
C ASP A 326 -23.73 24.51 -28.35
N ALA A 327 -24.22 23.32 -28.70
CA ALA A 327 -25.27 22.61 -27.96
C ALA A 327 -24.96 22.49 -26.44
N CYS A 328 -23.73 22.15 -26.13
CA CYS A 328 -23.31 21.95 -24.76
C CYS A 328 -23.36 23.27 -24.01
N ASN A 329 -22.98 24.34 -24.68
CA ASN A 329 -22.98 25.67 -24.08
C ASN A 329 -24.37 26.22 -23.89
N ALA A 330 -25.33 25.66 -24.61
CA ALA A 330 -26.71 26.11 -24.57
C ALA A 330 -27.54 25.40 -23.52
N GLY A 331 -27.26 24.12 -23.24
CA GLY A 331 -27.95 23.41 -22.17
C GLY A 331 -28.38 22.01 -22.56
N GLN A 332 -28.95 21.28 -21.60
CA GLN A 332 -29.33 19.89 -21.86
C GLN A 332 -30.43 19.77 -22.87
N ALA A 333 -31.33 20.74 -22.87
CA ALA A 333 -32.40 20.71 -23.85
C ALA A 333 -31.80 20.60 -25.24
N ALA A 334 -30.86 21.52 -25.56
CA ALA A 334 -30.17 21.52 -26.85
C ALA A 334 -29.40 20.23 -27.14
N THR A 335 -28.65 19.74 -26.17
CA THR A 335 -27.82 18.56 -26.40
C THR A 335 -28.70 17.34 -26.55
N THR A 336 -29.68 17.23 -25.68
CA THR A 336 -30.70 16.18 -25.80
C THR A 336 -31.32 16.18 -27.19
N ALA A 337 -31.60 17.39 -27.69
CA ALA A 337 -32.11 17.58 -29.04
C ALA A 337 -31.16 16.97 -30.06
N LEU A 338 -29.93 17.45 -30.06
CA LEU A 338 -28.92 17.04 -31.02
C LEU A 338 -28.82 15.52 -31.18
N ASN A 339 -28.57 14.85 -30.08
CA ASN A 339 -28.46 13.40 -30.10
C ASN A 339 -29.64 12.84 -30.87
N ALA A 340 -30.84 13.14 -30.39
CA ALA A 340 -32.04 12.54 -30.94
C ALA A 340 -32.14 12.87 -32.43
N ALA A 341 -31.85 14.11 -32.79
CA ALA A 341 -31.87 14.54 -34.19
C ALA A 341 -30.96 13.69 -35.03
N ASN A 342 -29.75 13.51 -34.52
CA ASN A 342 -28.72 12.77 -35.21
C ASN A 342 -29.13 11.34 -35.48
N GLU A 343 -29.78 10.69 -34.51
CA GLU A 343 -30.24 9.31 -34.67
C GLU A 343 -31.09 9.15 -35.93
N ILE A 344 -32.05 10.07 -36.08
CA ILE A 344 -32.97 10.05 -37.20
C ILE A 344 -32.19 10.44 -38.44
N SER A 345 -31.48 11.56 -38.34
CA SER A 345 -30.70 12.12 -39.44
C SER A 345 -29.69 11.12 -40.02
N VAL A 346 -29.08 10.31 -39.17
CA VAL A 346 -28.14 9.29 -39.61
C VAL A 346 -28.87 8.11 -40.25
N MET A 347 -29.80 7.51 -39.51
CA MET A 347 -30.53 6.33 -39.98
C MET A 347 -31.01 6.57 -41.39
N ALA A 348 -31.51 7.79 -41.63
CA ALA A 348 -31.96 8.22 -42.94
C ALA A 348 -30.86 8.20 -44.03
N PHE A 349 -29.71 8.82 -43.78
CA PHE A 349 -28.60 8.83 -44.76
C PHE A 349 -28.28 7.41 -45.23
N LEU A 350 -28.22 6.48 -44.28
CA LEU A 350 -27.84 5.09 -44.55
C LEU A 350 -28.90 4.32 -45.32
N ASP A 351 -30.17 4.67 -45.11
CA ASP A 351 -31.27 4.12 -45.92
C ASP A 351 -31.35 4.82 -47.29
N SER A 352 -30.19 5.22 -47.83
CA SER A 352 -30.10 5.94 -49.11
C SER A 352 -31.21 6.97 -49.31
N LYS A 353 -31.48 7.76 -48.26
CA LYS A 353 -32.56 8.73 -48.29
C LYS A 353 -32.08 10.17 -48.39
N ILE A 354 -30.91 10.46 -47.85
CA ILE A 354 -30.31 11.79 -47.95
C ILE A 354 -28.81 11.61 -48.07
N ARG A 355 -28.07 12.72 -48.17
CA ARG A 355 -26.63 12.68 -48.42
C ARG A 355 -25.82 12.90 -47.15
N PHE A 356 -24.62 12.33 -47.12
CA PHE A 356 -23.75 12.39 -45.95
C PHE A 356 -23.52 13.82 -45.46
N THR A 357 -23.29 14.73 -46.41
CA THR A 357 -23.05 16.15 -46.13
C THR A 357 -24.22 16.89 -45.47
N ASP A 358 -25.43 16.33 -45.61
CA ASP A 358 -26.67 16.94 -45.07
C ASP A 358 -26.75 16.85 -43.55
N ILE A 359 -26.20 15.78 -43.00
CA ILE A 359 -26.40 15.39 -41.62
C ILE A 359 -26.24 16.56 -40.63
N GLU A 360 -25.20 17.38 -40.79
CA GLU A 360 -25.06 18.53 -39.89
C GLU A 360 -26.12 19.57 -40.11
N VAL A 361 -26.54 19.77 -41.36
CA VAL A 361 -27.50 20.85 -41.66
C VAL A 361 -28.88 20.49 -41.10
N ILE A 362 -29.34 19.25 -41.34
CA ILE A 362 -30.52 18.77 -40.67
C ILE A 362 -30.33 19.02 -39.15
N ASN A 363 -29.32 18.37 -38.58
CA ASN A 363 -29.09 18.46 -37.14
C ASN A 363 -29.04 19.90 -36.59
N ARG A 364 -28.37 20.83 -37.27
CA ARG A 364 -28.38 22.20 -36.74
C ARG A 364 -29.75 22.83 -36.88
N THR A 365 -30.41 22.61 -38.01
CA THR A 365 -31.73 23.18 -38.23
C THR A 365 -32.67 22.82 -37.09
N VAL A 366 -32.69 21.54 -36.76
CA VAL A 366 -33.52 21.01 -35.67
C VAL A 366 -33.20 21.73 -34.38
N VAL A 367 -31.95 21.67 -33.95
CA VAL A 367 -31.56 22.15 -32.61
C VAL A 367 -31.91 23.63 -32.43
N GLU A 368 -31.76 24.41 -33.50
CA GLU A 368 -32.02 25.86 -33.48
C GLU A 368 -33.46 26.22 -33.81
N GLY A 369 -34.26 25.24 -34.21
CA GLY A 369 -35.67 25.43 -34.52
C GLY A 369 -36.65 25.21 -33.37
N LEU A 370 -36.20 24.57 -32.27
CA LEU A 370 -37.08 24.28 -31.15
C LEU A 370 -37.06 25.38 -30.06
N LEU A 371 -38.24 25.68 -29.51
CA LEU A 371 -38.40 26.56 -28.34
C LEU A 371 -38.46 25.63 -27.14
N LEU A 372 -37.42 25.62 -26.31
CA LEU A 372 -37.30 24.56 -25.30
C LEU A 372 -37.17 25.00 -23.84
N SER A 373 -37.51 24.06 -22.97
CA SER A 373 -37.30 24.24 -21.55
C SER A 373 -36.23 23.24 -21.12
N GLU A 374 -35.33 23.65 -20.23
CA GLU A 374 -34.37 22.72 -19.65
C GLU A 374 -35.14 21.60 -18.96
N PRO A 375 -34.82 20.34 -19.26
CA PRO A 375 -35.49 19.24 -18.59
C PRO A 375 -35.10 19.14 -17.13
N THR A 376 -35.96 18.56 -16.31
CA THR A 376 -35.68 18.39 -14.88
C THR A 376 -36.07 17.02 -14.35
N SER A 377 -36.05 16.01 -15.22
CA SER A 377 -36.31 14.61 -14.87
C SER A 377 -36.04 13.84 -16.14
N VAL A 378 -35.83 12.54 -16.03
CA VAL A 378 -35.80 11.67 -17.20
C VAL A 378 -37.07 11.89 -18.02
N GLU A 379 -38.21 11.88 -17.34
CA GLU A 379 -39.48 11.99 -18.03
C GLU A 379 -39.47 13.17 -18.99
N GLU A 380 -39.14 14.35 -18.46
CA GLU A 380 -39.08 15.57 -19.29
C GLU A 380 -38.10 15.43 -20.43
N VAL A 381 -36.90 14.98 -20.10
CA VAL A 381 -35.87 14.74 -21.09
C VAL A 381 -36.45 13.97 -22.25
N LEU A 382 -37.06 12.82 -21.96
CA LEU A 382 -37.57 11.90 -23.00
C LEU A 382 -38.55 12.56 -23.96
N VAL A 383 -39.32 13.51 -23.45
CA VAL A 383 -40.30 14.19 -24.29
C VAL A 383 -39.59 15.04 -25.35
N ILE A 384 -38.47 15.64 -24.97
CA ILE A 384 -37.65 16.40 -25.93
C ILE A 384 -37.02 15.47 -26.95
N ASP A 385 -36.72 14.24 -26.54
CA ASP A 385 -36.17 13.27 -27.45
C ASP A 385 -37.20 12.93 -28.52
N ARG A 386 -38.43 12.61 -28.12
CA ARG A 386 -39.47 12.37 -29.11
C ARG A 386 -39.68 13.59 -29.99
N LYS A 387 -39.87 14.77 -29.39
CA LYS A 387 -40.12 15.99 -30.15
C LYS A 387 -39.09 16.19 -31.25
N ALA A 388 -37.83 16.27 -30.87
CA ALA A 388 -36.75 16.49 -31.83
C ALA A 388 -36.73 15.43 -32.93
N ARG A 389 -37.04 14.19 -32.56
CA ARG A 389 -37.07 13.10 -33.56
C ARG A 389 -38.13 13.38 -34.62
N ASP A 390 -39.32 13.72 -34.16
CA ASP A 390 -40.41 14.05 -35.06
C ASP A 390 -39.98 15.18 -35.99
N VAL A 391 -39.40 16.22 -35.41
CA VAL A 391 -39.02 17.39 -36.18
C VAL A 391 -38.00 17.02 -37.26
N ALA A 392 -36.98 16.25 -36.90
CA ALA A 392 -35.94 15.91 -37.86
C ALA A 392 -36.51 15.11 -39.02
N ALA A 393 -37.49 14.26 -38.72
CA ALA A 393 -38.21 13.51 -39.74
C ALA A 393 -38.83 14.45 -40.79
N GLN A 394 -39.50 15.48 -40.30
CA GLN A 394 -40.12 16.47 -41.19
C GLN A 394 -39.09 17.18 -42.05
N VAL A 395 -38.05 17.70 -41.42
CA VAL A 395 -37.00 18.41 -42.14
C VAL A 395 -36.51 17.53 -43.29
N ILE A 396 -36.49 16.21 -43.07
CA ILE A 396 -36.06 15.25 -44.09
C ILE A 396 -36.95 15.25 -45.32
N ALA A 397 -38.27 15.13 -45.11
CA ALA A 397 -39.21 15.24 -46.23
C ALA A 397 -38.84 16.35 -47.24
N LYS A 398 -38.44 17.53 -46.74
CA LYS A 398 -38.00 18.65 -47.60
C LYS A 398 -36.70 18.35 -48.34
N MET B 4 3.07 27.43 6.33
CA MET B 4 3.61 27.04 4.99
C MET B 4 4.94 26.25 5.06
N LYS B 5 5.58 26.05 3.91
CA LYS B 5 6.64 25.07 3.76
C LYS B 5 8.03 25.64 3.95
N GLN B 6 8.88 24.88 4.62
CA GLN B 6 10.17 25.33 5.10
C GLN B 6 11.22 24.50 4.40
N LEU B 7 12.22 25.15 3.83
CA LEU B 7 13.18 24.46 3.00
C LEU B 7 14.58 24.53 3.51
N THR B 8 15.29 23.43 3.35
CA THR B 8 16.75 23.45 3.29
C THR B 8 17.13 23.07 1.88
N ILE B 9 17.99 23.85 1.25
CA ILE B 9 18.44 23.57 -0.11
C ILE B 9 19.89 23.21 -0.02
N LEU B 10 20.18 21.97 -0.36
CA LEU B 10 21.54 21.50 -0.32
C LEU B 10 22.09 21.64 -1.71
N GLY B 11 23.18 22.38 -1.88
CA GLY B 11 23.68 22.71 -3.22
C GLY B 11 22.87 23.79 -3.89
N SER B 12 22.81 24.96 -3.28
CA SER B 12 21.87 25.99 -3.75
C SER B 12 22.45 26.84 -4.83
N THR B 13 23.78 26.95 -4.88
CA THR B 13 24.43 27.90 -5.78
C THR B 13 24.54 27.40 -7.23
N GLY B 14 24.31 26.10 -7.42
CA GLY B 14 24.41 25.50 -8.75
C GLY B 14 23.13 25.51 -9.56
N SER B 15 23.12 24.68 -10.56
CA SER B 15 22.04 24.71 -11.54
C SER B 15 20.69 24.33 -10.95
N ILE B 16 20.60 23.18 -10.29
CA ILE B 16 19.31 22.76 -9.68
C ILE B 16 18.96 23.60 -8.51
N GLY B 17 19.94 23.90 -7.68
CA GLY B 17 19.83 24.90 -6.61
C GLY B 17 19.07 26.13 -7.04
N ASN B 18 19.45 26.67 -8.19
CA ASN B 18 18.82 27.90 -8.68
C ASN B 18 17.44 27.73 -9.28
N SER B 19 17.18 26.67 -10.03
CA SER B 19 15.81 26.40 -10.49
C SER B 19 14.88 26.27 -9.28
N THR B 20 15.40 25.68 -8.20
CA THR B 20 14.60 25.47 -7.01
C THR B 20 14.25 26.79 -6.37
N LEU B 21 15.26 27.63 -6.23
CA LEU B 21 15.02 28.97 -5.73
C LEU B 21 14.07 29.72 -6.61
N SER B 22 14.10 29.46 -7.91
CA SER B 22 13.17 30.14 -8.83
C SER B 22 11.70 29.76 -8.54
N VAL B 23 11.47 28.51 -8.20
CA VAL B 23 10.11 28.10 -7.87
C VAL B 23 9.64 28.86 -6.61
N VAL B 24 10.55 29.03 -5.65
CA VAL B 24 10.31 29.84 -4.45
C VAL B 24 10.04 31.32 -4.74
N ARG B 25 10.84 31.89 -5.64
CA ARG B 25 10.71 33.31 -6.01
C ARG B 25 9.35 33.62 -6.62
N ALA B 26 8.74 32.59 -7.23
CA ALA B 26 7.42 32.69 -7.88
C ALA B 26 6.29 32.11 -7.03
N ASN B 27 6.57 31.74 -5.79
CA ASN B 27 5.50 31.29 -4.89
C ASN B 27 5.83 31.68 -3.47
N PRO B 28 6.18 32.97 -3.26
CA PRO B 28 6.66 33.47 -1.98
C PRO B 28 5.74 33.06 -0.84
N GLU B 29 4.45 32.98 -1.13
CA GLU B 29 3.47 32.64 -0.10
C GLU B 29 3.53 31.19 0.36
N LEU B 30 4.01 30.29 -0.49
CA LEU B 30 4.00 28.84 -0.19
C LEU B 30 5.31 28.31 0.39
N PHE B 31 6.44 28.84 -0.08
CA PHE B 31 7.76 28.31 0.29
C PHE B 31 8.61 29.32 1.01
N LYS B 32 9.28 28.85 2.06
CA LYS B 32 10.08 29.69 2.95
C LYS B 32 11.42 29.02 3.09
N VAL B 33 12.48 29.81 2.93
CA VAL B 33 13.83 29.28 2.94
C VAL B 33 14.42 29.44 4.32
N THR B 34 14.65 28.30 4.96
CA THR B 34 15.21 28.21 6.31
C THR B 34 16.71 28.05 6.31
N ALA B 35 17.21 27.15 5.47
CA ALA B 35 18.66 26.89 5.41
C ALA B 35 19.16 26.80 3.96
N LEU B 36 20.37 27.31 3.72
CA LEU B 36 21.02 27.30 2.40
C LEU B 36 22.41 26.74 2.58
N VAL B 37 22.75 25.74 1.77
CA VAL B 37 24.07 25.12 1.79
C VAL B 37 24.67 25.06 0.37
N ALA B 38 25.97 25.39 0.29
CA ALA B 38 26.74 25.30 -0.95
C ALA B 38 28.22 25.09 -0.71
N GLY B 39 29.00 24.95 -1.79
CA GLY B 39 30.42 24.66 -1.67
C GLY B 39 31.28 25.89 -1.42
N ARG B 40 31.78 26.47 -2.52
CA ARG B 40 32.74 27.58 -2.45
C ARG B 40 32.36 28.82 -3.27
N ASN B 41 31.14 28.87 -3.78
CA ASN B 41 30.71 30.06 -4.51
C ASN B 41 30.04 31.08 -3.58
N VAL B 42 30.87 31.67 -2.73
CA VAL B 42 30.47 32.82 -1.91
C VAL B 42 29.54 33.81 -2.63
N ARG B 43 29.94 34.30 -3.79
CA ARG B 43 29.23 35.42 -4.41
C ARG B 43 27.77 35.04 -4.73
N GLU B 44 27.56 33.91 -5.37
CA GLU B 44 26.21 33.46 -5.61
C GLU B 44 25.49 33.16 -4.30
N MET B 45 26.20 32.61 -3.32
CA MET B 45 25.56 32.35 -2.03
C MET B 45 25.14 33.63 -1.29
N ALA B 46 25.95 34.68 -1.34
CA ALA B 46 25.59 35.90 -0.63
C ALA B 46 24.30 36.46 -1.20
N GLN B 47 24.26 36.54 -2.52
CA GLN B 47 23.12 37.16 -3.22
C GLN B 47 21.84 36.35 -3.06
N GLN B 48 21.98 35.05 -2.90
CA GLN B 48 20.85 34.22 -2.49
C GLN B 48 20.45 34.53 -1.05
N CYS B 49 21.41 34.52 -0.15
CA CYS B 49 21.11 34.78 1.27
C CYS B 49 20.45 36.13 1.55
N LEU B 50 20.75 37.12 0.71
CA LEU B 50 20.14 38.43 0.86
C LEU B 50 18.73 38.42 0.30
N GLU B 51 18.56 37.83 -0.89
CA GLU B 51 17.23 37.78 -1.53
C GLU B 51 16.21 36.95 -0.76
N PHE B 52 16.64 35.83 -0.20
CA PHE B 52 15.74 34.83 0.38
C PHE B 52 15.80 34.79 1.90
N SER B 53 16.73 35.51 2.50
CA SER B 53 16.75 35.79 3.95
C SER B 53 16.65 34.54 4.79
N PRO B 54 17.53 33.58 4.56
CA PRO B 54 17.40 32.39 5.39
C PRO B 54 17.85 32.69 6.80
N ARG B 55 17.60 31.76 7.70
CA ARG B 55 18.07 31.84 9.06
C ARG B 55 19.54 31.48 9.04
N TYR B 56 19.87 30.30 8.48
CA TYR B 56 21.23 29.77 8.46
C TYR B 56 21.78 29.60 7.03
N ALA B 57 23.11 29.54 6.94
CA ALA B 57 23.76 29.12 5.69
C ALA B 57 25.02 28.40 6.04
N ALA B 58 25.46 27.51 5.16
CA ALA B 58 26.74 26.80 5.31
C ALA B 58 27.51 26.67 4.00
N MET B 59 28.85 26.77 4.08
CA MET B 59 29.76 26.49 2.95
C MET B 59 30.64 25.28 3.29
N SER B 60 31.22 24.60 2.30
CA SER B 60 31.89 23.32 2.60
C SER B 60 33.09 23.49 3.54
N ASP B 61 33.79 24.61 3.40
CA ASP B 61 35.02 24.88 4.17
C ASP B 61 34.94 26.19 4.97
N GLU B 62 35.90 26.36 5.87
CA GLU B 62 35.93 27.52 6.72
C GLU B 62 36.24 28.80 5.95
N HIS B 63 37.16 28.74 4.98
CA HIS B 63 37.55 29.96 4.26
C HIS B 63 36.37 30.57 3.50
N SER B 64 35.60 29.73 2.81
CA SER B 64 34.41 30.21 2.11
C SER B 64 33.38 30.77 3.08
N ALA B 65 33.38 30.27 4.31
CA ALA B 65 32.37 30.69 5.30
C ALA B 65 32.71 32.07 5.74
N LYS B 66 34.00 32.25 6.07
CA LYS B 66 34.53 33.52 6.54
C LYS B 66 34.24 34.60 5.52
N SER B 67 34.50 34.33 4.25
CA SER B 67 34.18 35.31 3.24
C SER B 67 32.70 35.66 3.29
N LEU B 68 31.84 34.67 3.07
CA LEU B 68 30.39 34.90 3.04
C LEU B 68 29.88 35.64 4.28
N ARG B 69 30.27 35.15 5.47
CA ARG B 69 30.00 35.84 6.74
C ARG B 69 30.29 37.36 6.69
N LEU B 70 31.38 37.76 6.06
CA LEU B 70 31.72 39.20 5.90
C LEU B 70 30.79 39.93 4.97
N LEU B 71 30.52 39.37 3.81
CA LEU B 71 29.64 40.02 2.86
C LEU B 71 28.25 40.29 3.42
N LEU B 72 27.69 39.32 4.16
CA LEU B 72 26.35 39.48 4.75
C LEU B 72 26.41 40.44 5.94
N ALA B 73 27.50 40.40 6.68
CA ALA B 73 27.72 41.33 7.77
C ALA B 73 27.72 42.75 7.28
N GLU B 74 28.16 42.99 6.03
CA GLU B 74 28.10 44.34 5.45
C GLU B 74 26.71 44.73 5.10
N GLN B 75 25.88 43.75 4.78
CA GLN B 75 24.49 44.02 4.47
C GLN B 75 23.59 43.89 5.70
N GLY B 76 24.16 43.61 6.86
CA GLY B 76 23.37 43.55 8.10
C GLY B 76 22.28 42.49 8.15
N SER B 77 22.45 41.39 7.42
CA SER B 77 21.46 40.34 7.41
C SER B 77 21.55 39.59 8.72
N ASP B 78 20.48 38.93 9.12
CA ASP B 78 20.53 38.13 10.34
C ASP B 78 21.11 36.74 10.13
N THR B 79 21.25 36.32 8.87
CA THR B 79 21.67 34.96 8.55
C THR B 79 22.91 34.53 9.32
N GLU B 80 22.86 33.35 9.93
CA GLU B 80 24.01 32.74 10.60
C GLU B 80 24.73 31.81 9.61
N VAL B 81 26.07 31.75 9.72
CA VAL B 81 26.85 31.12 8.68
C VAL B 81 27.75 30.11 9.33
N TYR B 82 27.80 28.90 8.77
CA TYR B 82 28.66 27.82 9.29
C TYR B 82 29.46 27.18 8.16
N SER B 83 30.28 26.18 8.51
CA SER B 83 31.04 25.41 7.52
C SER B 83 31.07 23.94 7.83
N GLY B 84 31.22 23.12 6.79
CA GLY B 84 31.64 21.72 6.96
C GLY B 84 30.52 20.71 6.84
N GLU B 85 30.92 19.44 6.79
CA GLU B 85 29.98 18.36 6.57
C GLU B 85 28.94 18.24 7.71
N THR B 86 29.39 18.39 8.94
CA THR B 86 28.48 18.30 10.08
C THR B 86 27.39 19.38 10.04
N ALA B 87 27.76 20.60 9.63
CA ALA B 87 26.80 21.69 9.58
C ALA B 87 25.76 21.41 8.52
N ALA B 88 26.22 21.18 7.29
CA ALA B 88 25.34 20.67 6.22
C ALA B 88 24.39 19.53 6.70
N CYS B 89 24.89 18.60 7.51
CA CYS B 89 24.04 17.51 8.03
C CYS B 89 23.00 18.06 8.99
N GLU B 90 23.44 18.92 9.89
CA GLU B 90 22.52 19.51 10.87
C GLU B 90 21.50 20.46 10.25
N LEU B 91 21.82 21.09 9.12
CA LEU B 91 20.83 21.91 8.42
C LEU B 91 19.87 21.04 7.55
N ALA B 92 20.31 19.84 7.19
CA ALA B 92 19.41 18.89 6.56
C ALA B 92 18.47 18.19 7.57
N ALA B 93 18.59 18.49 8.84
CA ALA B 93 17.88 17.73 9.85
C ALA B 93 17.06 18.58 10.80
N LEU B 94 17.07 19.90 10.62
CA LEU B 94 16.36 20.76 11.57
C LEU B 94 14.91 20.31 11.69
N ASP B 95 14.38 20.41 12.91
CA ASP B 95 13.02 19.95 13.19
C ASP B 95 11.96 20.75 12.48
N ASP B 96 12.21 22.02 12.23
CA ASP B 96 11.15 22.86 11.66
C ASP B 96 11.15 22.83 10.13
N VAL B 97 12.21 22.29 9.52
CA VAL B 97 12.24 22.18 8.08
C VAL B 97 11.43 20.98 7.64
N ASP B 98 10.58 21.22 6.65
CA ASP B 98 9.62 20.28 6.13
C ASP B 98 10.23 19.48 4.98
N GLN B 99 10.97 20.20 4.13
CA GLN B 99 11.39 19.74 2.81
C GLN B 99 12.89 19.99 2.66
N VAL B 100 13.64 19.00 2.14
CA VAL B 100 15.06 19.16 1.86
C VAL B 100 15.46 18.83 0.41
N MET B 101 16.02 19.83 -0.31
CA MET B 101 16.58 19.63 -1.67
C MET B 101 17.99 19.14 -1.60
N ALA B 102 18.19 17.85 -1.93
CA ALA B 102 19.52 17.23 -1.92
C ALA B 102 20.14 17.29 -3.30
N ALA B 103 20.85 18.38 -3.57
CA ALA B 103 21.34 18.70 -4.90
C ALA B 103 22.80 19.05 -4.88
N ILE B 104 23.53 18.51 -3.89
CA ILE B 104 24.99 18.57 -3.84
C ILE B 104 25.54 17.41 -4.66
N VAL B 105 26.35 17.73 -5.68
CA VAL B 105 26.73 16.77 -6.70
C VAL B 105 27.68 15.74 -6.13
N GLY B 106 27.73 14.57 -6.79
CA GLY B 106 28.80 13.60 -6.54
C GLY B 106 28.79 13.05 -5.13
N ILE B 107 29.82 12.31 -4.76
CA ILE B 107 29.80 11.57 -3.49
C ILE B 107 29.95 12.49 -2.30
N ALA B 108 30.37 13.73 -2.53
CA ALA B 108 30.34 14.76 -1.49
C ALA B 108 28.92 14.97 -0.96
N GLY B 109 27.93 14.67 -1.80
CA GLY B 109 26.54 14.86 -1.43
C GLY B 109 25.88 13.86 -0.49
N LEU B 110 26.43 12.64 -0.40
CA LEU B 110 25.77 11.54 0.30
C LEU B 110 25.51 11.79 1.80
N PRO B 111 26.48 12.38 2.51
CA PRO B 111 26.25 12.52 3.93
C PRO B 111 24.99 13.32 4.26
N SER B 112 24.87 14.51 3.69
CA SER B 112 23.78 15.44 3.98
C SER B 112 22.42 14.91 3.52
N THR B 113 22.41 14.26 2.36
CA THR B 113 21.23 13.53 1.86
C THR B 113 20.71 12.52 2.90
N LEU B 114 21.62 11.86 3.59
CA LEU B 114 21.27 10.77 4.48
C LEU B 114 20.68 11.25 5.78
N ALA B 115 21.28 12.33 6.30
CA ALA B 115 20.73 13.04 7.44
C ALA B 115 19.30 13.42 7.16
N ALA B 116 19.04 14.00 6.00
CA ALA B 116 17.69 14.41 5.70
C ALA B 116 16.77 13.20 5.68
N ILE B 117 17.20 12.15 4.98
CA ILE B 117 16.45 10.88 4.94
C ILE B 117 16.22 10.41 6.35
N ARG B 118 17.27 10.43 7.16
CA ARG B 118 17.19 10.05 8.59
C ARG B 118 16.26 10.85 9.52
N ALA B 119 15.92 12.09 9.14
CA ALA B 119 15.09 12.96 9.95
C ALA B 119 13.65 12.89 9.44
N GLY B 120 13.33 11.86 8.66
CA GLY B 120 11.95 11.69 8.21
C GLY B 120 11.44 12.79 7.31
N LYS B 121 12.36 13.55 6.70
CA LYS B 121 11.99 14.67 5.83
C LYS B 121 11.43 14.23 4.51
N GLN B 122 10.72 15.16 3.88
CA GLN B 122 10.37 15.09 2.48
C GLN B 122 11.70 15.47 1.81
N VAL B 123 12.29 14.52 1.11
CA VAL B 123 13.58 14.73 0.48
C VAL B 123 13.39 14.70 -1.04
N LEU B 124 13.74 15.80 -1.70
CA LEU B 124 13.60 15.89 -3.17
C LEU B 124 14.99 15.57 -3.69
N LEU B 125 15.14 14.36 -4.20
CA LEU B 125 16.45 13.76 -4.42
C LEU B 125 16.99 14.11 -5.82
N ALA B 126 17.94 15.02 -5.84
CA ALA B 126 18.63 15.38 -7.06
C ALA B 126 19.94 14.60 -7.24
N ASN B 127 20.67 14.35 -6.15
CA ASN B 127 21.89 13.51 -6.19
C ASN B 127 21.66 12.03 -6.61
N LYS B 128 22.58 11.50 -7.41
CA LYS B 128 22.43 10.23 -8.16
C LYS B 128 23.21 9.10 -7.51
N GLU B 129 24.48 9.39 -7.25
CA GLU B 129 25.41 8.49 -6.61
C GLU B 129 24.76 7.80 -5.46
N SER B 130 24.05 8.59 -4.68
CA SER B 130 23.25 8.05 -3.63
C SER B 130 22.75 6.65 -3.98
N LEU B 131 22.13 6.53 -5.14
CA LEU B 131 21.43 5.30 -5.50
C LEU B 131 22.20 4.33 -6.39
N ILE B 132 23.17 4.87 -7.13
CA ILE B 132 24.00 4.07 -8.01
C ILE B 132 24.96 3.29 -7.18
N THR B 133 25.40 3.88 -6.09
CA THR B 133 26.48 3.31 -5.30
C THR B 133 25.96 2.68 -4.01
N CYS B 134 24.98 3.29 -3.36
CA CYS B 134 24.50 2.70 -2.11
C CYS B 134 23.01 2.88 -1.94
N GLY B 135 22.28 2.56 -2.99
CA GLY B 135 20.85 2.50 -2.92
C GLY B 135 20.34 1.67 -1.75
N LYS B 136 20.96 0.52 -1.50
CA LYS B 136 20.49 -0.32 -0.40
C LYS B 136 20.53 0.42 0.91
N LEU B 137 21.65 1.04 1.25
CA LEU B 137 21.71 1.77 2.54
C LEU B 137 20.68 2.90 2.59
N PHE B 138 20.52 3.60 1.47
CA PHE B 138 19.61 4.72 1.43
C PHE B 138 18.17 4.28 1.58
N MET B 139 17.78 3.26 0.82
CA MET B 139 16.40 2.80 0.84
C MET B 139 16.09 2.15 2.19
N ASP B 140 17.02 1.44 2.77
CA ASP B 140 16.80 1.02 4.15
C ASP B 140 16.44 2.18 5.05
N GLU B 141 17.28 3.22 5.02
CA GLU B 141 17.04 4.43 5.83
C GLU B 141 15.69 5.08 5.58
N VAL B 142 15.32 5.17 4.31
CA VAL B 142 14.00 5.66 3.92
C VAL B 142 12.87 4.87 4.59
N LYS B 143 13.02 3.56 4.67
CA LYS B 143 11.95 2.78 5.23
C LYS B 143 11.84 3.14 6.70
N ARG B 144 13.00 3.10 7.38
CA ARG B 144 13.08 3.36 8.80
C ARG B 144 12.41 4.65 9.20
N SER B 145 12.64 5.70 8.41
CA SER B 145 12.28 7.06 8.76
C SER B 145 10.92 7.48 8.19
N ARG B 146 10.36 6.63 7.33
CA ARG B 146 9.17 6.96 6.56
C ARG B 146 9.38 8.29 5.81
N ALA B 147 10.64 8.58 5.48
CA ALA B 147 10.95 9.77 4.72
C ALA B 147 10.33 9.63 3.33
N GLN B 148 9.84 10.74 2.80
CA GLN B 148 9.16 10.77 1.53
C GLN B 148 10.16 11.23 0.47
N LEU B 149 10.63 10.30 -0.35
CA LEU B 149 11.48 10.63 -1.46
C LEU B 149 10.63 11.17 -2.61
N LEU B 150 11.16 12.15 -3.32
CA LEU B 150 10.54 12.65 -4.53
C LEU B 150 11.66 12.91 -5.53
N PRO B 151 11.68 12.12 -6.60
CA PRO B 151 12.76 12.29 -7.57
C PRO B 151 12.59 13.61 -8.32
N ILE B 152 13.71 14.22 -8.70
CA ILE B 152 13.74 15.44 -9.49
C ILE B 152 14.12 15.21 -10.98
N ASP B 153 14.95 14.23 -11.28
CA ASP B 153 15.29 13.92 -12.66
C ASP B 153 13.99 13.67 -13.44
N SER B 154 13.93 14.19 -14.64
CA SER B 154 12.72 14.13 -15.39
C SER B 154 12.25 12.70 -15.60
N GLU B 155 13.14 11.73 -15.75
CA GLU B 155 12.65 10.38 -16.04
C GLU B 155 11.97 9.81 -14.82
N HIS B 156 12.65 9.84 -13.68
CA HIS B 156 12.10 9.28 -12.43
C HIS B 156 10.87 10.05 -12.04
N ASN B 157 10.95 11.36 -12.17
CA ASN B 157 9.78 12.17 -11.94
C ASN B 157 8.58 11.78 -12.80
N ALA B 158 8.85 11.41 -14.04
CA ALA B 158 7.81 10.94 -14.94
C ALA B 158 7.14 9.69 -14.38
N ILE B 159 7.96 8.78 -13.89
CA ILE B 159 7.47 7.55 -13.41
C ILE B 159 6.62 7.87 -12.22
N PHE B 160 7.18 8.66 -11.32
CA PHE B 160 6.52 8.97 -10.06
C PHE B 160 5.12 9.50 -10.25
N GLN B 161 4.96 10.42 -11.23
CA GLN B 161 3.64 10.99 -11.57
C GLN B 161 2.71 9.95 -12.21
N SER B 162 3.33 8.97 -12.85
CA SER B 162 2.62 7.93 -13.50
C SER B 162 2.23 6.86 -12.53
N LEU B 163 2.79 6.91 -11.33
CA LEU B 163 2.49 5.90 -10.30
C LEU B 163 1.32 6.30 -9.46
N PRO B 164 0.61 5.31 -8.90
CA PRO B 164 -0.57 5.58 -8.09
C PRO B 164 -0.17 6.22 -6.80
N GLU B 165 -0.99 7.15 -6.32
CA GLU B 165 -0.74 7.87 -5.09
C GLU B 165 -0.28 6.95 -3.94
N ARG B 166 -0.99 5.87 -3.78
CA ARG B 166 -0.64 4.78 -2.93
C ARG B 166 0.86 4.49 -2.86
N ILE B 167 1.46 4.35 -4.03
CA ILE B 167 2.87 4.06 -4.13
C ILE B 167 3.73 5.31 -4.00
N GLN B 168 3.24 6.42 -4.54
CA GLN B 168 3.97 7.65 -4.54
C GLN B 168 4.32 8.03 -3.09
N ARG B 169 3.36 7.84 -2.19
CA ARG B 169 3.53 8.26 -0.80
C ARG B 169 4.36 7.29 0.05
N GLN B 170 4.66 6.14 -0.52
CA GLN B 170 5.44 5.13 0.15
C GLN B 170 6.60 4.78 -0.75
N LEU B 171 7.20 5.82 -1.31
CA LEU B 171 8.13 5.65 -2.44
C LEU B 171 9.33 4.83 -2.10
N GLY B 172 9.48 3.69 -2.78
CA GLY B 172 10.63 2.81 -2.59
C GLY B 172 10.48 1.69 -1.57
N TYR B 173 9.33 1.58 -0.93
CA TYR B 173 9.11 0.43 -0.05
C TYR B 173 7.67 -0.08 -0.10
N SER B 174 6.87 0.47 -1.03
CA SER B 174 5.64 -0.13 -1.44
C SER B 174 6.00 -1.24 -2.41
N SER B 175 5.11 -2.21 -2.49
CA SER B 175 5.32 -3.37 -3.32
C SER B 175 4.59 -3.11 -4.65
N LEU B 176 5.35 -2.94 -5.72
CA LEU B 176 4.76 -2.58 -7.02
C LEU B 176 3.65 -3.53 -7.44
N ASN B 177 3.88 -4.83 -7.35
CA ASN B 177 2.90 -5.81 -7.86
C ASN B 177 1.57 -5.72 -7.11
N GLU B 178 1.67 -5.83 -5.80
CA GLU B 178 0.48 -5.79 -4.94
C GLU B 178 -0.32 -4.52 -5.17
N ASN B 179 0.36 -3.43 -5.45
CA ASN B 179 -0.33 -2.18 -5.68
C ASN B 179 -0.68 -1.87 -7.14
N GLY B 180 -0.64 -2.86 -8.03
CA GLY B 180 -1.24 -2.70 -9.37
C GLY B 180 -0.29 -2.42 -10.52
N VAL B 181 1.00 -2.36 -10.23
CA VAL B 181 2.01 -2.06 -11.23
C VAL B 181 2.68 -3.32 -11.76
N SER B 182 2.75 -3.40 -13.07
CA SER B 182 3.29 -4.54 -13.76
C SER B 182 4.70 -4.25 -14.16
N ARG B 183 4.91 -3.10 -14.76
CA ARG B 183 6.26 -2.73 -15.23
C ARG B 183 6.55 -1.20 -15.35
N ILE B 184 7.76 -0.77 -15.03
CA ILE B 184 8.17 0.62 -15.30
C ILE B 184 8.89 0.76 -16.65
N ILE B 185 8.50 1.75 -17.44
CA ILE B 185 9.14 1.99 -18.71
C ILE B 185 9.96 3.26 -18.61
N LEU B 186 11.25 3.05 -18.52
CA LEU B 186 12.25 4.11 -18.61
C LEU B 186 12.51 4.40 -20.09
N THR B 187 12.29 5.62 -20.55
CA THR B 187 12.46 5.97 -21.97
C THR B 187 13.71 6.81 -22.15
N GLY B 188 14.33 6.71 -23.32
CA GLY B 188 15.52 7.47 -23.64
C GLY B 188 15.71 7.52 -25.12
N SER B 189 16.37 8.60 -25.59
CA SER B 189 16.44 8.96 -27.01
C SER B 189 17.34 8.13 -27.91
N GLY B 190 18.40 7.57 -27.38
CA GLY B 190 19.39 6.82 -28.17
C GLY B 190 20.67 7.59 -28.38
N GLY B 191 20.67 8.84 -27.93
CA GLY B 191 21.79 9.71 -28.21
C GLY B 191 21.92 9.99 -29.71
N PRO B 192 23.00 10.69 -30.09
CA PRO B 192 23.23 11.11 -31.47
C PRO B 192 23.45 9.95 -32.45
N PHE B 193 24.04 8.86 -31.97
CA PHE B 193 24.48 7.77 -32.83
C PHE B 193 23.43 6.66 -32.95
N ARG B 194 22.17 7.04 -32.89
CA ARG B 194 21.06 6.10 -32.94
C ARG B 194 20.77 5.50 -34.33
N GLU B 195 21.03 6.26 -35.39
CA GLU B 195 20.85 5.75 -36.75
C GLU B 195 22.16 5.73 -37.51
N THR B 196 23.26 5.83 -36.76
CA THR B 196 24.60 5.79 -37.29
C THR B 196 24.94 4.31 -37.51
N PRO B 197 25.54 3.96 -38.67
CA PRO B 197 25.88 2.55 -38.93
C PRO B 197 27.07 2.06 -38.10
N LEU B 198 26.90 0.95 -37.39
CA LEU B 198 27.93 0.42 -36.48
C LEU B 198 29.36 0.45 -37.02
N SER B 199 29.52 0.39 -38.34
CA SER B 199 30.83 0.56 -38.97
C SER B 199 31.49 1.88 -38.54
N GLN B 200 30.69 2.92 -38.37
CA GLN B 200 31.22 4.24 -38.02
C GLN B 200 31.39 4.48 -36.52
N PHE B 201 31.01 3.49 -35.69
CA PHE B 201 31.17 3.60 -34.23
C PHE B 201 32.63 3.69 -33.83
N SER B 202 33.46 2.77 -34.31
CA SER B 202 34.90 2.75 -34.01
C SER B 202 35.59 4.09 -34.20
N ASP B 203 35.11 4.87 -35.17
CA ASP B 203 35.74 6.14 -35.58
C ASP B 203 35.11 7.38 -34.98
N VAL B 204 34.05 7.20 -34.21
CA VAL B 204 33.44 8.30 -33.46
C VAL B 204 34.52 9.07 -32.69
N THR B 205 34.40 10.39 -32.66
CA THR B 205 35.36 11.24 -31.95
C THR B 205 34.61 12.11 -30.95
N PRO B 206 35.36 12.77 -30.02
CA PRO B 206 34.84 13.71 -29.02
C PRO B 206 34.02 14.87 -29.57
N ASP B 207 34.48 15.46 -30.68
CA ASP B 207 33.83 16.62 -31.26
C ASP B 207 32.48 16.21 -31.81
N GLN B 208 32.45 15.02 -32.39
CA GLN B 208 31.24 14.41 -32.94
C GLN B 208 30.28 13.90 -31.87
N ALA B 209 30.82 13.55 -30.71
CA ALA B 209 29.99 13.16 -29.56
C ALA B 209 29.37 14.37 -28.87
N CYS B 210 30.19 15.37 -28.57
CA CYS B 210 29.75 16.47 -27.71
C CYS B 210 29.03 17.63 -28.41
N ALA B 211 29.40 17.93 -29.65
CA ALA B 211 28.70 18.96 -30.42
C ALA B 211 27.37 18.41 -30.90
N GLY B 218 26.49 19.24 -19.79
CA GLY B 218 27.86 18.78 -19.54
C GLY B 218 28.50 18.05 -20.72
N ARG B 219 29.83 17.97 -20.71
CA ARG B 219 30.56 17.25 -21.76
C ARG B 219 30.41 15.73 -21.57
N LYS B 220 30.42 15.27 -20.32
CA LYS B 220 30.43 13.84 -20.02
C LYS B 220 29.07 13.19 -20.13
N ILE B 221 28.03 13.97 -19.86
CA ILE B 221 26.67 13.49 -19.97
C ILE B 221 26.38 13.22 -21.43
N SER B 222 26.92 14.07 -22.30
CA SER B 222 26.82 13.88 -23.75
C SER B 222 27.36 12.51 -24.21
N VAL B 223 28.53 12.12 -23.69
CA VAL B 223 29.10 10.82 -24.04
C VAL B 223 28.21 9.67 -23.54
N ASP B 224 27.85 9.71 -22.26
CA ASP B 224 26.98 8.69 -21.65
C ASP B 224 25.68 8.45 -22.42
N SER B 225 25.06 9.53 -22.89
CA SER B 225 23.83 9.45 -23.68
C SER B 225 24.02 8.82 -25.08
N ALA B 226 25.25 8.71 -25.54
CA ALA B 226 25.54 8.09 -26.79
C ALA B 226 25.78 6.61 -26.58
N THR B 227 26.44 6.24 -25.48
CA THR B 227 26.60 4.84 -25.14
C THR B 227 25.36 4.31 -24.43
N MET B 228 24.53 5.23 -23.95
CA MET B 228 23.39 4.92 -23.14
C MET B 228 23.81 4.40 -21.76
N MET B 229 24.98 4.85 -21.30
CA MET B 229 25.31 4.76 -19.88
C MET B 229 24.37 5.62 -19.01
N ASN B 230 23.88 6.72 -19.55
CA ASN B 230 22.98 7.59 -18.81
C ASN B 230 21.69 6.86 -18.44
N LYS B 231 21.22 6.01 -19.35
CA LYS B 231 20.01 5.21 -19.15
C LYS B 231 20.24 3.94 -18.29
N GLY B 232 21.43 3.32 -18.38
CA GLY B 232 21.81 2.22 -17.53
C GLY B 232 21.87 2.66 -16.07
N LEU B 233 22.47 3.81 -15.81
CA LEU B 233 22.54 4.34 -14.47
C LEU B 233 21.14 4.75 -13.95
N GLU B 234 20.34 5.37 -14.81
CA GLU B 234 18.94 5.70 -14.48
C GLU B 234 18.10 4.45 -14.19
N TYR B 235 18.53 3.32 -14.76
CA TYR B 235 17.88 2.04 -14.54
C TYR B 235 18.18 1.49 -13.15
N ILE B 236 19.44 1.53 -12.78
CA ILE B 236 19.87 1.20 -11.45
C ILE B 236 19.21 2.11 -10.43
N GLU B 237 19.31 3.42 -10.63
CA GLU B 237 18.62 4.36 -9.76
C GLU B 237 17.18 3.92 -9.56
N ALA B 238 16.52 3.53 -10.65
CA ALA B 238 15.06 3.26 -10.60
C ALA B 238 14.65 1.96 -9.88
N ARG B 239 15.55 0.99 -9.86
CA ARG B 239 15.34 -0.28 -9.18
C ARG B 239 15.30 -0.09 -7.67
N TRP B 240 16.31 0.61 -7.16
CA TRP B 240 16.34 1.04 -5.77
C TRP B 240 15.23 2.00 -5.47
N LEU B 241 14.99 2.93 -6.38
CA LEU B 241 14.08 4.03 -6.09
C LEU B 241 12.64 3.59 -6.00
N PHE B 242 12.18 2.83 -6.99
CA PHE B 242 10.77 2.41 -7.11
C PHE B 242 10.61 0.95 -6.67
N ASN B 243 11.67 0.40 -6.11
CA ASN B 243 11.57 -0.88 -5.46
C ASN B 243 11.17 -1.96 -6.48
N ALA B 244 11.93 -2.00 -7.57
CA ALA B 244 11.53 -2.72 -8.77
C ALA B 244 12.56 -3.78 -9.10
N SER B 245 12.11 -4.98 -9.40
CA SER B 245 13.01 -6.03 -9.83
C SER B 245 13.33 -5.87 -11.33
N ALA B 246 14.24 -6.69 -11.82
CA ALA B 246 14.60 -6.71 -13.22
C ALA B 246 13.38 -6.92 -14.10
N GLU B 247 12.47 -7.82 -13.75
CA GLU B 247 11.34 -8.09 -14.66
C GLU B 247 10.32 -6.95 -14.66
N GLN B 248 10.43 -6.06 -13.70
CA GLN B 248 9.51 -4.95 -13.52
C GLN B 248 9.92 -3.64 -14.21
N ILE B 249 11.08 -3.60 -14.83
CA ILE B 249 11.45 -2.38 -15.54
C ILE B 249 11.98 -2.68 -16.94
N GLU B 250 11.53 -1.95 -17.95
CA GLU B 250 12.07 -2.06 -19.30
C GLU B 250 12.46 -0.69 -19.80
N VAL B 251 13.30 -0.67 -20.84
CA VAL B 251 13.77 0.57 -21.48
C VAL B 251 13.35 0.59 -22.90
N VAL B 252 12.70 1.66 -23.29
CA VAL B 252 12.28 1.87 -24.67
C VAL B 252 12.95 3.11 -25.23
N LEU B 253 13.37 3.04 -26.50
CA LEU B 253 13.93 4.21 -27.22
C LEU B 253 12.82 5.05 -27.77
N HIS B 254 12.99 6.36 -27.69
CA HIS B 254 11.95 7.32 -28.08
C HIS B 254 12.65 8.63 -28.47
N PRO B 255 13.14 8.66 -29.71
CA PRO B 255 13.98 9.72 -30.25
C PRO B 255 13.52 11.15 -29.98
N GLN B 256 12.22 11.39 -29.87
CA GLN B 256 11.74 12.77 -29.74
C GLN B 256 11.75 13.28 -28.29
N SER B 257 11.82 12.35 -27.35
CA SER B 257 11.85 12.70 -25.93
C SER B 257 10.69 13.58 -25.47
N VAL B 258 9.52 13.39 -26.05
CA VAL B 258 8.31 14.07 -25.58
C VAL B 258 7.78 13.43 -24.28
N ILE B 259 7.78 12.09 -24.29
CA ILE B 259 7.40 11.28 -23.16
C ILE B 259 8.60 11.05 -22.30
N HIS B 260 8.47 11.42 -21.04
CA HIS B 260 9.60 11.31 -20.11
C HIS B 260 9.75 9.93 -19.42
N SER B 261 8.68 9.18 -19.29
CA SER B 261 8.77 7.77 -18.97
C SER B 261 7.33 7.22 -18.93
N MET B 262 7.15 5.93 -18.57
CA MET B 262 5.80 5.36 -18.40
C MET B 262 5.68 4.35 -17.26
N VAL B 263 4.44 4.02 -16.91
CA VAL B 263 4.11 2.91 -16.02
C VAL B 263 3.03 1.97 -16.57
N ARG B 264 3.33 0.67 -16.67
CA ARG B 264 2.40 -0.37 -17.14
C ARG B 264 1.67 -0.93 -15.94
N TYR B 265 0.35 -1.08 -16.08
CA TYR B 265 -0.48 -1.63 -15.02
C TYR B 265 -1.01 -2.99 -15.42
N HIS B 266 -1.66 -3.68 -14.49
CA HIS B 266 -1.99 -5.09 -14.73
C HIS B 266 -3.11 -5.29 -15.78
N ASP B 267 -4.02 -4.34 -15.88
CA ASP B 267 -5.12 -4.44 -16.84
C ASP B 267 -4.68 -4.13 -18.25
N GLY B 268 -3.49 -3.55 -18.40
CA GLY B 268 -2.94 -3.21 -19.70
C GLY B 268 -2.71 -1.72 -19.82
N SER B 269 -3.39 -0.94 -18.99
CA SER B 269 -3.26 0.52 -19.00
C SER B 269 -1.81 0.97 -18.83
N ILE B 270 -1.42 1.98 -19.60
CA ILE B 270 -0.11 2.60 -19.46
C ILE B 270 -0.29 4.07 -19.17
N LEU B 271 0.33 4.56 -18.13
CA LEU B 271 0.28 5.98 -17.83
C LEU B 271 1.63 6.61 -18.03
N ALA B 272 1.65 7.68 -18.80
CA ALA B 272 2.93 8.28 -19.17
C ALA B 272 2.89 9.72 -18.79
N GLN B 273 4.04 10.28 -18.45
CA GLN B 273 4.17 11.73 -18.39
C GLN B 273 4.81 12.34 -19.67
N MET B 274 4.30 13.50 -20.08
CA MET B 274 4.90 14.29 -21.16
C MET B 274 5.17 15.70 -20.68
N GLY B 275 6.01 16.39 -21.42
CA GLY B 275 6.30 17.78 -21.17
C GLY B 275 7.50 18.21 -22.00
N THR B 276 7.75 19.51 -21.98
CA THR B 276 8.98 20.08 -22.48
C THR B 276 10.01 19.73 -21.42
N PRO B 277 11.31 19.97 -21.70
CA PRO B 277 12.34 19.42 -20.86
C PRO B 277 12.82 20.35 -19.73
N ASP B 278 12.03 21.36 -19.40
CA ASP B 278 12.45 22.37 -18.46
C ASP B 278 12.72 21.80 -17.03
N MET B 279 13.80 22.27 -16.42
CA MET B 279 14.14 21.96 -15.03
C MET B 279 12.99 22.19 -14.04
N ARG B 280 12.48 23.41 -14.02
CA ARG B 280 11.54 23.84 -12.98
C ARG B 280 10.35 22.91 -12.83
N THR B 281 9.93 22.30 -13.93
CA THR B 281 8.66 21.60 -13.95
C THR B 281 8.69 20.40 -13.03
N PRO B 282 9.73 19.56 -13.13
CA PRO B 282 9.69 18.48 -12.13
C PRO B 282 10.04 18.93 -10.73
N ILE B 283 10.88 19.98 -10.62
CA ILE B 283 11.30 20.53 -9.32
C ILE B 283 10.12 21.09 -8.58
N ALA B 284 9.25 21.79 -9.30
CA ALA B 284 8.02 22.33 -8.71
C ALA B 284 6.95 21.23 -8.49
N HIS B 285 6.93 20.23 -9.36
CA HIS B 285 6.00 19.14 -9.13
C HIS B 285 6.32 18.56 -7.77
N ALA B 286 7.59 18.35 -7.54
CA ALA B 286 8.04 17.71 -6.33
C ALA B 286 7.86 18.65 -5.11
N MET B 287 8.11 19.94 -5.29
CA MET B 287 8.00 20.88 -4.18
C MET B 287 6.55 21.09 -3.70
N ALA B 288 5.60 21.12 -4.64
CA ALA B 288 4.21 21.43 -4.34
C ALA B 288 3.44 20.21 -3.97
N TYR B 289 3.91 19.07 -4.44
CA TYR B 289 3.21 17.84 -4.24
C TYR B 289 2.58 17.83 -2.87
N PRO B 290 1.27 17.49 -2.80
CA PRO B 290 0.45 17.05 -3.92
C PRO B 290 -0.31 18.14 -4.64
N MET B 291 0.04 19.41 -4.40
CA MET B 291 -0.57 20.57 -5.06
C MET B 291 0.09 20.66 -6.45
N ARG B 292 -0.09 21.78 -7.15
CA ARG B 292 0.64 22.11 -8.38
C ARG B 292 0.72 23.64 -8.52
N VAL B 293 1.80 24.13 -9.12
CA VAL B 293 1.97 25.57 -9.37
C VAL B 293 2.38 25.78 -10.80
N SER B 294 2.48 27.03 -11.21
CA SER B 294 2.93 27.38 -12.56
C SER B 294 4.45 27.52 -12.61
N SER B 295 4.98 27.58 -13.83
CA SER B 295 6.32 28.11 -14.07
C SER B 295 6.57 28.42 -15.55
N GLY B 296 6.02 29.55 -15.99
CA GLY B 296 6.52 30.28 -17.15
C GLY B 296 6.39 29.60 -18.50
N VAL B 297 7.12 28.49 -18.68
CA VAL B 297 7.27 27.83 -19.97
C VAL B 297 5.92 27.52 -20.60
N ALA B 298 5.76 27.95 -21.84
CA ALA B 298 4.58 27.61 -22.64
C ALA B 298 4.22 26.14 -22.44
N PRO B 299 2.92 25.85 -22.33
CA PRO B 299 2.58 24.44 -22.34
C PRO B 299 3.00 23.85 -23.69
N LEU B 300 3.31 22.56 -23.69
CA LEU B 300 3.55 21.80 -24.91
C LEU B 300 2.48 21.99 -25.97
N ASP B 301 2.89 22.13 -27.23
CA ASP B 301 1.96 22.16 -28.35
C ASP B 301 2.13 20.91 -29.19
N PHE B 302 1.01 20.28 -29.56
CA PHE B 302 1.02 18.99 -30.26
C PHE B 302 1.05 19.09 -31.80
N CYS B 303 0.79 20.29 -32.33
CA CYS B 303 0.98 20.56 -33.74
C CYS B 303 2.46 20.76 -34.04
N LYS B 304 3.19 21.30 -33.08
CA LYS B 304 4.65 21.46 -33.15
C LYS B 304 5.41 20.15 -33.11
N VAL B 305 5.24 19.38 -32.03
CA VAL B 305 5.98 18.13 -31.91
C VAL B 305 5.73 17.28 -33.14
N GLY B 306 6.79 16.62 -33.60
CA GLY B 306 6.73 15.84 -34.81
C GLY B 306 5.96 14.59 -34.48
N ALA B 307 6.18 13.55 -35.29
CA ALA B 307 5.71 12.22 -34.95
C ALA B 307 6.46 11.72 -33.72
N LEU B 308 5.87 10.77 -33.01
CA LEU B 308 6.59 10.08 -31.93
C LEU B 308 6.89 8.65 -32.34
N THR B 309 8.10 8.18 -32.06
CA THR B 309 8.42 6.77 -32.31
C THR B 309 9.09 6.11 -31.12
N PHE B 310 9.08 4.79 -31.12
CA PHE B 310 9.57 3.97 -30.06
C PHE B 310 10.30 2.77 -30.62
N THR B 311 11.35 2.32 -29.93
CA THR B 311 11.92 1.02 -30.21
C THR B 311 12.44 0.38 -28.94
N THR B 312 12.56 -0.94 -28.96
CA THR B 312 13.40 -1.65 -28.01
C THR B 312 14.85 -1.36 -28.42
N PRO B 313 15.71 -1.06 -27.43
CA PRO B 313 17.13 -0.88 -27.69
C PRO B 313 17.84 -2.20 -28.01
N ASP B 314 18.92 -2.08 -28.76
CA ASP B 314 19.65 -3.21 -29.29
C ASP B 314 21.04 -3.16 -28.71
N TYR B 315 21.42 -4.29 -28.12
CA TYR B 315 22.61 -4.38 -27.30
C TYR B 315 23.92 -4.41 -28.08
N GLN B 316 23.84 -4.68 -29.37
CA GLN B 316 25.00 -4.59 -30.23
C GLN B 316 25.38 -3.14 -30.39
N ARG B 317 24.35 -2.29 -30.46
CA ARG B 317 24.52 -0.84 -30.59
C ARG B 317 24.83 -0.14 -29.25
N TYR B 318 24.20 -0.67 -28.17
CA TYR B 318 24.35 -0.13 -26.82
C TYR B 318 24.77 -1.20 -25.78
N PRO B 319 25.95 -1.76 -25.94
CA PRO B 319 26.34 -2.82 -25.03
C PRO B 319 26.40 -2.35 -23.58
N CYS B 320 26.78 -1.11 -23.36
CA CYS B 320 26.79 -0.46 -22.03
C CYS B 320 25.51 -0.60 -21.24
N LEU B 321 24.40 -0.64 -21.95
CA LEU B 321 23.11 -0.78 -21.31
C LEU B 321 23.02 -2.14 -20.60
N LYS B 322 23.21 -3.19 -21.38
CA LYS B 322 23.18 -4.54 -20.89
C LYS B 322 24.13 -4.61 -19.71
N LEU B 323 25.32 -4.07 -19.92
CA LEU B 323 26.35 -4.01 -18.86
C LEU B 323 25.77 -3.45 -17.56
N ALA B 324 25.00 -2.37 -17.69
CA ALA B 324 24.46 -1.70 -16.52
C ALA B 324 23.49 -2.63 -15.87
N ILE B 325 22.63 -3.22 -16.69
CA ILE B 325 21.66 -4.18 -16.20
C ILE B 325 22.29 -5.35 -15.46
N ASP B 326 23.31 -5.96 -16.02
CA ASP B 326 23.94 -7.11 -15.37
C ASP B 326 24.60 -6.73 -14.05
N ALA B 327 25.19 -5.54 -14.04
CA ALA B 327 25.85 -4.99 -12.85
C ALA B 327 24.86 -4.81 -11.70
N CYS B 328 23.67 -4.36 -12.04
CA CYS B 328 22.61 -4.20 -11.06
C CYS B 328 22.28 -5.54 -10.47
N ASN B 329 22.14 -6.54 -11.34
CA ASN B 329 21.70 -7.86 -10.92
C ASN B 329 22.75 -8.52 -10.03
N ALA B 330 24.01 -8.09 -10.20
CA ALA B 330 25.11 -8.59 -9.39
C ALA B 330 25.36 -7.81 -8.11
N GLY B 331 24.96 -6.55 -8.03
CA GLY B 331 25.11 -5.82 -6.78
C GLY B 331 25.81 -4.48 -6.78
N GLN B 332 25.79 -3.85 -5.61
CA GLN B 332 26.24 -2.48 -5.44
C GLN B 332 27.73 -2.32 -5.71
N ALA B 333 28.49 -3.37 -5.48
CA ALA B 333 29.88 -3.36 -5.81
C ALA B 333 30.02 -3.21 -7.31
N ALA B 334 29.26 -3.99 -8.07
CA ALA B 334 29.33 -3.96 -9.55
C ALA B 334 28.94 -2.62 -10.11
N THR B 335 27.90 -2.00 -9.57
CA THR B 335 27.45 -0.72 -10.09
C THR B 335 28.45 0.41 -9.76
N THR B 336 28.87 0.46 -8.49
CA THR B 336 29.84 1.42 -7.98
C THR B 336 31.07 1.46 -8.86
N ALA B 337 31.53 0.24 -9.17
CA ALA B 337 32.67 -0.04 -10.01
C ALA B 337 32.46 0.44 -11.43
N LEU B 338 31.30 0.12 -12.00
CA LEU B 338 30.97 0.46 -13.35
C LEU B 338 30.87 1.98 -13.53
N ASN B 339 30.17 2.63 -12.60
CA ASN B 339 30.04 4.10 -12.56
C ASN B 339 31.39 4.78 -12.62
N ALA B 340 32.27 4.35 -11.74
CA ALA B 340 33.59 4.95 -11.58
C ALA B 340 34.48 4.68 -12.76
N ALA B 341 34.47 3.46 -13.25
CA ALA B 341 35.17 3.10 -14.47
C ALA B 341 34.55 3.71 -15.73
N ASN B 342 33.30 4.15 -15.66
CA ASN B 342 32.76 4.86 -16.79
C ASN B 342 33.30 6.30 -16.78
N GLU B 343 33.46 6.86 -15.61
CA GLU B 343 33.96 8.21 -15.50
C GLU B 343 35.38 8.32 -16.03
N ILE B 344 36.13 7.24 -15.87
CA ILE B 344 37.48 7.15 -16.36
C ILE B 344 37.53 6.98 -17.90
N SER B 345 36.77 6.02 -18.39
CA SER B 345 36.56 5.79 -19.81
C SER B 345 36.08 7.01 -20.57
N VAL B 346 35.14 7.75 -20.01
CA VAL B 346 34.62 8.92 -20.67
C VAL B 346 35.73 9.94 -20.90
N MET B 347 36.32 10.45 -19.80
CA MET B 347 37.38 11.44 -19.91
C MET B 347 38.66 10.90 -20.56
N ALA B 348 38.74 9.59 -20.83
CA ALA B 348 39.80 9.02 -21.69
C ALA B 348 39.51 9.18 -23.18
N PHE B 349 38.26 8.94 -23.57
CA PHE B 349 37.80 9.16 -24.92
C PHE B 349 37.70 10.68 -25.16
N LEU B 350 37.36 11.45 -24.13
CA LEU B 350 37.39 12.92 -24.24
C LEU B 350 38.81 13.52 -24.45
N ASP B 351 39.85 12.74 -24.15
CA ASP B 351 41.26 13.11 -24.37
C ASP B 351 41.88 12.30 -25.52
N SER B 352 41.02 11.63 -26.29
CA SER B 352 41.42 10.81 -27.45
C SER B 352 42.45 9.72 -27.17
N LYS B 353 42.58 9.30 -25.90
CA LYS B 353 43.47 8.17 -25.58
C LYS B 353 42.87 6.86 -26.11
N ILE B 354 41.54 6.83 -26.32
CA ILE B 354 40.85 5.60 -26.68
C ILE B 354 39.78 5.86 -27.72
N ARG B 355 39.33 4.77 -28.32
CA ARG B 355 38.26 4.82 -29.28
C ARG B 355 36.93 4.77 -28.53
N PHE B 356 35.85 5.15 -29.21
CA PHE B 356 34.53 5.27 -28.57
C PHE B 356 34.07 3.88 -28.13
N THR B 357 34.36 2.91 -28.98
CA THR B 357 33.99 1.55 -28.74
C THR B 357 34.84 0.88 -27.66
N ASP B 358 35.88 1.57 -27.21
CA ASP B 358 36.72 1.10 -26.12
C ASP B 358 36.04 1.31 -24.76
N ILE B 359 35.03 2.16 -24.72
CA ILE B 359 34.41 2.49 -23.45
C ILE B 359 33.72 1.28 -22.83
N GLU B 360 33.02 0.52 -23.66
CA GLU B 360 32.37 -0.69 -23.20
C GLU B 360 33.40 -1.62 -22.66
N VAL B 361 34.41 -1.92 -23.48
CA VAL B 361 35.49 -2.88 -23.13
C VAL B 361 36.18 -2.58 -21.80
N ILE B 362 36.42 -1.29 -21.54
CA ILE B 362 37.07 -0.91 -20.33
C ILE B 362 36.06 -1.16 -19.23
N ASN B 363 34.90 -0.53 -19.37
CA ASN B 363 33.82 -0.66 -18.39
C ASN B 363 33.53 -2.11 -18.02
N ARG B 364 33.55 -2.98 -19.02
CA ARG B 364 33.28 -4.41 -18.88
C ARG B 364 34.39 -5.14 -18.17
N THR B 365 35.64 -4.90 -18.58
CA THR B 365 36.77 -5.62 -18.00
C THR B 365 36.76 -5.40 -16.50
N VAL B 366 36.81 -4.13 -16.08
CA VAL B 366 36.79 -3.75 -14.66
C VAL B 366 35.69 -4.47 -13.90
N VAL B 367 34.48 -4.44 -14.44
CA VAL B 367 33.35 -5.10 -13.79
C VAL B 367 33.45 -6.65 -13.75
N GLU B 368 34.03 -7.28 -14.76
CA GLU B 368 34.15 -8.74 -14.76
C GLU B 368 35.41 -9.25 -14.05
N GLY B 369 36.24 -8.34 -13.58
CA GLY B 369 37.33 -8.69 -12.68
C GLY B 369 36.98 -8.40 -11.23
N LEU B 370 35.70 -8.17 -10.97
CA LEU B 370 35.24 -7.83 -9.63
C LEU B 370 35.25 -9.02 -8.71
N LEU B 371 35.77 -8.79 -7.51
CA LEU B 371 35.67 -9.77 -6.46
C LEU B 371 35.73 -9.12 -5.07
N LEU B 372 34.81 -8.19 -4.83
CA LEU B 372 34.73 -7.50 -3.55
C LEU B 372 33.41 -7.84 -2.90
N SER B 373 33.26 -7.44 -1.65
CA SER B 373 32.01 -7.65 -0.94
C SER B 373 31.16 -6.45 -1.19
N GLU B 374 29.87 -6.55 -0.90
CA GLU B 374 29.01 -5.41 -1.09
C GLU B 374 29.39 -4.40 -0.06
N PRO B 375 29.38 -3.11 -0.43
CA PRO B 375 29.63 -2.09 0.59
C PRO B 375 28.42 -1.93 1.52
N THR B 376 28.66 -1.72 2.81
CA THR B 376 27.57 -1.41 3.75
C THR B 376 27.68 0.01 4.31
N SER B 377 28.55 0.84 3.74
CA SER B 377 28.51 2.29 3.98
C SER B 377 29.20 3.07 2.89
N VAL B 378 28.78 4.32 2.73
CA VAL B 378 29.62 5.40 2.12
C VAL B 378 31.11 5.08 2.10
N GLU B 379 31.64 4.73 3.27
CA GLU B 379 33.08 4.50 3.41
C GLU B 379 33.52 3.36 2.50
N GLU B 380 32.78 2.27 2.51
CA GLU B 380 33.19 1.09 1.73
C GLU B 380 33.01 1.34 0.25
N VAL B 381 32.02 2.16 -0.07
CA VAL B 381 31.83 2.62 -1.44
C VAL B 381 33.09 3.34 -1.89
N LEU B 382 33.48 4.37 -1.15
CA LEU B 382 34.59 5.21 -1.57
C LEU B 382 35.79 4.35 -1.84
N VAL B 383 35.91 3.21 -1.17
CA VAL B 383 37.05 2.35 -1.42
C VAL B 383 36.94 1.76 -2.81
N ILE B 384 35.81 1.11 -3.05
CA ILE B 384 35.57 0.46 -4.33
C ILE B 384 35.69 1.49 -5.47
N ASP B 385 35.18 2.69 -5.27
CA ASP B 385 35.27 3.73 -6.28
C ASP B 385 36.72 4.04 -6.64
N ARG B 386 37.60 4.12 -5.64
CA ARG B 386 38.99 4.45 -5.93
C ARG B 386 39.70 3.30 -6.64
N LYS B 387 39.46 2.07 -6.19
CA LYS B 387 40.15 0.94 -6.81
C LYS B 387 39.74 0.68 -8.25
N ALA B 388 38.46 0.91 -8.56
CA ALA B 388 37.96 0.68 -9.91
C ALA B 388 38.56 1.70 -10.89
N ARG B 389 38.47 2.97 -10.53
CA ARG B 389 39.25 4.03 -11.15
C ARG B 389 40.65 3.54 -11.48
N ASP B 390 41.40 3.11 -10.47
CA ASP B 390 42.76 2.64 -10.71
C ASP B 390 42.69 1.57 -11.75
N VAL B 391 42.03 0.46 -11.45
CA VAL B 391 42.08 -0.63 -12.40
C VAL B 391 41.76 -0.10 -13.78
N ALA B 392 40.81 0.82 -13.87
CA ALA B 392 40.39 1.35 -15.15
C ALA B 392 41.54 2.12 -15.77
N ALA B 393 41.94 3.17 -15.06
CA ALA B 393 43.19 3.88 -15.28
C ALA B 393 44.26 2.97 -15.86
N GLN B 394 44.49 1.81 -15.23
CA GLN B 394 45.42 0.81 -15.78
C GLN B 394 44.99 0.49 -17.19
N VAL B 395 43.87 -0.25 -17.29
CA VAL B 395 43.31 -0.73 -18.56
C VAL B 395 43.44 0.24 -19.75
N ILE B 396 43.27 1.53 -19.49
CA ILE B 396 43.47 2.54 -20.50
C ILE B 396 44.88 2.43 -21.04
N ALA B 397 45.85 2.50 -20.14
CA ALA B 397 47.26 2.43 -20.49
C ALA B 397 47.64 1.18 -21.30
N LYS B 398 47.09 0.01 -20.94
CA LYS B 398 47.60 -1.26 -21.49
C LYS B 398 47.09 -1.67 -22.88
N LEU B 399 46.91 -0.72 -23.80
CA LEU B 399 46.61 -1.08 -25.20
C LEU B 399 47.17 -0.08 -26.21
N SER C 1 3.41 -13.29 -13.57
CA SER C 1 3.62 -12.02 -12.80
C SER C 1 5.04 -11.54 -13.01
N ASN C 2 5.21 -10.23 -13.15
CA ASN C 2 6.55 -9.68 -13.27
C ASN C 2 7.26 -9.60 -11.90
N ALA C 3 6.55 -9.98 -10.83
CA ALA C 3 7.13 -10.02 -9.48
C ALA C 3 7.48 -11.43 -8.98
N MET C 4 7.87 -12.32 -9.89
CA MET C 4 8.35 -13.65 -9.52
C MET C 4 9.65 -13.44 -8.77
N LYS C 5 9.74 -14.04 -7.59
CA LYS C 5 11.00 -14.25 -6.90
C LYS C 5 11.59 -15.56 -7.37
N GLN C 6 12.91 -15.62 -7.42
CA GLN C 6 13.65 -16.84 -7.71
C GLN C 6 14.23 -17.48 -6.47
N LEU C 7 14.08 -18.78 -6.36
CA LEU C 7 14.36 -19.51 -5.15
C LEU C 7 15.49 -20.55 -5.30
N THR C 8 16.48 -20.49 -4.44
CA THR C 8 17.31 -21.65 -4.18
C THR C 8 16.74 -22.30 -2.93
N ILE C 9 16.51 -23.60 -2.98
CA ILE C 9 16.04 -24.38 -1.84
C ILE C 9 17.13 -25.38 -1.54
N LEU C 10 17.63 -25.35 -0.32
CA LEU C 10 18.63 -26.30 0.14
C LEU C 10 17.96 -27.26 1.15
N GLY C 11 18.18 -28.57 0.97
CA GLY C 11 17.47 -29.59 1.74
C GLY C 11 16.09 -29.83 1.13
N SER C 12 16.06 -29.89 -0.20
CA SER C 12 14.82 -29.84 -0.95
C SER C 12 14.04 -31.14 -0.93
N THR C 13 14.67 -32.21 -0.47
CA THR C 13 14.03 -33.49 -0.46
C THR C 13 13.48 -33.84 0.91
N GLY C 14 13.52 -32.87 1.85
CA GLY C 14 13.10 -33.08 3.25
C GLY C 14 11.67 -32.60 3.43
N SER C 15 11.20 -32.51 4.67
CA SER C 15 9.80 -32.12 4.90
C SER C 15 9.63 -30.63 4.65
N ILE C 16 10.54 -29.81 5.21
CA ILE C 16 10.47 -28.36 5.03
C ILE C 16 10.59 -28.04 3.56
N GLY C 17 11.59 -28.64 2.93
CA GLY C 17 11.81 -28.51 1.48
C GLY C 17 10.56 -28.78 0.64
N ASN C 18 9.79 -29.80 1.02
CA ASN C 18 8.53 -30.14 0.35
C ASN C 18 7.42 -29.17 0.66
N SER C 19 7.29 -28.77 1.93
CA SER C 19 6.35 -27.71 2.26
C SER C 19 6.74 -26.39 1.57
N THR C 20 8.03 -26.17 1.35
CA THR C 20 8.42 -24.98 0.60
C THR C 20 7.90 -25.11 -0.84
N LEU C 21 8.12 -26.26 -1.46
CA LEU C 21 7.55 -26.48 -2.80
C LEU C 21 6.00 -26.44 -2.84
N SER C 22 5.33 -27.01 -1.83
CA SER C 22 3.87 -26.89 -1.75
C SER C 22 3.43 -25.44 -1.94
N VAL C 23 4.09 -24.54 -1.20
CA VAL C 23 3.80 -23.10 -1.30
C VAL C 23 4.20 -22.56 -2.69
N VAL C 24 5.30 -23.04 -3.29
CA VAL C 24 5.61 -22.66 -4.69
C VAL C 24 4.51 -23.14 -5.65
N ARG C 25 4.05 -24.36 -5.47
CA ARG C 25 2.99 -24.91 -6.30
C ARG C 25 1.74 -24.00 -6.24
N ALA C 26 1.31 -23.64 -5.04
CA ALA C 26 0.11 -22.76 -4.88
C ALA C 26 0.22 -21.38 -5.52
N ASN C 27 1.44 -20.88 -5.76
CA ASN C 27 1.58 -19.52 -6.26
C ASN C 27 2.58 -19.47 -7.38
N PRO C 28 2.30 -20.18 -8.49
CA PRO C 28 3.34 -20.37 -9.50
C PRO C 28 3.71 -19.07 -10.25
N GLU C 29 2.90 -18.03 -10.16
CA GLU C 29 3.27 -16.73 -10.72
C GLU C 29 4.22 -15.93 -9.84
N LEU C 30 4.42 -16.35 -8.58
CA LEU C 30 5.17 -15.52 -7.62
C LEU C 30 6.51 -16.08 -7.22
N PHE C 31 6.67 -17.40 -7.31
CA PHE C 31 7.95 -18.01 -7.03
C PHE C 31 8.47 -18.88 -8.17
N LYS C 32 9.76 -18.77 -8.45
CA LYS C 32 10.43 -19.53 -9.50
C LYS C 32 11.60 -20.25 -8.86
N VAL C 33 11.62 -21.58 -8.96
CA VAL C 33 12.73 -22.33 -8.41
C VAL C 33 13.84 -22.27 -9.49
N THR C 34 15.03 -21.94 -9.01
CA THR C 34 16.18 -21.78 -9.86
C THR C 34 17.21 -22.83 -9.47
N ALA C 35 17.32 -23.11 -8.17
CA ALA C 35 18.20 -24.18 -7.71
C ALA C 35 17.52 -25.01 -6.62
N LEU C 36 17.56 -26.33 -6.80
CA LEU C 36 17.18 -27.30 -5.76
C LEU C 36 18.41 -28.06 -5.32
N VAL C 37 18.59 -28.23 -4.00
CA VAL C 37 19.76 -28.93 -3.45
C VAL C 37 19.38 -29.98 -2.42
N ALA C 38 19.72 -31.24 -2.70
CA ALA C 38 19.53 -32.32 -1.73
C ALA C 38 20.81 -33.10 -1.53
N GLY C 39 20.83 -33.98 -0.54
CA GLY C 39 21.97 -34.86 -0.35
C GLY C 39 21.92 -36.11 -1.21
N ARG C 40 20.89 -36.92 -0.98
CA ARG C 40 20.97 -38.36 -1.22
C ARG C 40 19.73 -38.97 -1.91
N ASN C 41 18.54 -38.47 -1.60
CA ASN C 41 17.31 -38.97 -2.19
C ASN C 41 17.23 -38.54 -3.65
N VAL C 42 17.73 -39.41 -4.53
CA VAL C 42 17.78 -39.13 -5.97
C VAL C 42 16.39 -39.20 -6.59
N ARG C 43 15.50 -40.00 -6.02
CA ARG C 43 14.17 -40.22 -6.61
C ARG C 43 13.34 -38.94 -6.49
N GLU C 44 13.17 -38.50 -5.25
CA GLU C 44 12.42 -37.31 -4.93
C GLU C 44 12.89 -36.12 -5.74
N MET C 45 14.21 -35.92 -5.79
CA MET C 45 14.76 -34.77 -6.47
C MET C 45 14.37 -34.79 -7.94
N ALA C 46 14.52 -35.96 -8.55
CA ALA C 46 14.24 -36.14 -9.97
C ALA C 46 12.81 -35.73 -10.34
N GLN C 47 11.87 -35.98 -9.42
CA GLN C 47 10.47 -35.57 -9.63
C GLN C 47 10.34 -34.06 -9.46
N GLN C 48 10.97 -33.56 -8.41
CA GLN C 48 10.95 -32.16 -8.13
C GLN C 48 11.54 -31.36 -9.27
N CYS C 49 12.68 -31.83 -9.81
CA CYS C 49 13.31 -31.19 -10.98
C CYS C 49 12.40 -31.22 -12.21
N LEU C 50 11.82 -32.37 -12.52
CA LEU C 50 10.82 -32.48 -13.59
C LEU C 50 9.56 -31.63 -13.29
N GLU C 51 9.03 -31.72 -12.08
CA GLU C 51 7.87 -30.88 -11.75
C GLU C 51 8.17 -29.39 -11.90
N PHE C 52 9.32 -28.93 -11.40
CA PHE C 52 9.59 -27.49 -11.25
C PHE C 52 10.57 -26.84 -12.24
N SER C 53 11.25 -27.63 -13.06
CA SER C 53 12.15 -27.12 -14.15
C SER C 53 13.29 -26.18 -13.72
N PRO C 54 13.96 -26.49 -12.60
CA PRO C 54 15.06 -25.63 -12.21
C PRO C 54 16.16 -25.51 -13.30
N ARG C 55 17.02 -24.51 -13.16
CA ARG C 55 18.16 -24.29 -14.03
C ARG C 55 19.36 -25.05 -13.50
N TYR C 56 19.29 -25.43 -12.22
CA TYR C 56 20.36 -26.16 -11.55
C TYR C 56 19.80 -27.08 -10.50
N ALA C 57 20.53 -28.15 -10.23
CA ALA C 57 20.27 -29.00 -9.06
C ALA C 57 21.61 -29.49 -8.62
N ALA C 58 21.71 -29.93 -7.37
CA ALA C 58 22.95 -30.53 -6.89
C ALA C 58 22.64 -31.57 -5.85
N MET C 59 23.50 -32.57 -5.75
CA MET C 59 23.41 -33.59 -4.71
C MET C 59 24.69 -33.53 -3.87
N SER C 60 24.83 -34.39 -2.87
CA SER C 60 26.00 -34.30 -1.96
C SER C 60 27.25 -35.09 -2.42
N ASP C 61 27.19 -35.75 -3.58
CA ASP C 61 28.35 -36.47 -4.17
C ASP C 61 28.11 -36.84 -5.64
N GLU C 62 29.13 -37.34 -6.33
CA GLU C 62 29.02 -37.55 -7.78
C GLU C 62 28.21 -38.78 -8.19
N HIS C 63 28.10 -39.78 -7.33
CA HIS C 63 27.29 -40.98 -7.65
C HIS C 63 25.83 -40.61 -7.81
N SER C 64 25.31 -39.93 -6.78
CA SER C 64 23.95 -39.40 -6.79
C SER C 64 23.74 -38.47 -8.01
N ALA C 65 24.69 -37.56 -8.23
CA ALA C 65 24.63 -36.61 -9.35
C ALA C 65 24.51 -37.31 -10.73
N LYS C 66 25.23 -38.43 -10.92
CA LYS C 66 25.16 -39.21 -12.17
C LYS C 66 23.79 -39.88 -12.38
N SER C 67 23.35 -40.69 -11.42
CA SER C 67 22.04 -41.38 -11.53
C SER C 67 20.92 -40.39 -11.80
N LEU C 68 20.96 -39.27 -11.09
CA LEU C 68 20.01 -38.17 -11.28
C LEU C 68 20.06 -37.63 -12.71
N ARG C 69 21.25 -37.54 -13.30
CA ARG C 69 21.39 -37.11 -14.70
C ARG C 69 20.77 -38.12 -15.65
N LEU C 70 20.92 -39.40 -15.34
CA LEU C 70 20.30 -40.44 -16.14
C LEU C 70 18.79 -40.37 -16.05
N LEU C 71 18.27 -40.11 -14.85
CA LEU C 71 16.82 -39.91 -14.70
C LEU C 71 16.37 -38.60 -15.38
N LEU C 72 17.23 -37.58 -15.35
CA LEU C 72 16.91 -36.28 -15.98
C LEU C 72 16.86 -36.34 -17.51
N ALA C 73 17.83 -37.04 -18.10
CA ALA C 73 17.89 -37.18 -19.56
C ALA C 73 16.74 -38.05 -20.08
N GLU C 74 16.43 -39.13 -19.36
CA GLU C 74 15.29 -40.00 -19.67
C GLU C 74 14.00 -39.20 -19.78
N SER C 77 15.43 -33.38 -19.47
CA SER C 77 15.47 -32.19 -18.63
C SER C 77 16.77 -31.41 -18.83
N ASP C 78 16.63 -30.07 -18.88
CA ASP C 78 17.75 -29.11 -18.99
C ASP C 78 18.51 -28.84 -17.68
N THR C 79 18.00 -29.38 -16.57
CA THR C 79 18.55 -29.13 -15.24
C THR C 79 20.03 -29.53 -15.20
N GLU C 80 20.92 -28.54 -15.08
CA GLU C 80 22.38 -28.79 -14.97
C GLU C 80 22.81 -29.31 -13.58
N VAL C 81 23.30 -30.54 -13.50
CA VAL C 81 23.59 -31.15 -12.18
C VAL C 81 25.05 -31.06 -11.75
N TYR C 82 25.24 -30.81 -10.46
CA TYR C 82 26.56 -30.73 -9.88
C TYR C 82 26.52 -31.53 -8.57
N SER C 83 27.61 -31.45 -7.80
CA SER C 83 27.69 -32.11 -6.50
C SER C 83 28.74 -31.45 -5.59
N GLY C 84 28.79 -31.89 -4.34
CA GLY C 84 29.79 -31.42 -3.39
C GLY C 84 29.43 -30.06 -2.80
N GLU C 85 29.79 -29.88 -1.53
CA GLU C 85 29.57 -28.65 -0.78
C GLU C 85 29.68 -27.33 -1.59
N THR C 86 30.76 -27.16 -2.37
CA THR C 86 31.00 -25.93 -3.16
C THR C 86 29.88 -25.58 -4.14
N ALA C 87 29.30 -26.60 -4.77
CA ALA C 87 28.17 -26.43 -5.67
C ALA C 87 26.96 -25.90 -4.91
N ALA C 88 26.69 -26.50 -3.75
CA ALA C 88 25.58 -26.10 -2.90
C ALA C 88 25.76 -24.64 -2.49
N CYS C 89 26.97 -24.30 -2.07
CA CYS C 89 27.29 -22.96 -1.64
C CYS C 89 27.20 -22.00 -2.82
N GLU C 90 27.60 -22.46 -4.01
CA GLU C 90 27.51 -21.63 -5.20
C GLU C 90 26.08 -21.45 -5.70
N LEU C 91 25.22 -22.44 -5.50
CA LEU C 91 23.80 -22.30 -5.79
C LEU C 91 23.13 -21.39 -4.76
N ALA C 92 23.65 -21.40 -3.52
CA ALA C 92 23.11 -20.57 -2.44
C ALA C 92 23.40 -19.09 -2.67
N ALA C 93 24.29 -18.80 -3.63
CA ALA C 93 24.80 -17.45 -3.79
C ALA C 93 24.60 -16.89 -5.18
N LEU C 94 23.74 -17.51 -5.98
CA LEU C 94 23.54 -17.07 -7.37
C LEU C 94 23.13 -15.62 -7.39
N ASP C 95 23.55 -14.89 -8.43
CA ASP C 95 23.19 -13.48 -8.55
C ASP C 95 21.67 -13.24 -8.64
N ASP C 96 20.99 -13.94 -9.55
CA ASP C 96 19.55 -13.70 -9.76
C ASP C 96 18.62 -14.57 -8.89
N VAL C 97 19.17 -15.25 -7.89
CA VAL C 97 18.35 -15.82 -6.81
C VAL C 97 18.11 -14.75 -5.75
N ASP C 98 16.84 -14.42 -5.51
CA ASP C 98 16.45 -13.49 -4.45
C ASP C 98 16.37 -14.19 -3.10
N GLN C 99 15.89 -15.44 -3.08
CA GLN C 99 15.48 -16.12 -1.85
C GLN C 99 16.14 -17.48 -1.70
N VAL C 100 16.68 -17.73 -0.51
CA VAL C 100 17.30 -18.99 -0.21
C VAL C 100 16.71 -19.57 1.06
N MET C 101 16.11 -20.75 0.90
CA MET C 101 15.57 -21.55 1.98
C MET C 101 16.64 -22.48 2.48
N ALA C 102 17.01 -22.34 3.76
CA ALA C 102 18.15 -23.08 4.31
C ALA C 102 17.69 -24.18 5.22
N ALA C 103 17.35 -25.32 4.60
CA ALA C 103 16.76 -26.50 5.24
C ALA C 103 17.58 -27.81 5.19
N ILE C 104 18.92 -27.73 5.18
CA ILE C 104 19.74 -28.94 5.30
C ILE C 104 19.89 -29.23 6.79
N VAL C 105 19.78 -30.50 7.18
CA VAL C 105 19.81 -30.84 8.60
C VAL C 105 21.25 -31.02 9.05
N GLY C 106 21.45 -31.07 10.36
CA GLY C 106 22.73 -31.44 10.91
C GLY C 106 23.72 -30.31 10.78
N ILE C 107 24.94 -30.55 11.25
CA ILE C 107 26.01 -29.56 11.11
C ILE C 107 26.34 -29.36 9.63
N ALA C 108 26.08 -30.38 8.82
CA ALA C 108 26.34 -30.32 7.40
C ALA C 108 25.70 -29.09 6.74
N GLY C 109 24.60 -28.58 7.32
CA GLY C 109 23.89 -27.40 6.81
C GLY C 109 24.65 -26.08 6.77
N LEU C 110 25.65 -25.94 7.65
CA LEU C 110 26.34 -24.63 7.85
C LEU C 110 26.91 -23.93 6.62
N PRO C 111 27.81 -24.59 5.86
CA PRO C 111 28.46 -23.84 4.78
C PRO C 111 27.45 -23.16 3.87
N SER C 112 26.58 -23.95 3.26
CA SER C 112 25.54 -23.47 2.35
C SER C 112 24.77 -22.30 2.96
N THR C 113 24.47 -22.41 4.25
CA THR C 113 23.69 -21.39 4.92
C THR C 113 24.49 -20.10 5.00
N LEU C 114 25.72 -20.19 5.52
CA LEU C 114 26.65 -19.03 5.57
C LEU C 114 26.86 -18.44 4.15
N ALA C 115 26.88 -19.30 3.14
CA ALA C 115 27.05 -18.84 1.77
C ALA C 115 25.91 -17.86 1.41
N ALA C 116 24.69 -18.23 1.82
CA ALA C 116 23.51 -17.40 1.55
C ALA C 116 23.64 -16.05 2.26
N ILE C 117 24.00 -16.08 3.53
CA ILE C 117 24.05 -14.86 4.30
C ILE C 117 25.06 -13.91 3.64
N ARG C 118 26.27 -14.39 3.41
CA ARG C 118 27.33 -13.56 2.80
C ARG C 118 26.99 -13.02 1.42
N ALA C 119 26.19 -13.76 0.66
CA ALA C 119 25.75 -13.33 -0.66
C ALA C 119 24.61 -12.34 -0.57
N GLY C 120 24.19 -12.01 0.66
CA GLY C 120 23.20 -10.95 0.90
C GLY C 120 21.73 -11.33 0.69
N LYS C 121 21.47 -12.63 0.50
CA LYS C 121 20.15 -13.09 0.10
C LYS C 121 19.16 -13.03 1.23
N GLN C 122 17.89 -13.10 0.87
CA GLN C 122 16.79 -13.34 1.80
C GLN C 122 16.91 -14.77 2.28
N VAL C 123 17.33 -14.91 3.54
CA VAL C 123 17.63 -16.21 4.08
C VAL C 123 16.51 -16.69 4.97
N LEU C 124 15.74 -17.63 4.43
CA LEU C 124 14.72 -18.38 5.14
C LEU C 124 15.44 -19.48 5.92
N LEU C 125 15.55 -19.32 7.23
CA LEU C 125 16.49 -20.11 8.02
C LEU C 125 15.84 -21.28 8.77
N ALA C 126 15.99 -22.51 8.26
CA ALA C 126 15.37 -23.70 8.92
C ALA C 126 16.42 -24.51 9.70
N ASN C 127 17.56 -24.80 9.07
CA ASN C 127 18.79 -25.22 9.79
C ASN C 127 18.93 -24.63 11.19
N LYS C 128 18.87 -25.48 12.20
CA LYS C 128 18.87 -25.02 13.59
C LYS C 128 20.30 -24.83 14.11
N GLU C 129 21.23 -25.65 13.64
CA GLU C 129 22.58 -25.63 14.21
C GLU C 129 23.28 -24.31 13.89
N SER C 130 22.99 -23.76 12.72
CA SER C 130 23.38 -22.42 12.38
C SER C 130 23.42 -21.51 13.58
N LEU C 131 22.28 -21.30 14.20
CA LEU C 131 22.25 -20.41 15.38
C LEU C 131 22.84 -21.03 16.66
N ILE C 132 22.67 -22.35 16.83
CA ILE C 132 22.97 -22.99 18.12
C ILE C 132 24.47 -23.09 18.35
N THR C 133 25.19 -23.47 17.27
CA THR C 133 26.64 -23.60 17.27
C THR C 133 27.44 -22.32 16.94
N CYS C 134 26.98 -21.46 16.03
CA CYS C 134 27.75 -20.26 15.69
C CYS C 134 26.90 -19.00 15.62
N GLY C 135 26.48 -18.52 16.79
CA GLY C 135 25.58 -17.40 16.87
C GLY C 135 26.32 -16.13 16.62
N LYS C 136 27.46 -15.98 17.28
CA LYS C 136 28.31 -14.84 17.03
C LYS C 136 28.56 -14.73 15.55
N LEU C 137 29.14 -15.78 14.94
CA LEU C 137 29.63 -15.64 13.55
C LEU C 137 28.54 -15.47 12.50
N PHE C 138 27.40 -16.15 12.67
CA PHE C 138 26.28 -16.00 11.71
C PHE C 138 25.62 -14.63 11.80
N MET C 139 25.48 -14.12 13.01
CA MET C 139 24.90 -12.78 13.21
C MET C 139 25.86 -11.69 12.79
N ASP C 140 27.16 -11.90 13.02
CA ASP C 140 28.19 -10.96 12.55
C ASP C 140 28.11 -10.82 11.02
N GLU C 141 28.05 -11.95 10.30
CA GLU C 141 27.92 -11.92 8.84
C GLU C 141 26.59 -11.30 8.38
N VAL C 142 25.51 -11.55 9.13
CA VAL C 142 24.23 -10.94 8.78
C VAL C 142 24.37 -9.42 8.85
N LYS C 143 24.86 -8.93 10.00
CA LYS C 143 25.16 -7.51 10.15
C LYS C 143 26.00 -7.00 8.99
N ARG C 144 27.07 -7.73 8.67
CA ARG C 144 28.00 -7.39 7.59
C ARG C 144 27.38 -7.23 6.23
N SER C 145 26.70 -8.27 5.74
CA SER C 145 26.15 -8.27 4.37
C SER C 145 24.73 -7.73 4.29
N ARG C 146 24.19 -7.28 5.42
CA ARG C 146 22.78 -6.88 5.57
C ARG C 146 21.71 -7.90 5.13
N ALA C 147 22.00 -9.20 5.22
CA ALA C 147 21.01 -10.18 4.80
C ALA C 147 19.70 -10.06 5.59
N GLN C 148 18.58 -10.31 4.92
CA GLN C 148 17.29 -10.45 5.57
C GLN C 148 17.15 -11.91 6.08
N LEU C 149 17.23 -12.07 7.39
CA LEU C 149 17.00 -13.37 8.05
C LEU C 149 15.51 -13.60 8.31
N LEU C 150 14.98 -14.73 7.86
CA LEU C 150 13.57 -15.02 8.07
C LEU C 150 13.39 -16.42 8.71
N PRO C 151 13.32 -16.49 10.04
CA PRO C 151 13.14 -17.76 10.78
C PRO C 151 11.94 -18.62 10.33
N ILE C 152 12.10 -19.94 10.23
CA ILE C 152 11.03 -20.84 9.81
C ILE C 152 10.47 -21.67 10.96
N ASP C 153 11.22 -21.83 12.05
CA ASP C 153 10.70 -22.58 13.20
C ASP C 153 9.50 -21.83 13.68
N SER C 154 8.53 -22.61 14.12
CA SER C 154 7.20 -22.14 14.45
C SER C 154 7.23 -21.02 15.48
N GLU C 155 8.01 -21.21 16.53
CA GLU C 155 8.03 -20.30 17.67
C GLU C 155 8.75 -19.03 17.29
N HIS C 156 9.92 -19.16 16.67
CA HIS C 156 10.71 -18.00 16.24
C HIS C 156 9.97 -17.21 15.19
N ASN C 157 9.34 -17.93 14.25
CA ASN C 157 8.51 -17.27 13.25
C ASN C 157 7.38 -16.41 13.85
N ALA C 158 6.67 -16.96 14.81
CA ALA C 158 5.70 -16.23 15.65
C ALA C 158 6.29 -14.97 16.34
N ILE C 159 7.39 -15.13 17.04
CA ILE C 159 8.06 -13.94 17.58
C ILE C 159 8.37 -12.90 16.47
N PHE C 160 9.07 -13.28 15.40
CA PHE C 160 9.29 -12.40 14.26
C PHE C 160 8.07 -11.62 13.83
N GLN C 161 6.94 -12.34 13.68
CA GLN C 161 5.71 -11.68 13.29
C GLN C 161 5.20 -10.74 14.41
N SER C 162 5.36 -11.14 15.67
CA SER C 162 4.93 -10.29 16.77
C SER C 162 5.84 -9.08 17.07
N LEU C 163 6.89 -8.89 16.27
CA LEU C 163 7.84 -7.75 16.44
C LEU C 163 7.60 -6.56 15.53
N PRO C 164 8.08 -5.38 15.92
CA PRO C 164 7.93 -4.22 15.03
C PRO C 164 8.67 -4.40 13.70
N GLU C 165 8.24 -3.75 12.66
CA GLU C 165 8.88 -3.89 11.36
C GLU C 165 10.37 -3.57 11.45
N ARG C 166 10.71 -2.49 12.10
CA ARG C 166 12.11 -2.05 12.22
C ARG C 166 13.09 -3.10 12.72
N ILE C 167 12.64 -3.93 13.66
CA ILE C 167 13.41 -5.04 14.18
C ILE C 167 13.43 -6.16 13.14
N GLN C 168 12.31 -6.42 12.49
CA GLN C 168 12.19 -7.47 11.51
C GLN C 168 13.20 -7.29 10.44
N ARG C 169 13.25 -6.06 9.93
CA ARG C 169 14.12 -5.69 8.79
C ARG C 169 15.55 -5.50 9.20
N GLN C 170 15.85 -5.60 10.51
CA GLN C 170 17.24 -5.51 10.96
C GLN C 170 17.56 -6.66 11.90
N LEU C 171 17.07 -7.85 11.57
CA LEU C 171 16.97 -8.90 12.56
C LEU C 171 18.33 -9.36 13.04
N GLY C 172 18.53 -9.28 14.35
CA GLY C 172 19.76 -9.75 14.98
C GLY C 172 20.80 -8.67 15.23
N TYR C 173 20.65 -7.49 14.61
CA TYR C 173 21.58 -6.36 14.86
C TYR C 173 20.83 -5.07 15.15
N SER C 174 19.59 -5.23 15.62
CA SER C 174 18.75 -4.09 15.99
C SER C 174 18.53 -4.16 17.47
N SER C 175 18.00 -3.09 18.04
CA SER C 175 17.80 -3.03 19.48
C SER C 175 16.34 -3.24 19.80
N LEU C 176 16.10 -4.28 20.56
CA LEU C 176 14.79 -4.55 21.13
C LEU C 176 14.34 -3.39 21.94
N ASN C 177 15.19 -2.92 22.83
CA ASN C 177 14.79 -1.83 23.74
C ASN C 177 14.44 -0.54 22.98
N GLU C 178 15.30 -0.13 22.05
CA GLU C 178 15.10 1.16 21.37
C GLU C 178 13.86 1.20 20.48
N ASN C 179 13.31 0.03 20.12
CA ASN C 179 12.06 -0.06 19.35
C ASN C 179 10.81 -0.45 20.19
N GLY C 180 10.90 -0.27 21.51
CA GLY C 180 9.74 -0.36 22.38
C GLY C 180 9.42 -1.75 22.88
N VAL C 181 10.37 -2.67 22.80
CA VAL C 181 10.15 -4.05 23.20
C VAL C 181 10.84 -4.30 24.51
N SER C 182 10.12 -4.97 25.40
CA SER C 182 10.56 -5.22 26.77
C SER C 182 10.97 -6.66 26.95
N ARG C 183 10.26 -7.58 26.30
CA ARG C 183 10.52 -9.01 26.46
C ARG C 183 9.98 -9.85 25.32
N ILE C 184 10.68 -10.93 25.02
CA ILE C 184 10.21 -11.94 24.08
C ILE C 184 9.66 -13.15 24.87
N ILE C 185 8.46 -13.63 24.55
CA ILE C 185 7.92 -14.78 25.26
C ILE C 185 7.96 -16.09 24.45
N LEU C 186 8.94 -16.91 24.76
CA LEU C 186 9.08 -18.21 24.14
C LEU C 186 8.10 -19.19 24.75
N THR C 187 7.21 -19.74 23.96
CA THR C 187 6.21 -20.68 24.44
C THR C 187 6.37 -22.06 23.82
N GLY C 188 6.07 -23.09 24.61
CA GLY C 188 6.17 -24.49 24.17
C GLY C 188 5.29 -25.48 24.90
N SER C 189 5.08 -26.64 24.28
CA SER C 189 4.22 -27.68 24.85
C SER C 189 4.86 -28.32 26.08
N ASP C 203 13.57 -43.36 34.03
CA ASP C 203 12.58 -44.44 34.21
C ASP C 203 11.94 -44.89 32.89
N VAL C 204 11.95 -44.01 31.89
CA VAL C 204 11.11 -44.15 30.70
C VAL C 204 11.62 -45.20 29.68
N THR C 205 10.67 -45.92 29.08
CA THR C 205 10.93 -46.74 27.90
C THR C 205 10.57 -45.92 26.66
N PRO C 206 10.97 -46.37 25.46
CA PRO C 206 10.35 -45.78 24.27
C PRO C 206 8.83 -45.97 24.23
N VAL C 223 12.25 -37.13 22.14
CA VAL C 223 13.01 -37.05 23.39
C VAL C 223 13.49 -35.63 23.69
N ASP C 224 13.89 -34.89 22.66
CA ASP C 224 14.37 -33.51 22.83
C ASP C 224 13.29 -32.60 23.45
N SER C 225 12.06 -32.66 22.95
CA SER C 225 10.96 -31.86 23.52
C SER C 225 10.42 -32.48 24.82
N ALA C 226 10.80 -33.73 25.10
CA ALA C 226 10.49 -34.41 26.35
C ALA C 226 11.36 -33.96 27.54
N THR C 227 12.67 -33.78 27.32
CA THR C 227 13.57 -33.12 28.31
C THR C 227 13.58 -31.59 28.14
N MET C 228 12.92 -31.12 27.07
CA MET C 228 12.79 -29.70 26.66
C MET C 228 14.08 -29.09 26.07
N MET C 229 15.01 -29.97 25.69
CA MET C 229 16.20 -29.57 24.96
C MET C 229 15.80 -28.78 23.72
N ASN C 230 14.74 -29.21 23.02
CA ASN C 230 14.23 -28.46 21.86
C ASN C 230 13.84 -27.02 22.26
N LYS C 231 13.42 -26.81 23.51
CA LYS C 231 13.18 -25.44 23.99
C LYS C 231 14.40 -24.72 24.52
N GLY C 232 15.27 -25.43 25.21
CA GLY C 232 16.56 -24.88 25.64
C GLY C 232 17.35 -24.40 24.43
N LEU C 233 17.41 -25.22 23.40
CA LEU C 233 18.06 -24.82 22.16
C LEU C 233 17.33 -23.63 21.54
N GLU C 234 16.00 -23.76 21.36
CA GLU C 234 15.19 -22.66 20.81
C GLU C 234 15.45 -21.35 21.58
N TYR C 235 15.73 -21.48 22.88
CA TYR C 235 16.07 -20.35 23.76
C TYR C 235 17.36 -19.66 23.31
N ILE C 236 18.42 -20.46 23.31
CA ILE C 236 19.70 -20.08 22.74
C ILE C 236 19.50 -19.36 21.40
N GLU C 237 18.89 -20.06 20.43
CA GLU C 237 18.60 -19.52 19.11
C GLU C 237 17.92 -18.15 19.20
N ALA C 238 16.87 -18.09 19.99
CA ALA C 238 16.11 -16.87 20.16
C ALA C 238 16.96 -15.69 20.69
N ARG C 239 17.90 -15.95 21.59
CA ARG C 239 18.80 -14.86 22.08
C ARG C 239 19.65 -14.22 20.95
N TRP C 240 20.30 -15.07 20.14
CA TRP C 240 21.12 -14.61 19.00
C TRP C 240 20.29 -14.02 17.87
N LEU C 241 19.12 -14.63 17.67
CA LEU C 241 18.26 -14.36 16.53
C LEU C 241 17.57 -13.04 16.69
N PHE C 242 17.14 -12.73 17.93
CA PHE C 242 16.49 -11.46 18.19
C PHE C 242 17.33 -10.47 18.95
N ASN C 243 18.63 -10.75 19.06
CA ASN C 243 19.57 -9.85 19.75
C ASN C 243 19.15 -9.58 21.20
N ALA C 244 18.76 -10.64 21.90
CA ALA C 244 18.14 -10.56 23.24
C ALA C 244 19.07 -11.05 24.31
N SER C 245 19.20 -10.27 25.38
CA SER C 245 19.83 -10.74 26.63
C SER C 245 18.94 -11.74 27.40
N ALA C 246 19.52 -12.49 28.31
CA ALA C 246 18.71 -13.35 29.22
C ALA C 246 17.60 -12.58 29.98
N GLU C 247 17.77 -11.27 30.15
CA GLU C 247 16.75 -10.40 30.77
C GLU C 247 15.51 -10.12 29.86
N GLN C 248 15.71 -10.07 28.54
CA GLN C 248 14.63 -9.80 27.58
C GLN C 248 13.99 -11.09 27.03
N ILE C 249 14.13 -12.18 27.75
CA ILE C 249 13.52 -13.41 27.30
C ILE C 249 12.92 -14.16 28.48
N GLU C 250 11.62 -14.48 28.39
CA GLU C 250 10.99 -15.34 29.36
C GLU C 250 10.40 -16.55 28.67
N VAL C 251 10.43 -17.71 29.34
CA VAL C 251 9.84 -18.94 28.83
C VAL C 251 8.50 -19.14 29.53
N VAL C 252 7.53 -19.70 28.78
CA VAL C 252 6.17 -20.01 29.28
C VAL C 252 5.63 -21.23 28.54
N LEU C 253 5.28 -22.27 29.29
CA LEU C 253 4.66 -23.47 28.75
C LEU C 253 3.23 -23.18 28.37
N HIS C 254 2.84 -23.68 27.20
CA HIS C 254 1.52 -23.47 26.67
C HIS C 254 1.08 -24.79 26.05
N PRO C 255 0.49 -25.67 26.86
CA PRO C 255 0.21 -27.05 26.44
C PRO C 255 -0.45 -27.27 25.05
N GLN C 256 -1.34 -26.38 24.61
CA GLN C 256 -2.15 -26.64 23.45
C GLN C 256 -1.42 -26.18 22.18
N SER C 257 -0.33 -25.42 22.34
CA SER C 257 0.44 -24.87 21.18
C SER C 257 -0.38 -24.15 20.11
N VAL C 258 -1.51 -23.59 20.48
CA VAL C 258 -2.31 -22.78 19.57
C VAL C 258 -1.57 -21.47 19.32
N ILE C 259 -1.08 -20.86 20.39
CA ILE C 259 -0.17 -19.70 20.34
C ILE C 259 1.27 -20.17 20.25
N HIS C 260 2.00 -19.64 19.28
CA HIS C 260 3.33 -20.11 18.98
C HIS C 260 4.40 -19.30 19.65
N SER C 261 4.11 -18.04 19.93
CA SER C 261 5.00 -17.21 20.75
C SER C 261 4.53 -15.75 20.67
N MET C 262 4.98 -14.93 21.61
CA MET C 262 4.48 -13.55 21.76
C MET C 262 5.56 -12.58 22.15
N VAL C 263 5.23 -11.29 22.16
CA VAL C 263 6.17 -10.24 22.52
C VAL C 263 5.51 -9.21 23.38
N ARG C 264 6.27 -8.73 24.36
CA ARG C 264 5.84 -7.71 25.31
C ARG C 264 6.43 -6.36 25.00
N TYR C 265 5.60 -5.34 25.09
CA TYR C 265 6.01 -4.00 24.71
C TYR C 265 6.02 -3.13 25.94
N HIS C 266 6.55 -1.92 25.79
CA HIS C 266 6.82 -1.08 26.94
C HIS C 266 5.55 -0.53 27.61
N ASP C 267 4.41 -0.64 26.94
CA ASP C 267 3.15 -0.15 27.48
C ASP C 267 2.26 -1.29 27.91
N GLY C 268 2.83 -2.44 28.25
CA GLY C 268 2.04 -3.60 28.70
C GLY C 268 1.30 -4.38 27.60
N SER C 269 1.28 -3.82 26.40
CA SER C 269 0.70 -4.50 25.26
C SER C 269 1.50 -5.75 24.92
N ILE C 270 0.80 -6.83 24.60
CA ILE C 270 1.44 -8.02 24.05
C ILE C 270 0.95 -8.38 22.65
N LEU C 271 1.87 -8.79 21.80
CA LEU C 271 1.51 -9.28 20.50
C LEU C 271 1.84 -10.73 20.38
N ALA C 272 0.92 -11.47 19.81
CA ALA C 272 1.11 -12.90 19.63
C ALA C 272 0.62 -13.33 18.30
N GLN C 273 1.27 -14.34 17.76
CA GLN C 273 0.83 -14.98 16.55
C GLN C 273 0.23 -16.32 16.99
N MET C 274 -0.88 -16.72 16.37
CA MET C 274 -1.50 -18.01 16.62
C MET C 274 -1.74 -18.71 15.31
N GLY C 275 -2.05 -20.00 15.38
CA GLY C 275 -2.38 -20.77 14.18
C GLY C 275 -2.37 -22.27 14.40
N THR C 276 -2.35 -22.98 13.28
CA THR C 276 -2.40 -24.43 13.25
C THR C 276 -0.97 -24.95 13.21
N PRO C 277 -0.77 -26.29 13.32
CA PRO C 277 0.58 -26.87 13.19
C PRO C 277 1.10 -26.96 11.75
N ASP C 278 0.31 -26.55 10.78
CA ASP C 278 0.77 -26.59 9.39
C ASP C 278 1.96 -25.65 9.13
N MET C 279 3.11 -26.23 8.81
CA MET C 279 4.33 -25.46 8.56
C MET C 279 4.31 -24.65 7.27
N ARG C 280 3.33 -24.89 6.42
CA ARG C 280 3.14 -24.03 5.28
C ARG C 280 2.78 -22.58 5.65
N THR C 281 2.35 -22.37 6.90
CA THR C 281 2.02 -21.04 7.35
C THR C 281 3.27 -20.14 7.52
N PRO C 282 4.16 -20.45 8.49
CA PRO C 282 5.38 -19.66 8.64
C PRO C 282 6.28 -19.64 7.40
N ILE C 283 6.24 -20.70 6.58
CA ILE C 283 7.09 -20.79 5.36
C ILE C 283 6.64 -19.80 4.30
N ALA C 284 5.33 -19.73 4.11
CA ALA C 284 4.75 -18.81 3.16
C ALA C 284 4.69 -17.41 3.74
N HIS C 285 4.77 -17.30 5.07
CA HIS C 285 4.96 -15.97 5.70
C HIS C 285 6.31 -15.46 5.27
N ALA C 286 7.29 -16.34 5.40
CA ALA C 286 8.67 -16.00 5.16
C ALA C 286 8.88 -15.79 3.68
N MET C 287 8.42 -16.73 2.88
CA MET C 287 8.52 -16.63 1.44
C MET C 287 7.98 -15.31 0.87
N ALA C 288 6.85 -14.82 1.37
CA ALA C 288 6.28 -13.61 0.75
C ALA C 288 6.74 -12.32 1.40
N TYR C 289 7.45 -12.44 2.49
CA TYR C 289 7.90 -11.28 3.24
C TYR C 289 8.43 -10.22 2.24
N PRO C 290 7.97 -8.96 2.38
CA PRO C 290 7.06 -8.38 3.40
C PRO C 290 5.57 -8.61 3.17
N MET C 291 5.20 -9.23 2.05
CA MET C 291 3.79 -9.43 1.75
C MET C 291 3.30 -10.79 2.29
N ARG C 292 2.05 -11.09 2.00
CA ARG C 292 1.50 -12.36 2.39
C ARG C 292 1.02 -13.15 1.18
N VAL C 293 1.08 -14.48 1.23
CA VAL C 293 0.44 -15.26 0.20
C VAL C 293 -0.47 -16.35 0.79
N SER C 294 -1.46 -16.75 0.02
CA SER C 294 -2.32 -17.86 0.40
C SER C 294 -1.50 -19.11 0.39
N SER C 295 -1.85 -19.97 1.34
CA SER C 295 -1.02 -21.09 1.68
C SER C 295 -1.69 -22.44 1.36
N GLY C 296 -3.03 -22.47 1.26
CA GLY C 296 -3.79 -23.75 1.20
C GLY C 296 -4.03 -24.36 2.58
N VAL C 297 -3.48 -23.72 3.60
CA VAL C 297 -3.62 -24.14 4.96
C VAL C 297 -5.07 -24.00 5.31
N ALA C 298 -5.57 -24.88 6.19
CA ALA C 298 -6.91 -24.68 6.79
C ALA C 298 -6.78 -23.70 7.97
N PRO C 299 -7.51 -22.57 7.92
CA PRO C 299 -7.35 -21.53 8.95
C PRO C 299 -7.92 -21.91 10.32
N LEU C 300 -7.21 -21.57 11.39
CA LEU C 300 -7.61 -21.91 12.74
C LEU C 300 -9.09 -21.65 12.97
N ASP C 301 -9.73 -22.59 13.64
CA ASP C 301 -11.14 -22.56 13.89
C ASP C 301 -11.23 -22.57 15.39
N PHE C 302 -11.88 -21.53 15.91
CA PHE C 302 -11.97 -21.29 17.35
C PHE C 302 -13.04 -22.16 18.04
N CYS C 303 -13.99 -22.68 17.27
CA CYS C 303 -14.88 -23.70 17.80
C CYS C 303 -14.08 -24.98 18.08
N LYS C 304 -13.13 -25.30 17.20
CA LYS C 304 -12.30 -26.50 17.36
C LYS C 304 -11.16 -26.36 18.36
N VAL C 305 -11.05 -25.21 19.03
CA VAL C 305 -10.02 -25.06 20.05
C VAL C 305 -10.70 -25.03 21.39
N GLY C 306 -10.13 -25.73 22.36
CA GLY C 306 -10.68 -25.73 23.70
C GLY C 306 -10.04 -24.61 24.48
N ALA C 307 -10.05 -24.74 25.79
CA ALA C 307 -9.37 -23.77 26.67
C ALA C 307 -7.88 -23.64 26.34
N LEU C 308 -7.27 -22.52 26.74
CA LEU C 308 -5.84 -22.23 26.52
C LEU C 308 -5.15 -21.82 27.81
N THR C 309 -4.10 -22.54 28.18
CA THR C 309 -3.58 -22.46 29.53
C THR C 309 -2.12 -22.05 29.48
N PHE C 310 -1.64 -21.52 30.60
CA PHE C 310 -0.28 -21.02 30.69
C PHE C 310 0.29 -21.32 32.06
N THR C 311 1.59 -21.54 32.09
CA THR C 311 2.28 -21.96 33.29
C THR C 311 3.78 -21.75 33.12
N THR C 312 4.44 -21.36 34.20
CA THR C 312 5.89 -21.41 34.31
C THR C 312 6.43 -22.84 34.07
N PRO C 313 7.63 -22.96 33.45
CA PRO C 313 8.26 -24.28 33.42
C PRO C 313 9.04 -24.55 34.71
N ASP C 314 8.84 -25.74 35.29
CA ASP C 314 9.59 -26.15 36.46
C ASP C 314 10.92 -26.74 36.01
N TYR C 315 12.01 -26.10 36.44
CA TYR C 315 13.37 -26.52 36.07
C TYR C 315 13.76 -27.87 36.65
N GLN C 316 12.97 -28.34 37.61
CA GLN C 316 13.16 -29.65 38.24
C GLN C 316 12.66 -30.76 37.32
N ARG C 317 11.48 -30.56 36.73
CA ARG C 317 10.94 -31.43 35.68
C ARG C 317 11.71 -31.28 34.35
N TYR C 318 12.19 -30.07 34.07
CA TYR C 318 12.92 -29.77 32.82
C TYR C 318 14.33 -29.30 33.16
N PRO C 319 15.20 -30.26 33.48
CA PRO C 319 16.51 -29.88 33.98
C PRO C 319 17.40 -29.34 32.86
N CYS C 320 17.17 -29.84 31.65
CA CYS C 320 17.93 -29.46 30.47
C CYS C 320 17.57 -28.08 29.90
N LEU C 321 16.61 -27.38 30.52
CA LEU C 321 16.32 -25.98 30.18
C LEU C 321 17.18 -25.00 30.97
N LYS C 322 17.41 -25.30 32.25
CA LYS C 322 18.32 -24.51 33.08
C LYS C 322 19.77 -24.61 32.59
N LEU C 323 20.12 -25.73 31.94
CA LEU C 323 21.45 -25.93 31.38
C LEU C 323 21.65 -25.13 30.09
N ALA C 324 20.64 -25.10 29.23
CA ALA C 324 20.65 -24.27 28.02
C ALA C 324 20.84 -22.78 28.36
N ILE C 325 20.17 -22.32 29.40
CA ILE C 325 20.33 -20.93 29.88
C ILE C 325 21.78 -20.67 30.28
N ASP C 326 22.36 -21.59 31.05
CA ASP C 326 23.73 -21.40 31.55
C ASP C 326 24.73 -21.40 30.39
N ALA C 327 24.57 -22.35 29.47
CA ALA C 327 25.42 -22.49 28.28
C ALA C 327 25.43 -21.20 27.51
N CYS C 328 24.23 -20.70 27.22
CA CYS C 328 24.06 -19.45 26.51
C CYS C 328 24.87 -18.37 27.20
N ASN C 329 24.63 -18.20 28.50
CA ASN C 329 25.36 -17.21 29.28
C ASN C 329 26.87 -17.43 29.35
N ALA C 330 27.32 -18.67 29.12
CA ALA C 330 28.75 -18.97 29.13
C ALA C 330 29.41 -18.74 27.79
N GLY C 331 28.66 -18.89 26.69
CA GLY C 331 29.15 -18.53 25.35
C GLY C 331 28.97 -19.62 24.31
N GLN C 332 29.46 -19.34 23.12
CA GLN C 332 29.16 -20.18 21.98
C GLN C 332 29.84 -21.55 22.07
N ALA C 333 30.97 -21.61 22.76
CA ALA C 333 31.67 -22.89 22.91
C ALA C 333 30.81 -23.90 23.69
N ALA C 334 30.44 -23.54 24.93
CA ALA C 334 29.60 -24.38 25.78
C ALA C 334 28.24 -24.73 25.16
N THR C 335 27.67 -23.78 24.43
CA THR C 335 26.39 -24.02 23.78
C THR C 335 26.58 -25.05 22.70
N THR C 336 27.72 -24.99 22.03
CA THR C 336 28.06 -25.93 20.97
C THR C 336 28.29 -27.30 21.57
N ALA C 337 29.01 -27.30 22.68
CA ALA C 337 29.23 -28.51 23.47
C ALA C 337 27.92 -29.19 23.81
N LEU C 338 26.99 -28.41 24.35
CA LEU C 338 25.70 -28.93 24.80
C LEU C 338 24.92 -29.62 23.68
N ASN C 339 24.86 -28.96 22.54
CA ASN C 339 24.16 -29.53 21.40
C ASN C 339 24.81 -30.85 21.05
N ALA C 340 26.14 -30.87 21.06
CA ALA C 340 26.88 -32.04 20.65
C ALA C 340 26.63 -33.22 21.59
N ALA C 341 26.79 -32.99 22.91
CA ALA C 341 26.65 -34.05 23.91
C ALA C 341 25.26 -34.66 23.86
N ASN C 342 24.26 -33.81 23.68
CA ASN C 342 22.87 -34.23 23.69
C ASN C 342 22.57 -35.20 22.56
N GLU C 343 23.15 -34.93 21.39
CA GLU C 343 23.04 -35.87 20.29
C GLU C 343 23.44 -37.25 20.73
N ILE C 344 24.62 -37.35 21.35
CA ILE C 344 25.20 -38.61 21.81
C ILE C 344 24.40 -39.21 22.95
N SER C 345 24.09 -38.35 23.92
CA SER C 345 23.38 -38.75 25.10
C SER C 345 21.98 -39.27 24.75
N VAL C 346 21.31 -38.61 23.81
CA VAL C 346 19.96 -39.03 23.37
C VAL C 346 20.00 -40.32 22.53
N MET C 347 20.91 -40.39 21.57
CA MET C 347 21.12 -41.62 20.79
C MET C 347 21.19 -42.78 21.76
N ALA C 348 22.05 -42.62 22.76
CA ALA C 348 22.37 -43.66 23.74
C ALA C 348 21.17 -44.15 24.56
N PHE C 349 20.44 -43.23 25.20
CA PHE C 349 19.28 -43.65 26.00
C PHE C 349 18.27 -44.46 25.16
N LEU C 350 18.00 -43.99 23.94
CA LEU C 350 17.03 -44.65 23.04
C LEU C 350 17.45 -46.04 22.54
N ASP C 351 18.76 -46.31 22.55
CA ASP C 351 19.28 -47.67 22.36
C ASP C 351 19.15 -48.52 23.63
N SER C 352 18.64 -47.92 24.70
CA SER C 352 18.50 -48.57 26.00
C SER C 352 19.86 -48.70 26.68
N LYS C 353 20.80 -47.81 26.35
CA LYS C 353 22.13 -47.85 26.93
C LYS C 353 22.09 -47.38 28.38
N ILE C 354 21.51 -46.20 28.60
CA ILE C 354 21.52 -45.54 29.92
C ILE C 354 20.15 -44.94 30.23
N ARG C 355 20.03 -44.16 31.31
CA ARG C 355 18.72 -43.81 31.88
C ARG C 355 18.19 -42.45 31.39
N PHE C 356 16.89 -42.38 31.09
CA PHE C 356 16.28 -41.12 30.67
C PHE C 356 16.58 -39.98 31.65
N THR C 357 16.39 -40.27 32.94
CA THR C 357 16.73 -39.33 34.00
C THR C 357 18.19 -38.80 33.94
N ASP C 358 19.10 -39.57 33.31
CA ASP C 358 20.53 -39.23 33.22
C ASP C 358 20.86 -38.07 32.29
N ILE C 359 20.05 -37.88 31.26
CA ILE C 359 20.42 -37.07 30.11
C ILE C 359 21.03 -35.73 30.50
N GLU C 360 20.38 -35.02 31.42
CA GLU C 360 20.88 -33.72 31.84
C GLU C 360 22.22 -33.78 32.52
N VAL C 361 22.45 -34.84 33.30
CA VAL C 361 23.64 -34.92 34.14
C VAL C 361 24.85 -35.38 33.29
N ILE C 362 24.64 -36.33 32.37
CA ILE C 362 25.65 -36.57 31.31
C ILE C 362 25.93 -35.22 30.62
N ASN C 363 24.88 -34.58 30.13
CA ASN C 363 25.04 -33.35 29.34
C ASN C 363 25.71 -32.17 30.06
N ARG C 364 25.61 -32.13 31.39
CA ARG C 364 26.25 -31.05 32.17
C ARG C 364 27.70 -31.34 32.47
N THR C 365 28.02 -32.56 32.90
CA THR C 365 29.40 -32.88 33.23
C THR C 365 30.28 -32.49 32.04
N VAL C 366 29.88 -32.96 30.85
CA VAL C 366 30.54 -32.67 29.58
C VAL C 366 30.66 -31.16 29.32
N VAL C 367 29.55 -30.43 29.47
CA VAL C 367 29.56 -28.98 29.25
C VAL C 367 30.48 -28.27 30.24
N GLU C 368 30.56 -28.78 31.46
CA GLU C 368 31.40 -28.16 32.51
C GLU C 368 32.77 -28.82 32.69
N GLY C 369 32.99 -29.97 32.08
CA GLY C 369 34.31 -30.60 32.05
C GLY C 369 35.33 -29.87 31.17
N LEU C 370 34.91 -29.50 29.94
CA LEU C 370 35.84 -29.03 28.91
C LEU C 370 36.44 -27.62 29.14
N LEU C 371 37.75 -27.49 28.86
CA LEU C 371 38.46 -26.22 28.87
C LEU C 371 38.51 -25.73 27.43
N LEU C 372 37.65 -24.77 27.10
CA LEU C 372 37.45 -24.42 25.71
C LEU C 372 37.76 -22.97 25.34
N SER C 373 37.93 -22.77 24.03
CA SER C 373 38.18 -21.47 23.43
C SER C 373 36.95 -21.07 22.63
N GLU C 374 36.57 -19.79 22.74
CA GLU C 374 35.44 -19.27 21.99
C GLU C 374 35.80 -19.43 20.51
N PRO C 375 35.04 -20.25 19.77
CA PRO C 375 35.37 -20.54 18.36
C PRO C 375 35.27 -19.28 17.45
N THR C 376 36.19 -19.14 16.51
CA THR C 376 36.19 -17.99 15.59
C THR C 376 35.83 -18.34 14.13
N SER C 377 35.31 -19.55 13.90
CA SER C 377 35.04 -20.03 12.55
C SER C 377 34.25 -21.32 12.67
N VAL C 378 33.54 -21.66 11.60
CA VAL C 378 32.77 -22.91 11.56
C VAL C 378 33.68 -24.11 11.80
N GLU C 379 34.84 -24.12 11.16
CA GLU C 379 35.82 -25.20 11.35
C GLU C 379 36.13 -25.38 12.85
N GLU C 380 36.39 -24.26 13.55
CA GLU C 380 36.64 -24.27 15.01
C GLU C 380 35.43 -24.73 15.83
N VAL C 381 34.24 -24.38 15.34
CA VAL C 381 33.01 -24.85 15.95
C VAL C 381 32.94 -26.39 15.93
N LEU C 382 33.09 -26.99 14.74
CA LEU C 382 33.04 -28.45 14.61
C LEU C 382 34.01 -29.12 15.56
N VAL C 383 35.24 -28.63 15.61
CA VAL C 383 36.26 -29.24 16.45
C VAL C 383 35.72 -29.50 17.85
N ILE C 384 34.98 -28.52 18.39
CA ILE C 384 34.33 -28.69 19.67
C ILE C 384 33.25 -29.76 19.57
N ASP C 385 32.39 -29.65 18.57
CA ASP C 385 31.32 -30.64 18.38
C ASP C 385 31.85 -32.07 18.42
N ARG C 386 33.00 -32.31 17.78
CA ARG C 386 33.63 -33.63 17.84
C ARG C 386 34.20 -33.93 19.22
N LYS C 387 34.77 -32.93 19.90
CA LYS C 387 35.42 -33.14 21.20
C LYS C 387 34.41 -33.44 22.29
N ALA C 388 33.38 -32.61 22.36
CA ALA C 388 32.29 -32.85 23.30
C ALA C 388 31.60 -34.19 23.01
N ARG C 389 31.45 -34.55 21.73
CA ARG C 389 30.84 -35.82 21.34
C ARG C 389 31.59 -37.00 21.93
N ASP C 390 32.89 -37.01 21.68
CA ASP C 390 33.72 -38.11 22.16
C ASP C 390 33.68 -38.18 23.68
N VAL C 391 33.81 -37.02 24.33
CA VAL C 391 33.83 -36.94 25.79
C VAL C 391 32.54 -37.50 26.43
N ALA C 392 31.40 -37.25 25.77
CA ALA C 392 30.12 -37.77 26.25
C ALA C 392 30.01 -39.27 26.06
N ALA C 393 30.68 -39.80 25.05
CA ALA C 393 30.80 -41.25 24.88
C ALA C 393 31.42 -41.87 26.13
N GLN C 394 32.50 -41.24 26.62
CA GLN C 394 33.20 -41.67 27.83
C GLN C 394 32.25 -41.79 29.02
N VAL C 395 31.65 -40.65 29.37
CA VAL C 395 30.86 -40.52 30.59
C VAL C 395 29.81 -41.61 30.59
N ILE C 396 29.31 -41.93 29.41
CA ILE C 396 28.37 -43.06 29.21
C ILE C 396 29.00 -44.39 29.66
N ALA C 397 30.15 -44.75 29.11
CA ALA C 397 30.91 -45.92 29.58
C ALA C 397 30.89 -46.07 31.12
N LYS C 398 31.06 -44.94 31.83
CA LYS C 398 30.96 -44.93 33.30
C LYS C 398 29.51 -44.79 33.74
N MET D 4 9.33 17.27 20.18
CA MET D 4 8.03 16.97 20.84
C MET D 4 6.83 17.06 19.91
N LYS D 5 5.83 16.25 20.22
CA LYS D 5 4.55 16.32 19.55
C LYS D 5 3.70 17.36 20.27
N GLN D 6 2.97 18.13 19.50
CA GLN D 6 2.10 19.18 20.02
C GLN D 6 0.70 18.63 20.07
N LEU D 7 0.00 18.86 21.18
CA LEU D 7 -1.37 18.30 21.37
C LEU D 7 -2.50 19.29 21.47
N THR D 8 -3.56 19.03 20.70
CA THR D 8 -4.88 19.57 21.03
C THR D 8 -5.67 18.39 21.55
N ILE D 9 -6.28 18.55 22.72
CA ILE D 9 -7.11 17.54 23.36
C ILE D 9 -8.54 18.01 23.45
N LEU D 10 -9.38 17.37 22.67
CA LEU D 10 -10.76 17.71 22.57
C LEU D 10 -11.50 16.86 23.58
N GLY D 11 -12.13 17.47 24.59
CA GLY D 11 -12.75 16.70 25.67
C GLY D 11 -11.74 16.34 26.75
N SER D 12 -11.04 17.36 27.24
CA SER D 12 -9.91 17.16 28.14
C SER D 12 -10.33 16.93 29.58
N THR D 13 -11.55 17.31 29.93
CA THR D 13 -11.97 17.20 31.33
C THR D 13 -12.66 15.88 31.67
N GLY D 14 -12.89 15.08 30.64
CA GLY D 14 -13.53 13.80 30.86
C GLY D 14 -12.52 12.71 31.08
N SER D 15 -12.99 11.49 30.97
CA SER D 15 -12.21 10.38 31.45
C SER D 15 -11.05 10.15 30.48
N ILE D 16 -11.32 10.15 29.18
CA ILE D 16 -10.24 9.93 28.23
C ILE D 16 -9.36 11.17 28.10
N GLY D 17 -9.97 12.33 28.14
CA GLY D 17 -9.20 13.57 28.31
C GLY D 17 -8.18 13.43 29.42
N ASN D 18 -8.59 12.90 30.57
CA ASN D 18 -7.68 12.76 31.72
C ASN D 18 -6.62 11.66 31.60
N SER D 19 -6.96 10.52 31.01
CA SER D 19 -5.92 9.49 30.84
C SER D 19 -4.89 9.94 29.79
N THR D 20 -5.34 10.78 28.84
CA THR D 20 -4.43 11.38 27.87
C THR D 20 -3.45 12.29 28.56
N LEU D 21 -3.96 13.17 29.44
CA LEU D 21 -3.08 14.06 30.18
C LEU D 21 -2.18 13.25 31.12
N SER D 22 -2.64 12.08 31.53
CA SER D 22 -1.82 11.23 32.39
C SER D 22 -0.56 10.79 31.67
N VAL D 23 -0.71 10.34 30.45
CA VAL D 23 0.43 9.92 29.65
C VAL D 23 1.43 11.08 29.50
N VAL D 24 0.89 12.27 29.20
CA VAL D 24 1.66 13.51 29.07
C VAL D 24 2.47 13.84 30.32
N ARG D 25 1.79 13.83 31.46
CA ARG D 25 2.43 14.10 32.75
C ARG D 25 3.60 13.16 32.99
N ALA D 26 3.44 11.90 32.57
CA ALA D 26 4.52 10.90 32.64
C ALA D 26 5.54 10.92 31.48
N ASN D 27 5.34 11.76 30.48
CA ASN D 27 6.36 11.89 29.43
C ASN D 27 6.59 13.34 29.07
N PRO D 28 6.89 14.17 30.10
CA PRO D 28 6.89 15.63 29.94
C PRO D 28 7.75 16.11 28.77
N GLU D 29 8.77 15.33 28.41
CA GLU D 29 9.73 15.73 27.38
C GLU D 29 9.33 15.36 25.96
N LEU D 30 8.27 14.56 25.80
CA LEU D 30 7.84 14.08 24.47
C LEU D 30 6.56 14.75 23.94
N PHE D 31 5.75 15.27 24.87
CA PHE D 31 4.46 15.83 24.52
C PHE D 31 4.30 17.19 25.18
N LYS D 32 3.78 18.14 24.41
CA LYS D 32 3.43 19.47 24.88
C LYS D 32 2.00 19.74 24.47
N VAL D 33 1.24 20.23 25.45
CA VAL D 33 -0.15 20.59 25.26
C VAL D 33 -0.18 22.02 24.78
N THR D 34 -0.75 22.20 23.60
CA THR D 34 -0.94 23.52 22.99
C THR D 34 -2.39 23.99 23.15
N ALA D 35 -3.33 23.05 23.09
CA ALA D 35 -4.75 23.43 23.17
C ALA D 35 -5.52 22.42 24.01
N LEU D 36 -6.48 22.92 24.78
CA LEU D 36 -7.41 22.10 25.55
C LEU D 36 -8.83 22.60 25.30
N VAL D 37 -9.73 21.67 25.02
CA VAL D 37 -11.10 22.04 24.80
C VAL D 37 -12.02 21.10 25.59
N ALA D 38 -13.10 21.69 26.14
CA ALA D 38 -14.08 20.98 26.97
C ALA D 38 -15.45 21.66 26.98
N GLY D 39 -16.43 21.02 27.61
CA GLY D 39 -17.76 21.58 27.66
C GLY D 39 -17.86 22.62 28.75
N ARG D 40 -18.22 22.16 29.96
CA ARG D 40 -18.69 23.04 31.05
C ARG D 40 -18.10 22.78 32.43
N ASN D 41 -17.04 21.98 32.52
CA ASN D 41 -16.36 21.74 33.78
C ASN D 41 -15.24 22.78 34.10
N VAL D 42 -15.63 24.05 34.24
CA VAL D 42 -14.68 25.15 34.54
C VAL D 42 -13.60 24.89 35.59
N ARG D 43 -13.95 24.19 36.66
CA ARG D 43 -13.04 23.91 37.75
C ARG D 43 -11.92 22.94 37.30
N GLU D 44 -12.26 21.79 36.73
CA GLU D 44 -11.24 20.87 36.24
C GLU D 44 -10.38 21.52 35.13
N MET D 45 -11.03 22.15 34.14
CA MET D 45 -10.27 22.74 33.03
C MET D 45 -9.25 23.75 33.51
N ALA D 46 -9.62 24.56 34.50
CA ALA D 46 -8.72 25.57 35.09
C ALA D 46 -7.46 24.91 35.65
N GLN D 47 -7.63 23.73 36.25
CA GLN D 47 -6.54 23.04 36.92
C GLN D 47 -5.64 22.36 35.93
N GLN D 48 -6.24 21.82 34.87
CA GLN D 48 -5.47 21.32 33.73
C GLN D 48 -4.75 22.49 33.05
N CYS D 49 -5.47 23.56 32.73
CA CYS D 49 -4.79 24.70 32.10
C CYS D 49 -3.60 25.14 32.98
N LEU D 50 -3.85 25.37 34.27
CA LEU D 50 -2.78 25.74 35.22
C LEU D 50 -1.64 24.74 35.40
N GLU D 51 -1.88 23.45 35.19
CA GLU D 51 -0.81 22.43 35.30
C GLU D 51 -0.02 22.21 34.02
N PHE D 52 -0.71 22.18 32.89
CA PHE D 52 -0.06 21.86 31.58
C PHE D 52 0.22 23.10 30.73
N SER D 53 -0.38 24.24 31.07
CA SER D 53 0.00 25.53 30.48
C SER D 53 -0.12 25.55 28.97
N PRO D 54 -1.36 25.47 28.46
CA PRO D 54 -1.50 25.58 27.02
C PRO D 54 -1.57 27.02 26.56
N ARG D 55 -1.32 27.23 25.27
CA ARG D 55 -1.50 28.53 24.64
C ARG D 55 -2.97 28.86 24.50
N TYR D 56 -3.80 27.83 24.33
CA TYR D 56 -5.22 28.03 24.08
C TYR D 56 -6.15 27.07 24.88
N ALA D 57 -7.31 27.59 25.25
CA ALA D 57 -8.34 26.77 25.86
C ALA D 57 -9.68 27.22 25.31
N ALA D 58 -10.60 26.26 25.18
CA ALA D 58 -11.98 26.56 24.81
C ALA D 58 -13.00 25.76 25.64
N MET D 59 -14.14 26.40 25.94
CA MET D 59 -15.29 25.77 26.57
C MET D 59 -16.46 25.74 25.56
N SER D 60 -17.49 24.92 25.79
CA SER D 60 -18.56 24.86 24.77
C SER D 60 -19.33 26.18 24.68
N ASP D 61 -19.55 26.85 25.82
CA ASP D 61 -20.34 28.09 25.85
C ASP D 61 -19.59 29.29 26.41
N GLU D 62 -20.11 30.48 26.14
CA GLU D 62 -19.53 31.76 26.58
C GLU D 62 -19.49 31.98 28.10
N HIS D 63 -20.49 31.48 28.82
CA HIS D 63 -20.52 31.58 30.29
C HIS D 63 -19.48 30.70 31.01
N SER D 64 -19.27 29.48 30.55
CA SER D 64 -18.19 28.65 31.11
C SER D 64 -16.84 29.26 30.77
N ALA D 65 -16.72 29.91 29.62
CA ALA D 65 -15.44 30.50 29.18
C ALA D 65 -15.13 31.71 30.02
N LYS D 66 -16.12 32.59 30.18
CA LYS D 66 -16.03 33.69 31.13
C LYS D 66 -15.60 33.23 32.54
N SER D 67 -16.15 32.13 33.02
CA SER D 67 -15.78 31.70 34.37
C SER D 67 -14.36 31.16 34.43
N LEU D 68 -13.93 30.50 33.36
CA LEU D 68 -12.56 30.00 33.26
C LEU D 68 -11.53 31.11 33.07
N ARG D 69 -11.82 32.01 32.14
CA ARG D 69 -11.07 33.24 31.97
C ARG D 69 -10.79 33.92 33.33
N LEU D 70 -11.76 33.92 34.25
CA LEU D 70 -11.54 34.52 35.56
C LEU D 70 -10.50 33.76 36.37
N LEU D 71 -10.67 32.46 36.52
CA LEU D 71 -9.77 31.68 37.38
C LEU D 71 -8.30 31.73 36.94
N LEU D 72 -8.06 31.70 35.62
CA LEU D 72 -6.69 31.69 35.06
C LEU D 72 -6.07 33.07 35.10
N ALA D 73 -6.92 34.10 35.08
CA ALA D 73 -6.47 35.47 35.25
C ALA D 73 -6.24 35.84 36.73
N GLU D 74 -6.55 34.93 37.65
CA GLU D 74 -6.21 35.11 39.07
C GLU D 74 -4.92 34.42 39.37
N GLN D 75 -4.58 33.46 38.53
CA GLN D 75 -3.35 32.73 38.68
C GLN D 75 -2.24 33.22 37.78
N GLY D 76 -2.52 34.23 36.95
CA GLY D 76 -1.51 34.81 36.10
C GLY D 76 -1.08 33.95 34.94
N SER D 77 -1.92 32.99 34.55
CA SER D 77 -1.59 32.11 33.43
C SER D 77 -1.63 32.92 32.10
N ASP D 78 -0.85 32.48 31.12
CA ASP D 78 -0.88 33.08 29.77
C ASP D 78 -1.96 32.54 28.82
N THR D 79 -2.55 31.39 29.16
CA THR D 79 -3.53 30.74 28.30
C THR D 79 -4.66 31.71 27.92
N GLU D 80 -4.98 31.75 26.63
CA GLU D 80 -6.11 32.54 26.10
C GLU D 80 -7.36 31.65 26.03
N VAL D 81 -8.55 32.21 26.24
CA VAL D 81 -9.74 31.37 26.43
C VAL D 81 -10.81 31.77 25.45
N TYR D 82 -11.36 30.79 24.71
CA TYR D 82 -12.49 31.05 23.79
C TYR D 82 -13.71 30.15 24.06
N SER D 83 -14.72 30.19 23.20
CA SER D 83 -15.89 29.37 23.34
C SER D 83 -16.50 29.00 22.00
N GLY D 84 -17.44 28.07 22.04
CA GLY D 84 -18.30 27.75 20.89
C GLY D 84 -17.68 26.74 19.94
N GLU D 85 -18.49 26.28 19.00
CA GLU D 85 -18.07 25.24 18.10
C GLU D 85 -16.95 25.65 17.15
N THR D 86 -17.02 26.90 16.65
CA THR D 86 -16.02 27.39 15.71
C THR D 86 -14.63 27.36 16.30
N ALA D 87 -14.52 27.73 17.58
CA ALA D 87 -13.21 27.85 18.23
C ALA D 87 -12.60 26.47 18.43
N ALA D 88 -13.39 25.53 18.92
CA ALA D 88 -12.95 24.11 18.96
C ALA D 88 -12.35 23.63 17.60
N CYS D 89 -12.95 24.06 16.49
CA CYS D 89 -12.55 23.61 15.14
C CYS D 89 -11.22 24.28 14.66
N GLU D 90 -11.09 25.58 14.86
CA GLU D 90 -9.77 26.23 14.78
C GLU D 90 -8.71 25.45 15.57
N LEU D 91 -8.98 25.18 16.84
CA LEU D 91 -7.97 24.60 17.71
C LEU D 91 -7.62 23.18 17.33
N ALA D 92 -8.54 22.49 16.67
CA ALA D 92 -8.27 21.18 16.12
C ALA D 92 -7.54 21.25 14.74
N ALA D 93 -7.45 22.44 14.16
CA ALA D 93 -6.90 22.67 12.83
C ALA D 93 -5.61 23.48 12.84
N LEU D 94 -5.14 23.85 14.04
CA LEU D 94 -3.95 24.69 14.17
C LEU D 94 -2.78 24.09 13.44
N ASP D 95 -2.06 24.94 12.70
CA ASP D 95 -0.91 24.50 11.91
C ASP D 95 0.23 23.87 12.71
N ASP D 96 0.44 24.32 13.93
CA ASP D 96 1.58 23.82 14.72
C ASP D 96 1.28 22.55 15.51
N VAL D 97 0.03 22.10 15.53
CA VAL D 97 -0.32 20.96 16.31
C VAL D 97 -0.12 19.75 15.42
N ASP D 98 0.52 18.72 15.98
CA ASP D 98 0.87 17.48 15.31
C ASP D 98 -0.18 16.41 15.45
N GLN D 99 -0.80 16.35 16.63
CA GLN D 99 -1.61 15.23 17.10
C GLN D 99 -2.86 15.75 17.81
N VAL D 100 -4.05 15.32 17.40
CA VAL D 100 -5.27 15.81 18.00
C VAL D 100 -6.12 14.67 18.60
N MET D 101 -6.49 14.80 19.88
CA MET D 101 -7.28 13.79 20.59
C MET D 101 -8.74 14.18 20.53
N ALA D 102 -9.55 13.39 19.83
CA ALA D 102 -10.98 13.66 19.65
C ALA D 102 -11.81 12.80 20.65
N ALA D 103 -11.98 13.33 21.84
CA ALA D 103 -12.58 12.63 22.94
C ALA D 103 -13.79 13.36 23.48
N ILE D 104 -14.35 14.27 22.67
CA ILE D 104 -15.69 14.82 22.90
C ILE D 104 -16.73 13.75 22.57
N VAL D 105 -17.79 13.75 23.35
CA VAL D 105 -18.71 12.62 23.42
C VAL D 105 -19.99 12.93 22.64
N GLY D 106 -20.54 11.90 21.99
CA GLY D 106 -21.67 12.09 21.12
C GLY D 106 -21.47 13.05 19.95
N ILE D 107 -22.57 13.37 19.28
CA ILE D 107 -22.54 14.14 18.02
C ILE D 107 -21.96 15.54 18.18
N ALA D 108 -22.06 16.13 19.35
CA ALA D 108 -21.37 17.40 19.60
C ALA D 108 -19.86 17.23 19.34
N GLY D 109 -19.40 15.99 19.32
CA GLY D 109 -18.01 15.69 18.95
C GLY D 109 -17.64 15.66 17.48
N LEU D 110 -18.61 15.58 16.56
CA LEU D 110 -18.29 15.38 15.13
C LEU D 110 -17.58 16.56 14.47
N PRO D 111 -18.16 17.78 14.57
CA PRO D 111 -17.57 18.96 13.96
C PRO D 111 -16.02 19.06 14.14
N SER D 112 -15.56 19.11 15.39
CA SER D 112 -14.14 19.31 15.70
C SER D 112 -13.29 18.10 15.31
N THR D 113 -13.85 16.90 15.43
CA THR D 113 -13.15 15.69 14.93
C THR D 113 -12.89 15.78 13.42
N LEU D 114 -13.86 16.34 12.70
CA LEU D 114 -13.74 16.59 11.25
C LEU D 114 -12.65 17.57 10.96
N ALA D 115 -12.76 18.73 11.59
CA ALA D 115 -11.84 19.83 11.35
C ALA D 115 -10.42 19.36 11.53
N ALA D 116 -10.23 18.44 12.47
CA ALA D 116 -8.91 17.87 12.68
C ALA D 116 -8.57 16.97 11.52
N ILE D 117 -9.52 16.15 11.09
CA ILE D 117 -9.27 15.27 9.96
C ILE D 117 -8.83 16.10 8.78
N ARG D 118 -9.58 17.18 8.57
CA ARG D 118 -9.38 18.11 7.45
C ARG D 118 -8.06 18.84 7.42
N ALA D 119 -7.39 18.93 8.57
CA ALA D 119 -6.08 19.58 8.67
C ALA D 119 -4.92 18.55 8.60
N GLY D 120 -5.20 17.34 8.13
CA GLY D 120 -4.14 16.35 7.89
C GLY D 120 -3.44 15.89 9.15
N LYS D 121 -4.15 16.02 10.27
CA LYS D 121 -3.59 15.76 11.58
C LYS D 121 -3.60 14.31 11.84
N GLN D 122 -2.70 13.93 12.74
CA GLN D 122 -2.71 12.64 13.35
C GLN D 122 -3.89 12.76 14.34
N VAL D 123 -4.98 12.08 14.03
CA VAL D 123 -6.17 12.17 14.88
C VAL D 123 -6.31 10.90 15.68
N LEU D 124 -6.32 11.02 17.01
CA LEU D 124 -6.55 9.86 17.88
C LEU D 124 -8.02 9.83 18.11
N LEU D 125 -8.70 8.85 17.56
CA LEU D 125 -10.15 8.93 17.45
C LEU D 125 -10.78 8.15 18.62
N ALA D 126 -11.29 8.87 19.60
CA ALA D 126 -12.07 8.27 20.67
C ALA D 126 -13.57 8.28 20.36
N ASN D 127 -14.09 9.32 19.73
CA ASN D 127 -15.53 9.39 19.39
C ASN D 127 -16.04 8.21 18.56
N LYS D 128 -17.22 7.71 18.88
CA LYS D 128 -17.83 6.54 18.24
C LYS D 128 -18.70 6.93 17.05
N GLU D 129 -19.58 7.88 17.31
CA GLU D 129 -20.62 8.33 16.39
C GLU D 129 -20.04 8.67 15.02
N SER D 130 -18.92 9.34 15.07
CA SER D 130 -18.17 9.63 13.89
C SER D 130 -18.39 8.57 12.85
N LEU D 131 -18.18 7.32 13.22
CA LEU D 131 -18.23 6.23 12.27
C LEU D 131 -19.59 5.56 12.20
N ILE D 132 -20.22 5.35 13.35
CA ILE D 132 -21.52 4.69 13.35
C ILE D 132 -22.50 5.45 12.50
N THR D 133 -22.49 6.76 12.62
CA THR D 133 -23.45 7.58 11.88
C THR D 133 -22.95 8.08 10.51
N CYS D 134 -21.68 8.44 10.38
CA CYS D 134 -21.18 8.96 9.09
C CYS D 134 -19.76 8.61 8.83
N GLY D 135 -19.49 7.31 8.88
CA GLY D 135 -18.18 6.79 8.55
C GLY D 135 -17.84 7.13 7.11
N LYS D 136 -18.81 7.09 6.20
CA LYS D 136 -18.50 7.43 4.81
C LYS D 136 -17.93 8.85 4.72
N LEU D 137 -18.59 9.83 5.35
CA LEU D 137 -18.07 11.19 5.24
C LEU D 137 -16.67 11.25 5.82
N PHE D 138 -16.48 10.63 6.99
CA PHE D 138 -15.23 10.76 7.71
C PHE D 138 -14.10 10.05 7.03
N MET D 139 -14.39 8.91 6.46
CA MET D 139 -13.37 8.14 5.82
C MET D 139 -12.99 8.77 4.49
N ASP D 140 -13.94 9.40 3.83
CA ASP D 140 -13.60 10.16 2.63
C ASP D 140 -12.63 11.30 2.95
N GLU D 141 -12.97 12.05 3.99
CA GLU D 141 -12.10 13.15 4.43
C GLU D 141 -10.70 12.67 4.76
N VAL D 142 -10.59 11.49 5.32
CA VAL D 142 -9.29 10.94 5.64
C VAL D 142 -8.52 10.69 4.35
N LYS D 143 -9.16 10.10 3.36
CA LYS D 143 -8.53 9.93 2.04
C LYS D 143 -7.93 11.25 1.56
N ARG D 144 -8.74 12.30 1.59
CA ARG D 144 -8.36 13.61 1.08
C ARG D 144 -7.11 14.21 1.75
N SER D 145 -7.00 14.03 3.06
CA SER D 145 -6.00 14.75 3.88
C SER D 145 -4.71 13.95 4.10
N ARG D 146 -4.77 12.64 3.83
CA ARG D 146 -3.73 11.70 4.27
C ARG D 146 -3.60 11.75 5.81
N ALA D 147 -4.69 12.11 6.49
CA ALA D 147 -4.66 12.27 7.92
C ALA D 147 -4.53 10.89 8.54
N GLN D 148 -3.77 10.80 9.62
CA GLN D 148 -3.47 9.52 10.24
C GLN D 148 -4.44 9.26 11.42
N LEU D 149 -5.42 8.38 11.21
CA LEU D 149 -6.35 7.95 12.23
C LEU D 149 -5.79 6.88 13.14
N LEU D 150 -5.89 7.09 14.45
CA LEU D 150 -5.46 6.12 15.43
C LEU D 150 -6.56 5.83 16.44
N PRO D 151 -7.09 4.59 16.40
CA PRO D 151 -8.14 4.22 17.31
C PRO D 151 -7.58 4.12 18.71
N ILE D 152 -8.34 4.54 19.70
CA ILE D 152 -7.94 4.33 21.09
C ILE D 152 -8.89 3.37 21.81
N ASP D 153 -10.03 3.04 21.22
CA ASP D 153 -10.84 1.98 21.78
C ASP D 153 -9.97 0.74 21.82
N SER D 154 -10.19 -0.09 22.82
CA SER D 154 -9.28 -1.17 23.10
C SER D 154 -9.37 -2.23 22.02
N GLU D 155 -10.55 -2.43 21.47
CA GLU D 155 -10.68 -3.45 20.46
C GLU D 155 -10.04 -2.99 19.13
N HIS D 156 -10.45 -1.83 18.63
CA HIS D 156 -9.89 -1.26 17.40
C HIS D 156 -8.40 -1.07 17.55
N ASN D 157 -7.98 -0.70 18.76
CA ASN D 157 -6.57 -0.56 19.03
C ASN D 157 -5.83 -1.89 18.95
N ALA D 158 -6.49 -2.94 19.42
CA ALA D 158 -5.94 -4.26 19.29
C ALA D 158 -5.74 -4.64 17.86
N ILE D 159 -6.70 -4.29 17.01
CA ILE D 159 -6.64 -4.65 15.59
C ILE D 159 -5.54 -3.85 14.91
N PHE D 160 -5.47 -2.58 15.24
CA PHE D 160 -4.44 -1.70 14.67
C PHE D 160 -3.05 -2.29 14.90
N GLN D 161 -2.78 -2.72 16.12
CA GLN D 161 -1.46 -3.25 16.46
C GLN D 161 -1.15 -4.58 15.80
N SER D 162 -2.21 -5.32 15.50
CA SER D 162 -2.06 -6.56 14.75
C SER D 162 -1.94 -6.34 13.24
N LEU D 163 -2.09 -5.10 12.76
CA LEU D 163 -2.01 -4.82 11.32
C LEU D 163 -0.60 -4.46 10.93
N PRO D 164 -0.23 -4.80 9.70
CA PRO D 164 1.07 -4.41 9.23
C PRO D 164 1.21 -2.87 9.14
N GLU D 165 2.44 -2.41 9.35
CA GLU D 165 2.77 -1.00 9.31
C GLU D 165 2.19 -0.31 8.07
N ARG D 166 2.37 -0.97 6.94
CA ARG D 166 1.78 -0.65 5.66
C ARG D 166 0.38 -0.08 5.75
N ILE D 167 -0.47 -0.80 6.48
CA ILE D 167 -1.90 -0.50 6.59
C ILE D 167 -2.18 0.48 7.71
N GLN D 168 -1.45 0.32 8.82
CA GLN D 168 -1.55 1.24 9.93
C GLN D 168 -1.30 2.67 9.42
N ARG D 169 -0.27 2.85 8.60
CA ARG D 169 0.02 4.21 8.07
C ARG D 169 -1.00 4.79 7.08
N GLN D 170 -1.74 3.93 6.41
CA GLN D 170 -2.78 4.39 5.52
C GLN D 170 -4.10 3.87 6.04
N LEU D 171 -4.41 4.23 7.30
CA LEU D 171 -5.53 3.60 8.00
C LEU D 171 -6.85 4.02 7.41
N GLY D 172 -7.57 3.05 6.87
CA GLY D 172 -8.89 3.28 6.29
C GLY D 172 -8.96 3.69 4.85
N TYR D 173 -7.87 3.53 4.10
CA TYR D 173 -7.98 3.66 2.63
C TYR D 173 -7.04 2.73 1.91
N SER D 174 -6.19 2.06 2.66
CA SER D 174 -5.46 0.94 2.16
C SER D 174 -6.43 -0.25 2.01
N SER D 175 -6.05 -1.17 1.14
CA SER D 175 -6.90 -2.29 0.73
C SER D 175 -6.39 -3.53 1.44
N LEU D 176 -7.24 -4.12 2.26
CA LEU D 176 -6.85 -5.23 3.16
C LEU D 176 -6.36 -6.44 2.42
N ASN D 177 -7.04 -6.76 1.34
CA ASN D 177 -6.66 -7.94 0.60
C ASN D 177 -5.30 -7.79 -0.03
N GLU D 178 -5.10 -6.71 -0.75
CA GLU D 178 -3.85 -6.52 -1.48
C GLU D 178 -2.68 -6.41 -0.52
N ASN D 179 -2.94 -6.07 0.73
CA ASN D 179 -1.86 -5.90 1.68
C ASN D 179 -1.66 -7.06 2.63
N GLY D 180 -2.38 -8.17 2.46
CA GLY D 180 -2.08 -9.41 3.15
C GLY D 180 -3.15 -9.91 4.08
N VAL D 181 -4.10 -9.05 4.40
CA VAL D 181 -5.08 -9.35 5.42
C VAL D 181 -6.24 -10.02 4.76
N SER D 182 -6.76 -10.99 5.49
CA SER D 182 -7.81 -11.85 5.04
C SER D 182 -9.08 -11.59 5.83
N ARG D 183 -8.91 -11.21 7.10
CA ARG D 183 -10.04 -11.09 8.00
C ARG D 183 -9.68 -10.46 9.35
N ILE D 184 -10.54 -9.59 9.84
CA ILE D 184 -10.35 -8.99 11.15
C ILE D 184 -11.26 -9.70 12.14
N ILE D 185 -10.74 -10.07 13.29
CA ILE D 185 -11.53 -10.70 14.31
C ILE D 185 -11.77 -9.72 15.44
N LEU D 186 -12.99 -9.23 15.47
CA LEU D 186 -13.51 -8.49 16.59
C LEU D 186 -13.91 -9.47 17.72
N THR D 187 -13.28 -9.38 18.88
CA THR D 187 -13.61 -10.23 20.04
C THR D 187 -14.46 -9.53 21.10
N GLY D 188 -15.19 -10.31 21.86
CA GLY D 188 -16.14 -9.77 22.82
C GLY D 188 -16.56 -10.82 23.79
N SER D 189 -16.81 -10.42 25.03
CA SER D 189 -16.96 -11.35 26.17
C SER D 189 -18.29 -12.09 26.25
N GLY D 190 -19.32 -11.58 25.59
CA GLY D 190 -20.64 -12.20 25.71
C GLY D 190 -21.55 -11.49 26.66
N GLY D 191 -21.00 -10.59 27.47
CA GLY D 191 -21.75 -9.92 28.52
C GLY D 191 -22.04 -10.85 29.69
N PRO D 192 -22.88 -10.39 30.63
CA PRO D 192 -23.30 -11.16 31.81
C PRO D 192 -24.19 -12.43 31.54
N PHE D 193 -24.97 -12.43 30.47
CA PHE D 193 -26.00 -13.48 30.21
C PHE D 193 -25.58 -14.43 29.10
N ARG D 194 -24.28 -14.69 29.04
CA ARG D 194 -23.68 -15.62 28.06
C ARG D 194 -24.04 -17.10 28.31
N GLU D 195 -24.20 -17.48 29.57
CA GLU D 195 -24.51 -18.87 29.93
C GLU D 195 -25.89 -18.96 30.60
N THR D 196 -26.53 -17.80 30.76
CA THR D 196 -27.89 -17.70 31.21
C THR D 196 -28.77 -18.47 30.21
N PRO D 197 -29.62 -19.40 30.70
CA PRO D 197 -30.58 -20.10 29.81
C PRO D 197 -31.51 -19.12 29.09
N LEU D 198 -31.83 -19.38 27.82
CA LEU D 198 -32.65 -18.45 27.05
C LEU D 198 -34.04 -18.13 27.62
N SER D 199 -34.64 -19.09 28.33
CA SER D 199 -35.94 -18.88 28.99
C SER D 199 -35.93 -17.78 30.09
N GLN D 200 -34.75 -17.47 30.64
CA GLN D 200 -34.59 -16.38 31.63
C GLN D 200 -34.37 -14.96 31.04
N PHE D 201 -34.06 -14.86 29.74
CA PHE D 201 -33.87 -13.55 29.06
C PHE D 201 -35.10 -12.59 29.21
N SER D 202 -36.30 -13.12 28.98
CA SER D 202 -37.54 -12.37 29.20
C SER D 202 -37.61 -11.68 30.56
N ASP D 203 -37.04 -12.32 31.59
CA ASP D 203 -37.18 -11.87 32.98
C ASP D 203 -35.96 -11.13 33.50
N VAL D 204 -34.93 -11.03 32.66
CA VAL D 204 -33.80 -10.11 32.91
C VAL D 204 -34.32 -8.71 33.34
N THR D 205 -33.68 -8.13 34.35
CA THR D 205 -34.06 -6.80 34.83
C THR D 205 -32.83 -5.89 34.81
N PRO D 206 -33.03 -4.56 34.99
CA PRO D 206 -31.96 -3.55 35.06
C PRO D 206 -30.80 -3.79 36.02
N ASP D 207 -31.10 -4.19 37.26
CA ASP D 207 -30.08 -4.31 38.31
C ASP D 207 -29.22 -5.56 38.10
N GLN D 208 -29.81 -6.53 37.40
CA GLN D 208 -29.13 -7.77 37.08
C GLN D 208 -28.23 -7.60 35.87
N ALA D 209 -28.62 -6.75 34.92
CA ALA D 209 -27.73 -6.38 33.79
C ALA D 209 -26.67 -5.32 34.16
N CYS D 210 -26.96 -4.50 35.17
CA CYS D 210 -26.06 -3.42 35.62
C CYS D 210 -25.36 -3.75 36.95
N ARG D 219 -23.97 3.04 32.80
CA ARG D 219 -25.15 2.21 33.01
C ARG D 219 -25.59 1.58 31.69
N LYS D 220 -25.63 2.39 30.63
CA LYS D 220 -26.06 1.93 29.28
C LYS D 220 -25.02 1.07 28.54
N ILE D 221 -23.75 1.20 28.93
CA ILE D 221 -22.66 0.36 28.41
C ILE D 221 -22.79 -1.07 28.93
N SER D 222 -23.24 -1.19 30.18
CA SER D 222 -23.58 -2.46 30.78
C SER D 222 -24.63 -3.21 29.97
N VAL D 223 -25.72 -2.53 29.57
CA VAL D 223 -26.81 -3.18 28.81
C VAL D 223 -26.40 -3.52 27.36
N ASP D 224 -25.65 -2.64 26.72
CA ASP D 224 -25.18 -2.89 25.35
C ASP D 224 -24.35 -4.16 25.26
N SER D 225 -23.45 -4.33 26.22
CA SER D 225 -22.60 -5.52 26.32
C SER D 225 -23.38 -6.79 26.62
N ALA D 226 -24.57 -6.61 27.19
CA ALA D 226 -25.44 -7.69 27.58
C ALA D 226 -26.22 -8.21 26.40
N THR D 227 -26.67 -7.30 25.53
CA THR D 227 -27.35 -7.62 24.28
C THR D 227 -26.37 -7.85 23.14
N MET D 228 -25.13 -7.38 23.33
CA MET D 228 -24.05 -7.38 22.32
C MET D 228 -24.19 -6.30 21.27
N MET D 229 -24.81 -5.18 21.62
CA MET D 229 -24.87 -4.04 20.73
C MET D 229 -23.48 -3.40 20.64
N ASN D 230 -22.84 -3.22 21.80
CA ASN D 230 -21.45 -2.81 21.89
C ASN D 230 -20.67 -3.35 20.70
N LYS D 231 -20.68 -4.66 20.53
CA LYS D 231 -19.99 -5.32 19.40
C LYS D 231 -20.57 -4.94 18.00
N GLY D 232 -21.88 -4.92 17.86
CA GLY D 232 -22.49 -4.52 16.60
C GLY D 232 -21.94 -3.17 16.17
N LEU D 233 -21.91 -2.24 17.12
CA LEU D 233 -21.47 -0.90 16.86
C LEU D 233 -19.96 -0.85 16.57
N GLU D 234 -19.21 -1.55 17.38
CA GLU D 234 -17.79 -1.72 17.13
C GLU D 234 -17.57 -2.36 15.74
N TYR D 235 -18.42 -3.31 15.36
CA TYR D 235 -18.36 -3.92 14.03
C TYR D 235 -18.56 -2.92 12.86
N ILE D 236 -19.62 -2.14 12.96
CA ILE D 236 -19.85 -0.97 12.08
C ILE D 236 -18.62 -0.02 12.06
N GLU D 237 -18.12 0.35 13.23
CA GLU D 237 -16.97 1.25 13.32
C GLU D 237 -15.81 0.65 12.57
N ALA D 238 -15.61 -0.65 12.76
CA ALA D 238 -14.48 -1.39 12.18
C ALA D 238 -14.49 -1.49 10.66
N ARG D 239 -15.66 -1.61 10.07
CA ARG D 239 -15.82 -1.64 8.61
C ARG D 239 -15.34 -0.38 7.93
N TRP D 240 -15.72 0.74 8.51
CA TRP D 240 -15.33 2.04 7.98
C TRP D 240 -13.87 2.26 8.31
N LEU D 241 -13.56 2.07 9.58
CA LEU D 241 -12.25 2.39 10.11
C LEU D 241 -11.11 1.61 9.46
N PHE D 242 -11.34 0.34 9.12
CA PHE D 242 -10.29 -0.54 8.58
C PHE D 242 -10.59 -0.92 7.13
N ASN D 243 -11.48 -0.16 6.51
CA ASN D 243 -11.84 -0.37 5.10
C ASN D 243 -12.16 -1.83 4.86
N ALA D 244 -12.84 -2.45 5.80
CA ALA D 244 -13.13 -3.87 5.73
C ALA D 244 -14.54 -4.06 5.21
N SER D 245 -14.74 -5.08 4.36
CA SER D 245 -16.09 -5.46 3.89
C SER D 245 -16.66 -6.48 4.86
N ALA D 246 -17.89 -6.93 4.60
CA ALA D 246 -18.58 -7.91 5.46
C ALA D 246 -17.81 -9.20 5.61
N GLU D 247 -17.26 -9.72 4.51
CA GLU D 247 -16.58 -11.02 4.58
C GLU D 247 -15.18 -10.90 5.19
N GLN D 248 -14.73 -9.65 5.36
CA GLN D 248 -13.44 -9.37 5.96
C GLN D 248 -13.49 -9.09 7.45
N ILE D 249 -14.59 -9.41 8.11
CA ILE D 249 -14.65 -9.27 9.56
C ILE D 249 -15.57 -10.31 10.22
N GLU D 250 -15.07 -10.96 11.27
CA GLU D 250 -15.85 -11.92 12.05
C GLU D 250 -15.76 -11.56 13.51
N VAL D 251 -16.73 -12.06 14.28
CA VAL D 251 -16.80 -11.80 15.70
C VAL D 251 -16.68 -13.08 16.42
N VAL D 252 -15.85 -13.07 17.44
CA VAL D 252 -15.62 -14.23 18.31
C VAL D 252 -15.91 -13.85 19.78
N LEU D 253 -16.57 -14.78 20.49
CA LEU D 253 -16.81 -14.64 21.92
C LEU D 253 -15.57 -15.07 22.61
N HIS D 254 -15.12 -14.31 23.61
CA HIS D 254 -13.97 -14.66 24.38
C HIS D 254 -14.19 -14.11 25.79
N PRO D 255 -14.83 -14.92 26.66
CA PRO D 255 -15.26 -14.52 27.99
C PRO D 255 -14.23 -13.81 28.86
N GLN D 256 -12.97 -14.22 28.80
CA GLN D 256 -12.00 -13.73 29.80
C GLN D 256 -11.43 -12.38 29.39
N SER D 257 -11.69 -11.97 28.14
CA SER D 257 -11.23 -10.68 27.58
C SER D 257 -9.73 -10.40 27.74
N VAL D 258 -8.92 -11.45 27.55
CA VAL D 258 -7.46 -11.32 27.56
C VAL D 258 -6.92 -10.82 26.23
N ILE D 259 -7.22 -11.55 25.18
CA ILE D 259 -7.02 -11.10 23.82
C ILE D 259 -8.04 -10.04 23.55
N HIS D 260 -7.60 -8.87 23.09
CA HIS D 260 -8.53 -7.77 22.83
C HIS D 260 -9.11 -7.79 21.42
N SER D 261 -8.35 -8.29 20.46
CA SER D 261 -8.83 -8.57 19.11
C SER D 261 -7.72 -9.19 18.24
N MET D 262 -8.10 -9.70 17.06
CA MET D 262 -7.17 -10.44 16.19
C MET D 262 -7.28 -10.05 14.74
N VAL D 263 -6.24 -10.37 13.98
CA VAL D 263 -6.21 -10.20 12.51
C VAL D 263 -5.73 -11.47 11.84
N ARG D 264 -6.45 -11.97 10.86
CA ARG D 264 -6.01 -13.14 10.08
C ARG D 264 -5.29 -12.72 8.79
N TYR D 265 -4.21 -13.42 8.44
CA TYR D 265 -3.46 -13.16 7.21
C TYR D 265 -3.58 -14.34 6.25
N HIS D 266 -3.46 -14.05 4.97
CA HIS D 266 -3.63 -15.06 3.90
C HIS D 266 -2.89 -16.40 4.08
N ASP D 267 -1.76 -16.41 4.77
CA ASP D 267 -1.01 -17.64 4.94
C ASP D 267 -1.54 -18.54 6.05
N GLY D 268 -2.48 -18.02 6.85
CA GLY D 268 -3.00 -18.75 8.00
C GLY D 268 -2.61 -18.07 9.32
N SER D 269 -1.56 -17.24 9.29
CA SER D 269 -1.11 -16.54 10.51
C SER D 269 -2.23 -15.70 11.10
N ILE D 270 -2.44 -15.83 12.41
CA ILE D 270 -3.27 -14.89 13.17
C ILE D 270 -2.36 -14.07 14.10
N LEU D 271 -2.55 -12.74 14.10
CA LEU D 271 -1.92 -11.87 15.10
C LEU D 271 -2.95 -11.26 16.01
N ALA D 272 -2.64 -11.26 17.32
CA ALA D 272 -3.58 -10.81 18.34
C ALA D 272 -2.92 -9.94 19.36
N GLN D 273 -3.68 -8.99 19.88
CA GLN D 273 -3.21 -8.17 20.97
C GLN D 273 -3.86 -8.58 22.29
N MET D 274 -3.03 -8.69 23.33
CA MET D 274 -3.43 -8.83 24.71
C MET D 274 -2.83 -7.72 25.56
N GLY D 275 -3.17 -7.75 26.83
CA GLY D 275 -2.78 -6.73 27.80
C GLY D 275 -3.89 -6.66 28.82
N THR D 276 -3.58 -6.22 30.02
CA THR D 276 -4.60 -6.00 31.02
C THR D 276 -5.42 -4.83 30.52
N PRO D 277 -6.75 -4.85 30.72
CA PRO D 277 -7.43 -3.59 30.47
C PRO D 277 -6.83 -2.45 31.28
N ASP D 278 -6.54 -1.36 30.60
CA ASP D 278 -6.28 -0.11 31.22
C ASP D 278 -6.26 0.93 30.13
N MET D 279 -7.22 1.84 30.21
CA MET D 279 -7.30 3.01 29.35
C MET D 279 -5.94 3.47 28.86
N ARG D 280 -5.06 3.77 29.82
CA ARG D 280 -3.77 4.43 29.53
C ARG D 280 -2.96 3.83 28.39
N THR D 281 -3.11 2.52 28.22
CA THR D 281 -2.24 1.75 27.34
C THR D 281 -2.52 1.97 25.83
N PRO D 282 -3.75 1.71 25.35
CA PRO D 282 -3.95 2.03 23.94
C PRO D 282 -3.75 3.53 23.59
N ILE D 283 -4.13 4.42 24.53
CA ILE D 283 -3.90 5.86 24.34
C ILE D 283 -2.42 6.12 24.15
N ALA D 284 -1.59 5.58 25.05
CA ALA D 284 -0.15 5.81 24.99
C ALA D 284 0.41 5.24 23.72
N HIS D 285 -0.09 4.08 23.35
CA HIS D 285 0.29 3.48 22.09
C HIS D 285 0.05 4.43 20.94
N ALA D 286 -1.17 4.96 20.87
CA ALA D 286 -1.55 5.86 19.78
C ALA D 286 -0.71 7.13 19.77
N MET D 287 -0.35 7.60 20.96
CA MET D 287 0.35 8.86 21.15
C MET D 287 1.81 8.76 20.76
N ALA D 288 2.47 7.69 21.17
CA ALA D 288 3.90 7.53 20.90
C ALA D 288 4.15 6.95 19.52
N TYR D 289 3.11 6.35 18.94
CA TYR D 289 3.25 5.64 17.69
C TYR D 289 4.14 6.45 16.75
N PRO D 290 5.21 5.83 16.21
CA PRO D 290 5.61 4.42 16.33
C PRO D 290 6.50 4.05 17.49
N MET D 291 6.81 4.98 18.38
CA MET D 291 7.64 4.66 19.54
C MET D 291 6.74 3.88 20.52
N ARG D 292 7.21 3.67 21.74
CA ARG D 292 6.35 3.15 22.82
C ARG D 292 6.70 3.84 24.14
N VAL D 293 5.87 3.66 25.17
CA VAL D 293 6.01 4.33 26.47
C VAL D 293 5.54 3.45 27.63
N SER D 294 6.00 3.75 28.85
CA SER D 294 5.61 2.98 30.05
C SER D 294 4.13 3.07 30.41
N SER D 295 3.69 2.11 31.21
CA SER D 295 2.46 2.24 31.97
C SER D 295 2.91 2.52 33.40
N GLY D 296 1.99 2.84 34.29
CA GLY D 296 2.29 2.75 35.70
C GLY D 296 2.18 1.28 36.11
N VAL D 297 1.45 0.51 35.30
CA VAL D 297 0.59 -0.56 35.83
C VAL D 297 0.72 -1.83 34.99
N ALA D 298 0.36 -2.94 35.62
CA ALA D 298 1.20 -4.13 35.64
C ALA D 298 1.32 -4.92 34.35
N PRO D 299 2.54 -5.43 34.06
CA PRO D 299 2.61 -6.43 33.02
C PRO D 299 1.65 -7.55 33.37
N LEU D 300 0.77 -7.86 32.43
CA LEU D 300 -0.08 -9.02 32.50
C LEU D 300 0.74 -10.19 33.06
N ASP D 301 0.15 -10.96 33.97
CA ASP D 301 0.76 -12.18 34.46
C ASP D 301 0.00 -13.33 33.84
N PHE D 302 0.71 -14.36 33.36
CA PHE D 302 0.09 -15.49 32.61
C PHE D 302 -0.32 -16.71 33.45
N CYS D 303 0.18 -16.83 34.67
CA CYS D 303 -0.30 -17.85 35.59
C CYS D 303 -1.66 -17.43 36.17
N LYS D 304 -1.83 -16.12 36.35
CA LYS D 304 -3.03 -15.50 36.93
C LYS D 304 -4.28 -15.65 36.05
N VAL D 305 -4.14 -15.38 34.75
CA VAL D 305 -5.30 -15.53 33.85
C VAL D 305 -5.68 -16.98 33.82
N GLY D 306 -6.99 -17.20 33.81
CA GLY D 306 -7.50 -18.55 33.79
C GLY D 306 -7.29 -19.10 32.42
N ALA D 307 -8.04 -20.14 32.09
CA ALA D 307 -8.02 -20.70 30.76
C ALA D 307 -8.72 -19.72 29.85
N LEU D 308 -8.35 -19.72 28.56
CA LEU D 308 -8.98 -18.84 27.57
C LEU D 308 -9.81 -19.65 26.60
N THR D 309 -11.02 -19.16 26.33
CA THR D 309 -11.93 -19.87 25.48
C THR D 309 -12.44 -18.93 24.42
N PHE D 310 -13.04 -19.52 23.41
CA PHE D 310 -13.51 -18.82 22.25
C PHE D 310 -14.73 -19.57 21.80
N THR D 311 -15.76 -18.86 21.37
CA THR D 311 -16.83 -19.49 20.58
C THR D 311 -17.40 -18.51 19.60
N THR D 312 -18.16 -19.04 18.64
CA THR D 312 -18.84 -18.21 17.68
C THR D 312 -20.16 -17.82 18.31
N PRO D 313 -20.54 -16.54 18.21
CA PRO D 313 -21.80 -16.08 18.79
C PRO D 313 -23.02 -16.67 18.11
N ASP D 314 -24.05 -16.94 18.89
CA ASP D 314 -25.30 -17.46 18.39
C ASP D 314 -26.33 -16.35 18.32
N TYR D 315 -26.89 -16.16 17.12
CA TYR D 315 -27.79 -15.05 16.87
C TYR D 315 -29.11 -15.17 17.65
N GLN D 316 -29.48 -16.39 18.07
CA GLN D 316 -30.61 -16.55 18.97
C GLN D 316 -30.36 -15.86 20.30
N ARG D 317 -29.14 -16.01 20.82
CA ARG D 317 -28.79 -15.45 22.10
C ARG D 317 -28.45 -13.96 22.00
N TYR D 318 -27.90 -13.56 20.84
CA TYR D 318 -27.56 -12.16 20.54
C TYR D 318 -28.07 -11.70 19.15
N PRO D 319 -29.40 -11.57 19.00
CA PRO D 319 -29.93 -11.09 17.73
C PRO D 319 -29.55 -9.63 17.37
N CYS D 320 -29.20 -8.81 18.36
CA CYS D 320 -28.80 -7.42 18.13
C CYS D 320 -27.54 -7.31 17.32
N LEU D 321 -26.76 -8.36 17.34
CA LEU D 321 -25.52 -8.42 16.57
C LEU D 321 -25.80 -8.63 15.07
N LYS D 322 -26.73 -9.55 14.79
CA LYS D 322 -27.18 -9.83 13.42
C LYS D 322 -27.80 -8.55 12.90
N LEU D 323 -28.64 -7.96 13.73
CA LEU D 323 -29.29 -6.68 13.44
C LEU D 323 -28.29 -5.62 13.01
N ALA D 324 -27.27 -5.43 13.83
CA ALA D 324 -26.20 -4.53 13.56
C ALA D 324 -25.58 -4.85 12.20
N ILE D 325 -25.20 -6.11 11.99
CA ILE D 325 -24.57 -6.51 10.75
C ILE D 325 -25.45 -6.14 9.57
N ASP D 326 -26.72 -6.52 9.60
CA ASP D 326 -27.62 -6.21 8.47
C ASP D 326 -27.73 -4.70 8.28
N ALA D 327 -27.78 -3.97 9.39
CA ALA D 327 -27.83 -2.52 9.34
C ALA D 327 -26.67 -1.97 8.50
N CYS D 328 -25.46 -2.39 8.83
CA CYS D 328 -24.28 -2.00 8.05
C CYS D 328 -24.49 -2.30 6.56
N ASN D 329 -24.87 -3.53 6.24
CA ASN D 329 -24.96 -3.95 4.86
C ASN D 329 -25.98 -3.11 4.11
N ALA D 330 -27.01 -2.66 4.80
CA ALA D 330 -28.02 -1.77 4.20
C ALA D 330 -27.63 -0.27 4.07
N GLY D 331 -26.77 0.25 4.96
CA GLY D 331 -26.22 1.61 4.82
C GLY D 331 -26.27 2.53 6.02
N GLN D 332 -25.75 3.75 5.85
CA GLN D 332 -25.61 4.76 6.94
C GLN D 332 -26.92 5.23 7.57
N ALA D 333 -28.02 5.16 6.83
CA ALA D 333 -29.32 5.54 7.35
C ALA D 333 -29.78 4.52 8.38
N ALA D 334 -29.54 3.26 8.05
CA ALA D 334 -29.79 2.12 8.91
C ALA D 334 -29.01 2.15 10.22
N THR D 335 -27.70 2.41 10.17
CA THR D 335 -26.88 2.30 11.40
C THR D 335 -27.17 3.45 12.35
N THR D 336 -27.51 4.59 11.78
CA THR D 336 -27.78 5.80 12.53
C THR D 336 -29.10 5.60 13.24
N ALA D 337 -30.04 5.01 12.51
CA ALA D 337 -31.36 4.71 13.00
C ALA D 337 -31.21 3.80 14.19
N LEU D 338 -30.46 2.73 14.00
CA LEU D 338 -30.41 1.64 14.97
C LEU D 338 -29.64 2.03 16.24
N ASN D 339 -28.59 2.82 16.08
CA ASN D 339 -27.90 3.42 17.23
C ASN D 339 -28.83 4.30 18.09
N ALA D 340 -29.61 5.14 17.42
CA ALA D 340 -30.56 6.04 18.07
C ALA D 340 -31.73 5.30 18.72
N ALA D 341 -32.23 4.31 17.99
CA ALA D 341 -33.30 3.48 18.53
C ALA D 341 -32.77 2.66 19.71
N ASN D 342 -31.47 2.38 19.71
CA ASN D 342 -30.93 1.59 20.79
C ASN D 342 -30.90 2.44 22.06
N GLU D 343 -30.30 3.62 21.97
CA GLU D 343 -30.30 4.54 23.11
C GLU D 343 -31.66 4.67 23.83
N ILE D 344 -32.73 4.77 23.05
CA ILE D 344 -34.10 4.86 23.55
C ILE D 344 -34.64 3.53 24.09
N SER D 345 -34.31 2.44 23.41
CA SER D 345 -34.66 1.10 23.88
C SER D 345 -34.06 0.90 25.25
N VAL D 346 -32.76 1.10 25.35
CA VAL D 346 -32.06 0.88 26.59
C VAL D 346 -32.68 1.70 27.67
N MET D 347 -32.63 3.02 27.55
CA MET D 347 -33.28 3.88 28.52
C MET D 347 -34.59 3.22 28.96
N ALA D 348 -35.37 2.72 27.99
CA ALA D 348 -36.73 2.22 28.26
C ALA D 348 -36.78 0.87 29.01
N PHE D 349 -35.73 0.07 28.86
CA PHE D 349 -35.55 -1.12 29.67
C PHE D 349 -35.04 -0.78 31.08
N LEU D 350 -34.12 0.19 31.17
CA LEU D 350 -33.61 0.64 32.47
C LEU D 350 -34.75 1.20 33.37
N ASP D 351 -35.60 2.04 32.78
CA ASP D 351 -36.79 2.56 33.47
C ASP D 351 -37.84 1.48 33.75
N SER D 352 -37.64 0.29 33.19
CA SER D 352 -38.53 -0.85 33.43
C SER D 352 -39.85 -0.70 32.69
N LYS D 353 -39.85 0.05 31.58
CA LYS D 353 -41.05 0.20 30.76
C LYS D 353 -41.21 -0.98 29.79
N ILE D 354 -40.10 -1.67 29.49
CA ILE D 354 -40.10 -2.82 28.57
C ILE D 354 -39.24 -3.96 29.11
N ARG D 355 -39.48 -5.16 28.60
CA ARG D 355 -38.68 -6.30 29.01
C ARG D 355 -37.36 -6.26 28.23
N PHE D 356 -36.36 -6.94 28.78
CA PHE D 356 -35.03 -7.05 28.19
C PHE D 356 -35.18 -7.37 26.71
N THR D 357 -35.90 -8.45 26.42
CA THR D 357 -35.95 -9.00 25.07
C THR D 357 -36.76 -8.15 24.06
N ASP D 358 -37.27 -7.01 24.51
CA ASP D 358 -38.00 -6.09 23.64
C ASP D 358 -37.02 -5.21 22.90
N ILE D 359 -35.80 -5.12 23.44
CA ILE D 359 -34.80 -4.22 22.90
C ILE D 359 -34.50 -4.58 21.46
N GLU D 360 -34.43 -5.86 21.16
CA GLU D 360 -34.22 -6.28 19.78
C GLU D 360 -35.47 -5.96 18.96
N VAL D 361 -36.64 -6.25 19.53
CA VAL D 361 -37.91 -6.04 18.81
C VAL D 361 -38.06 -4.60 18.37
N ILE D 362 -37.73 -3.69 19.27
CA ILE D 362 -37.84 -2.27 18.97
C ILE D 362 -36.84 -1.87 17.91
N ASN D 363 -35.57 -2.20 18.17
CA ASN D 363 -34.47 -1.86 17.26
C ASN D 363 -34.75 -2.43 15.86
N ARG D 364 -35.14 -3.69 15.79
CA ARG D 364 -35.50 -4.31 14.53
C ARG D 364 -36.63 -3.56 13.81
N THR D 365 -37.69 -3.21 14.55
CA THR D 365 -38.85 -2.54 13.97
C THR D 365 -38.46 -1.24 13.30
N VAL D 366 -37.89 -0.31 14.08
CA VAL D 366 -37.47 0.99 13.56
C VAL D 366 -36.68 0.83 12.28
N VAL D 367 -35.68 -0.04 12.33
CA VAL D 367 -34.80 -0.26 11.19
C VAL D 367 -35.58 -0.70 9.95
N GLU D 368 -36.50 -1.65 10.09
CA GLU D 368 -37.16 -2.20 8.91
C GLU D 368 -38.22 -1.29 8.31
N GLY D 369 -38.58 -0.24 9.04
CA GLY D 369 -39.49 0.78 8.54
C GLY D 369 -38.76 1.87 7.80
N LEU D 370 -37.45 1.72 7.68
CA LEU D 370 -36.57 2.75 7.19
C LEU D 370 -36.75 2.88 5.71
N LEU D 371 -36.93 4.12 5.25
CA LEU D 371 -37.05 4.41 3.82
C LEU D 371 -36.48 5.79 3.52
N LEU D 372 -35.26 6.05 3.98
CA LEU D 372 -34.60 7.34 3.79
C LEU D 372 -33.34 7.18 2.97
N SER D 373 -32.87 8.30 2.43
CA SER D 373 -31.61 8.38 1.69
C SER D 373 -30.47 8.28 2.69
N GLU D 374 -29.26 8.02 2.19
CA GLU D 374 -28.08 8.09 3.03
C GLU D 374 -27.87 9.54 3.39
N PRO D 375 -27.55 9.83 4.64
CA PRO D 375 -27.25 11.22 4.94
C PRO D 375 -25.90 11.55 4.29
N THR D 376 -25.67 12.80 3.91
CA THR D 376 -24.36 13.22 3.37
C THR D 376 -23.59 14.19 4.27
N SER D 377 -24.26 14.74 5.27
CA SER D 377 -23.61 15.57 6.26
C SER D 377 -24.01 15.12 7.67
N VAL D 378 -23.25 15.65 8.63
CA VAL D 378 -23.64 15.68 10.05
C VAL D 378 -25.12 16.04 10.19
N GLU D 379 -25.54 17.10 9.51
CA GLU D 379 -26.92 17.59 9.62
C GLU D 379 -27.90 16.52 9.14
N GLU D 380 -27.54 15.77 8.11
CA GLU D 380 -28.51 14.81 7.57
C GLU D 380 -28.56 13.58 8.46
N VAL D 381 -27.46 13.31 9.16
CA VAL D 381 -27.44 12.33 10.24
C VAL D 381 -28.34 12.71 11.41
N LEU D 382 -28.23 13.97 11.83
CA LEU D 382 -29.02 14.46 12.94
C LEU D 382 -30.50 14.22 12.74
N VAL D 383 -30.98 14.50 11.55
CA VAL D 383 -32.40 14.42 11.27
C VAL D 383 -32.82 13.02 11.54
N ILE D 384 -32.08 12.07 10.98
CA ILE D 384 -32.44 10.66 11.04
C ILE D 384 -32.36 10.18 12.48
N ASP D 385 -31.33 10.58 13.20
CA ASP D 385 -31.27 10.28 14.62
C ASP D 385 -32.54 10.72 15.33
N ARG D 386 -32.97 11.96 15.08
CA ARG D 386 -34.15 12.48 15.78
C ARG D 386 -35.41 11.73 15.43
N LYS D 387 -35.60 11.43 14.15
CA LYS D 387 -36.79 10.68 13.73
C LYS D 387 -36.81 9.34 14.46
N ALA D 388 -35.69 8.62 14.40
CA ALA D 388 -35.64 7.25 14.90
C ALA D 388 -36.05 7.18 16.36
N ARG D 389 -35.48 8.09 17.14
CA ARG D 389 -35.88 8.32 18.55
C ARG D 389 -37.38 8.50 18.75
N ASP D 390 -37.99 9.37 17.95
CA ASP D 390 -39.44 9.46 17.94
C ASP D 390 -40.04 8.12 17.68
N VAL D 391 -39.82 7.57 16.49
CA VAL D 391 -40.46 6.32 16.12
C VAL D 391 -40.29 5.29 17.22
N ALA D 392 -39.08 5.22 17.77
CA ALA D 392 -38.76 4.24 18.79
C ALA D 392 -39.63 4.46 20.06
N ALA D 393 -39.59 5.68 20.59
CA ALA D 393 -40.45 6.06 21.71
C ALA D 393 -41.88 5.71 21.39
N GLN D 394 -42.29 6.11 20.19
CA GLN D 394 -43.65 5.85 19.75
C GLN D 394 -43.97 4.36 19.77
N VAL D 395 -42.97 3.53 19.47
CA VAL D 395 -43.14 2.07 19.41
C VAL D 395 -43.19 1.45 20.80
N ILE D 396 -42.27 1.87 21.65
CA ILE D 396 -42.29 1.48 23.04
C ILE D 396 -43.67 1.69 23.62
N ALA D 397 -44.44 2.66 23.11
CA ALA D 397 -45.86 2.81 23.49
C ALA D 397 -46.62 1.47 23.49
N LYS D 398 -46.83 0.89 22.32
CA LYS D 398 -47.66 -0.33 22.21
C LYS D 398 -46.95 -1.58 22.76
PA NDP E . -25.05 -3.73 -27.39
O1A NDP E . -25.86 -3.03 -28.48
O2A NDP E . -24.14 -4.92 -27.55
O5B NDP E . -26.09 -4.33 -26.36
C5B NDP E . -26.77 -3.53 -25.40
C4B NDP E . -27.26 -4.46 -24.31
O4B NDP E . -28.42 -3.87 -23.74
C3B NDP E . -27.67 -5.82 -24.83
O3B NDP E . -27.02 -6.77 -23.98
C2B NDP E . -29.18 -5.82 -24.76
O2B NDP E . -29.78 -7.04 -24.36
C1B NDP E . -29.42 -4.87 -23.63
N9A NDP E . -30.71 -4.17 -23.64
C8A NDP E . -31.22 -3.36 -24.59
N7A NDP E . -32.42 -2.87 -24.18
C5A NDP E . -32.66 -3.38 -22.94
C6A NDP E . -33.73 -3.30 -21.92
N6A NDP E . -34.84 -2.55 -22.12
N1A NDP E . -33.55 -3.98 -20.76
C2A NDP E . -32.47 -4.74 -20.51
N3A NDP E . -31.47 -4.87 -21.39
C4A NDP E . -31.52 -4.23 -22.58
O3 NDP E . -24.32 -2.50 -26.69
PN NDP E . -22.88 -2.57 -26.03
O1N NDP E . -21.94 -2.59 -27.20
O2N NDP E . -22.94 -3.61 -24.90
O5D NDP E . -22.92 -1.11 -25.39
C5D NDP E . -23.66 -0.86 -24.19
C4D NDP E . -23.67 0.65 -23.90
O4D NDP E . -22.34 1.16 -23.64
C3D NDP E . -24.18 1.49 -25.05
O3D NDP E . -24.79 2.70 -24.58
C2D NDP E . -22.93 1.87 -25.81
O2D NDP E . -23.09 3.03 -26.62
C1D NDP E . -21.97 2.09 -24.65
N1N NDP E . -20.56 1.99 -25.05
C2N NDP E . -20.14 1.08 -25.95
C3N NDP E . -18.81 1.01 -26.34
C7N NDP E . -18.38 -0.04 -27.29
O7N NDP E . -17.33 0.16 -27.86
N7N NDP E . -19.09 -1.16 -27.51
C4N NDP E . -17.76 1.94 -25.79
C5N NDP E . -18.34 2.89 -24.84
C6N NDP E . -19.69 2.88 -24.51
P2B NDP E . -30.38 -8.07 -25.43
O1X NDP E . -29.34 -7.95 -26.51
O2X NDP E . -30.41 -9.34 -24.61
O3X NDP E . -31.77 -7.61 -25.83
PA NDP F . 26.08 21.90 -10.16
O1A NDP F . 27.50 21.44 -10.40
O2A NDP F . 25.31 23.00 -10.87
O5B NDP F . 26.22 22.40 -8.67
C5B NDP F . 26.65 21.52 -7.64
C4B NDP F . 26.23 22.17 -6.34
O4B NDP F . 26.67 21.42 -5.21
C3B NDP F . 26.91 23.50 -6.20
O3B NDP F . 26.07 24.39 -5.50
C2B NDP F . 28.12 23.24 -5.40
O2B NDP F . 28.42 24.44 -4.73
C1B NDP F . 27.55 22.23 -4.45
N9A NDP F . 28.57 21.44 -3.76
C8A NDP F . 29.48 20.63 -4.29
N7A NDP F . 30.24 20.09 -3.31
C5A NDP F . 29.79 20.54 -2.14
C6A NDP F . 30.10 20.34 -0.71
N6A NDP F . 31.12 19.55 -0.31
N1A NDP F . 29.37 21.02 0.19
C2A NDP F . 28.36 21.85 -0.16
N3A NDP F . 28.00 22.05 -1.44
C4A NDP F . 28.68 21.45 -2.43
O3 NDP F . 25.13 20.62 -10.01
PN NDP F . 23.71 20.49 -10.73
O1N NDP F . 23.97 20.36 -12.21
O2N NDP F . 22.68 21.46 -10.18
O5D NDP F . 23.39 19.06 -10.12
C5D NDP F . 23.21 18.91 -8.70
C4D NDP F . 22.84 17.46 -8.51
O4D NDP F . 21.66 17.25 -9.26
C3D NDP F . 23.89 16.51 -9.09
O3D NDP F . 24.03 15.39 -8.20
C2D NDP F . 23.36 16.08 -10.44
O2D NDP F . 23.65 14.73 -10.82
C1D NDP F . 21.87 16.15 -10.16
N1N NDP F . 20.96 16.31 -11.29
C2N NDP F . 21.16 17.32 -12.13
C3N NDP F . 20.30 17.57 -13.19
C7N NDP F . 20.56 18.71 -14.11
O7N NDP F . 19.77 18.89 -15.02
N7N NDP F . 21.63 19.49 -13.93
C4N NDP F . 19.09 16.69 -13.45
C5N NDP F . 18.98 15.63 -12.45
C6N NDP F . 19.91 15.49 -11.41
P2B NDP F . 29.35 25.64 -5.33
O1X NDP F . 29.16 25.61 -6.85
O2X NDP F . 28.87 26.91 -4.69
O3X NDP F . 30.70 25.18 -4.83
PA NDP G . 14.67 -33.69 7.08
O1A NDP G . 15.46 -34.56 8.06
O2A NDP G . 13.26 -33.93 6.63
O5B NDP G . 15.48 -33.45 5.71
C5B NDP G . 16.79 -32.85 5.66
C4B NDP G . 17.14 -32.53 4.22
O4B NDP G . 18.51 -32.10 4.08
C3B NDP G . 16.95 -33.72 3.29
O3B NDP G . 16.11 -33.29 2.20
C2B NDP G . 18.36 -34.11 2.84
O2B NDP G . 18.45 -34.67 1.52
C1B NDP G . 19.11 -32.80 3.00
N9A NDP G . 20.55 -32.94 3.30
C8A NDP G . 21.11 -33.46 4.41
N7A NDP G . 22.47 -33.40 4.35
C5A NDP G . 22.78 -32.84 3.16
C6A NDP G . 24.01 -32.45 2.42
N6A NDP G . 25.22 -32.68 2.97
N1A NDP G . 23.87 -31.86 1.21
C2A NDP G . 22.67 -31.61 0.65
N3A NDP G . 21.51 -31.92 1.25
C4A NDP G . 21.50 -32.52 2.48
O3 NDP G . 14.69 -32.32 7.89
PN NDP G . 13.49 -31.28 7.90
O1N NDP G . 12.50 -31.77 8.94
O2N NDP G . 13.07 -30.92 6.49
O5D NDP G . 14.31 -30.05 8.53
C5D NDP G . 15.53 -29.57 7.94
C4D NDP G . 16.11 -28.51 8.88
O4D NDP G . 15.06 -27.60 9.23
C3D NDP G . 16.62 -29.07 10.20
O3D NDP G . 17.65 -28.22 10.73
C2D NDP G . 15.37 -29.04 11.07
O2D NDP G . 15.57 -29.07 12.48
C1D NDP G . 14.89 -27.67 10.64
N1N NDP G . 13.53 -27.38 11.09
C2N NDP G . 12.56 -28.29 10.94
C3N NDP G . 11.26 -28.04 11.39
C7N NDP G . 10.17 -29.06 11.22
O7N NDP G . 9.14 -28.89 11.85
N7N NDP G . 10.32 -30.12 10.40
C4N NDP G . 10.92 -26.73 12.04
C5N NDP G . 12.06 -25.85 12.13
C6N NDP G . 13.31 -26.19 11.66
P2B NDP G . 18.10 -36.25 1.24
O1X NDP G . 16.80 -36.54 1.97
O2X NDP G . 17.89 -36.25 -0.23
O3X NDP G . 19.28 -37.09 1.69
PA NDP H . -16.73 11.78 29.32
O1A NDP H . -18.23 12.06 29.43
O2A NDP H . -15.86 11.31 30.49
O5B NDP H . -16.18 13.20 28.79
C5B NDP H . -16.77 13.83 27.67
C4B NDP H . -15.91 15.04 27.35
O4B NDP H . -16.41 15.86 26.26
C3B NDP H . -15.93 15.91 28.57
O3B NDP H . -14.60 16.40 28.78
C2B NDP H . -16.91 17.00 28.24
O2B NDP H . -16.49 18.20 28.89
C1B NDP H . -16.68 17.16 26.77
N9A NDP H . -17.80 17.80 26.06
C8A NDP H . -19.11 17.45 26.07
N7A NDP H . -19.82 18.27 25.24
C5A NDP H . -18.96 19.15 24.67
C6A NDP H . -19.04 20.25 23.71
N6A NDP H . -20.26 20.57 23.20
N1A NDP H . -17.91 20.94 23.38
C2A NDP H . -16.72 20.60 23.92
N3A NDP H . -16.59 19.57 24.80
C4A NDP H . -17.65 18.84 25.22
O3 NDP H . -16.49 10.74 28.07
PN NDP H . -15.22 9.78 27.93
O1N NDP H . -15.35 8.50 28.72
O2N NDP H . -13.98 10.63 28.15
O5D NDP H . -15.30 9.36 26.38
C5D NDP H . -15.18 10.33 25.35
C4D NDP H . -15.41 9.68 23.99
O4D NDP H . -14.61 8.49 23.93
C3D NDP H . -16.83 9.21 23.75
O3D NDP H . -17.11 9.38 22.35
C2D NDP H . -16.81 7.75 24.23
O2D NDP H . -17.85 6.92 23.71
C1D NDP H . -15.45 7.34 23.71
N1N NDP H . -14.79 6.20 24.35
C2N NDP H . -14.73 6.10 25.69
C3N NDP H . -14.09 5.04 26.33
C7N NDP H . -14.05 4.95 27.83
O7N NDP H . -13.40 4.05 28.33
N7N NDP H . -14.69 5.85 28.60
C4N NDP H . -13.41 3.96 25.55
C5N NDP H . -13.53 4.19 24.11
C6N NDP H . -14.18 5.30 23.58
P2B NDP H . -17.21 18.62 30.25
O1X NDP H . -17.25 17.26 30.91
O2X NDP H . -16.30 19.60 30.90
O3X NDP H . -18.55 19.18 29.78
#